data_5UVF
#
_entry.id   5UVF
#
_cell.length_a   92.141
_cell.length_b   95.242
_cell.length_c   192.040
_cell.angle_alpha   90.00
_cell.angle_beta   90.00
_cell.angle_gamma   90.00
#
_symmetry.space_group_name_H-M   'P 21 21 21'
#
loop_
_entity.id
_entity.type
_entity.pdbx_description
1 polymer 'Serine/threonine-protein kinase VRK1'
2 non-polymer (7S)-2-[(3,5-difluoro-4-hydroxyphenyl)amino]-5,7-dimethyl-8-(3-methylbutyl)-7,8-dihydropteridin-6(5H)-one
3 non-polymer 'PHOSPHATE ION'
4 non-polymer DI(HYDROXYETHYL)ETHER
5 non-polymer 'CHLORIDE ION'
6 water water
#
_entity_poly.entity_id   1
_entity_poly.type   'polypeptide(L)'
_entity_poly.pdbx_seq_one_letter_code
;SMRVKAAQAGRQSSAKRHLAEQFAVGEIITDMAAAAWKVGLPIGQGGFGCIYLADMNSSESVGSDAPCVVKVEPSDNGPL
FTELKFYQRAAKPEQIQKWIRTRKLKYLGVPKYWGSGLHDKNGKSYRFMIMDRFGSDLQKIYEANAKRFSRKTVLQLSLR
ILDILEYIHEHEYVHGDIKASNLLLNYKNPDQVYLVDYGLAYRYCPEGVHKAYAADPKRCHDGTIEFTSIDAHNGVAPSR
RGDLEILGYCMIQWLTGHLPWEDNLKDPKYVRDSKIRYRENIASLMDKCFPAANAPGEIAKYMETVKLLDYTEKPLYENL
RDILLQGLKAIGSKDDGKLDLSVVENGGLKAKTITKKRAAEIEE
;
_entity_poly.pdbx_strand_id   A,B,C,D
#
loop_
_chem_comp.id
_chem_comp.type
_chem_comp.name
_chem_comp.formula
7DZ non-polymer (7S)-2-[(3,5-difluoro-4-hydroxyphenyl)amino]-5,7-dimethyl-8-(3-methylbutyl)-7,8-dihydropteridin-6(5H)-one 'C19 H23 F2 N5 O2'
CL non-polymer 'CHLORIDE ION' 'Cl -1'
PEG non-polymer DI(HYDROXYETHYL)ETHER 'C4 H10 O3'
PO4 non-polymer 'PHOSPHATE ION' 'O4 P -3'
#
# COMPACT_ATOMS: atom_id res chain seq x y z
N ALA A 20 -54.25 -21.40 22.12
CA ALA A 20 -53.87 -20.69 20.90
C ALA A 20 -53.68 -19.19 21.14
N GLU A 21 -52.46 -18.72 20.88
CA GLU A 21 -52.11 -17.31 21.03
C GLU A 21 -51.36 -16.86 19.78
N GLN A 22 -51.14 -15.55 19.66
CA GLN A 22 -50.45 -14.92 18.54
C GLN A 22 -51.22 -14.84 17.23
N PHE A 23 -51.64 -15.99 16.74
CA PHE A 23 -52.36 -16.09 15.49
C PHE A 23 -53.59 -16.95 15.64
N ALA A 24 -54.55 -16.74 14.74
CA ALA A 24 -55.73 -17.56 14.69
C ALA A 24 -55.30 -18.48 13.57
N VAL A 25 -55.31 -19.78 13.81
CA VAL A 25 -54.81 -20.70 12.80
C VAL A 25 -55.60 -20.62 11.50
N GLY A 26 -54.86 -20.66 10.40
CA GLY A 26 -55.44 -20.57 9.07
C GLY A 26 -55.69 -19.15 8.60
N GLU A 27 -55.41 -18.17 9.44
CA GLU A 27 -55.62 -16.78 9.11
C GLU A 27 -54.63 -16.30 8.06
N ILE A 28 -55.02 -15.30 7.29
CA ILE A 28 -54.19 -14.76 6.24
C ILE A 28 -53.48 -13.51 6.74
N ILE A 29 -52.17 -13.47 6.56
CA ILE A 29 -51.38 -12.33 7.01
C ILE A 29 -50.73 -11.70 5.77
N THR A 30 -50.64 -10.36 5.79
CA THR A 30 -50.06 -9.61 4.67
C THR A 30 -48.78 -8.94 5.16
N ASP A 31 -47.69 -9.14 4.40
CA ASP A 31 -46.41 -8.55 4.78
C ASP A 31 -46.30 -7.09 4.26
N MET A 32 -45.19 -6.42 4.58
CA MET A 32 -44.92 -5.04 4.20
C MET A 32 -44.87 -4.82 2.68
N ALA A 33 -44.54 -5.87 1.90
CA ALA A 33 -44.53 -5.75 0.43
C ALA A 33 -45.88 -6.15 -0.20
N ALA A 34 -46.94 -6.25 0.63
CA ALA A 34 -48.30 -6.62 0.30
C ALA A 34 -48.42 -8.10 -0.21
N ALA A 35 -47.44 -8.96 0.10
CA ALA A 35 -47.52 -10.37 -0.24
C ALA A 35 -48.35 -11.06 0.84
N ALA A 36 -49.27 -11.93 0.42
CA ALA A 36 -50.18 -12.64 1.31
C ALA A 36 -49.69 -14.05 1.64
N TRP A 37 -49.80 -14.41 2.92
CA TRP A 37 -49.42 -15.72 3.44
C TRP A 37 -50.53 -16.24 4.34
N LYS A 38 -50.63 -17.56 4.46
CA LYS A 38 -51.61 -18.23 5.35
C LYS A 38 -50.82 -18.95 6.46
N VAL A 39 -51.29 -18.85 7.73
CA VAL A 39 -50.64 -19.40 8.94
C VAL A 39 -51.13 -20.82 9.25
N GLY A 40 -50.21 -21.68 9.64
CA GLY A 40 -50.51 -23.06 9.97
C GLY A 40 -50.22 -23.39 11.41
N LEU A 41 -50.10 -24.68 11.69
CA LEU A 41 -49.78 -25.18 13.03
C LEU A 41 -48.33 -24.87 13.42
N PRO A 42 -48.03 -24.83 14.74
CA PRO A 42 -46.65 -24.62 15.15
C PRO A 42 -45.80 -25.85 14.83
N ILE A 43 -44.49 -25.68 14.83
CA ILE A 43 -43.58 -26.79 14.60
C ILE A 43 -42.49 -26.77 15.66
N GLY A 49 -39.07 -20.72 19.10
CA GLY A 49 -40.20 -20.96 19.98
C GLY A 49 -41.52 -20.76 19.27
N CYS A 50 -41.89 -19.49 19.06
CA CYS A 50 -43.13 -19.16 18.38
C CYS A 50 -42.93 -19.17 16.86
N ILE A 51 -42.89 -20.36 16.30
CA ILE A 51 -42.69 -20.55 14.87
C ILE A 51 -43.81 -21.44 14.35
N TYR A 52 -44.42 -21.02 13.26
CA TYR A 52 -45.49 -21.78 12.67
C TYR A 52 -45.17 -22.08 11.23
N LEU A 53 -45.87 -23.08 10.71
CA LEU A 53 -45.81 -23.46 9.29
C LEU A 53 -46.59 -22.36 8.55
N ALA A 54 -46.16 -22.02 7.33
CA ALA A 54 -46.80 -20.97 6.54
C ALA A 54 -46.64 -21.27 5.05
N ASP A 55 -47.55 -20.74 4.23
CA ASP A 55 -47.48 -20.92 2.80
C ASP A 55 -48.07 -19.68 2.17
N MET A 56 -47.96 -19.53 0.85
CA MET A 56 -48.61 -18.44 0.14
C MET A 56 -50.11 -18.54 0.37
N ASN A 57 -50.80 -17.41 0.29
CA ASN A 57 -52.23 -17.39 0.44
C ASN A 57 -52.87 -18.11 -0.76
N SER A 58 -53.85 -18.98 -0.49
CA SER A 58 -54.64 -19.74 -1.46
C SER A 58 -55.85 -20.37 -0.74
N SER A 59 -56.70 -21.09 -1.47
CA SER A 59 -57.88 -21.74 -0.93
C SER A 59 -57.54 -22.95 -0.02
N GLU A 60 -56.34 -23.54 -0.21
CA GLU A 60 -55.86 -24.69 0.57
C GLU A 60 -55.41 -24.28 1.95
N SER A 61 -55.56 -25.19 2.93
CA SER A 61 -55.10 -24.93 4.29
C SER A 61 -53.61 -25.27 4.38
N VAL A 62 -52.89 -24.62 5.30
CA VAL A 62 -51.47 -24.89 5.47
C VAL A 62 -51.30 -26.28 6.11
N GLY A 63 -50.59 -27.16 5.39
CA GLY A 63 -50.31 -28.53 5.81
C GLY A 63 -48.95 -28.69 6.45
N SER A 64 -48.58 -29.96 6.73
CA SER A 64 -47.30 -30.35 7.35
C SER A 64 -46.13 -30.30 6.36
N ASP A 65 -46.43 -30.30 5.05
CA ASP A 65 -45.46 -30.25 3.95
C ASP A 65 -45.13 -28.81 3.52
N ALA A 66 -45.58 -27.80 4.30
CA ALA A 66 -45.41 -26.37 4.03
C ALA A 66 -43.96 -25.97 3.72
N PRO A 67 -43.74 -25.13 2.67
CA PRO A 67 -42.36 -24.75 2.31
C PRO A 67 -41.80 -23.57 3.10
N CYS A 68 -42.61 -22.94 3.93
CA CYS A 68 -42.23 -21.76 4.68
C CYS A 68 -42.55 -21.89 6.13
N VAL A 69 -41.93 -21.01 6.93
CA VAL A 69 -42.19 -20.85 8.34
C VAL A 69 -42.42 -19.35 8.60
N VAL A 70 -43.22 -19.05 9.61
CA VAL A 70 -43.45 -17.70 10.07
C VAL A 70 -42.99 -17.66 11.53
N LYS A 71 -42.02 -16.80 11.82
CA LYS A 71 -41.50 -16.60 13.19
C LYS A 71 -42.16 -15.30 13.66
N VAL A 72 -42.72 -15.31 14.87
CA VAL A 72 -43.44 -14.15 15.41
C VAL A 72 -42.93 -13.88 16.81
N GLU A 73 -42.65 -12.62 17.14
CA GLU A 73 -42.14 -12.24 18.46
C GLU A 73 -42.71 -10.86 18.76
N PRO A 74 -42.79 -10.42 20.04
CA PRO A 74 -43.24 -9.03 20.30
C PRO A 74 -42.36 -8.05 19.55
N SER A 75 -42.92 -6.91 19.18
CA SER A 75 -42.23 -5.87 18.44
C SER A 75 -40.95 -5.39 19.10
N ASP A 76 -40.92 -5.43 20.42
CA ASP A 76 -39.74 -4.99 21.15
C ASP A 76 -38.67 -6.07 21.36
N ASN A 77 -38.85 -7.23 20.73
CA ASN A 77 -37.89 -8.29 20.81
C ASN A 77 -36.67 -7.90 20.00
N GLY A 78 -35.58 -7.70 20.70
CA GLY A 78 -34.31 -7.33 20.09
C GLY A 78 -33.78 -8.37 19.11
N PRO A 79 -33.65 -9.67 19.48
CA PRO A 79 -33.10 -10.65 18.52
C PRO A 79 -33.85 -10.76 17.20
N LEU A 80 -35.20 -10.66 17.20
CA LEU A 80 -35.92 -10.77 15.92
C LEU A 80 -35.67 -9.56 15.01
N PHE A 81 -35.53 -8.36 15.59
CA PHE A 81 -35.20 -7.16 14.84
C PHE A 81 -33.80 -7.31 14.22
N THR A 82 -32.79 -7.69 15.05
CA THR A 82 -31.42 -7.93 14.58
C THR A 82 -31.42 -8.94 13.42
N GLU A 83 -32.13 -10.05 13.62
CA GLU A 83 -32.22 -11.10 12.61
C GLU A 83 -32.84 -10.58 11.32
N LEU A 84 -33.92 -9.83 11.46
CA LEU A 84 -34.64 -9.27 10.33
C LEU A 84 -33.75 -8.32 9.52
N LYS A 85 -32.95 -7.49 10.22
CA LYS A 85 -32.00 -6.58 9.58
C LYS A 85 -30.94 -7.35 8.78
N PHE A 86 -30.43 -8.45 9.34
CA PHE A 86 -29.47 -9.32 8.65
C PHE A 86 -30.06 -9.83 7.33
N TYR A 87 -31.25 -10.42 7.44
CA TYR A 87 -31.94 -10.98 6.29
C TYR A 87 -32.24 -9.92 5.23
N GLN A 88 -32.74 -8.75 5.65
CA GLN A 88 -33.07 -7.68 4.72
C GLN A 88 -31.84 -7.12 4.00
N ARG A 89 -30.69 -7.04 4.72
CA ARG A 89 -29.43 -6.50 4.18
C ARG A 89 -28.63 -7.49 3.38
N ALA A 90 -28.66 -8.77 3.78
CA ALA A 90 -27.77 -9.78 3.24
C ALA A 90 -28.43 -11.04 2.69
N ALA A 91 -29.71 -11.35 2.98
CA ALA A 91 -30.25 -12.62 2.47
C ALA A 91 -31.42 -12.50 1.47
N LYS A 92 -31.43 -11.43 0.68
CA LYS A 92 -32.47 -11.23 -0.33
C LYS A 92 -32.33 -12.35 -1.38
N PRO A 93 -33.43 -13.00 -1.85
CA PRO A 93 -33.28 -14.15 -2.76
C PRO A 93 -32.34 -13.93 -3.94
N GLU A 94 -32.44 -12.76 -4.62
CA GLU A 94 -31.62 -12.40 -5.78
C GLU A 94 -30.16 -12.18 -5.43
N GLN A 95 -29.87 -11.51 -4.33
CA GLN A 95 -28.53 -11.22 -3.76
C GLN A 95 -27.69 -12.52 -3.55
N ILE A 96 -28.36 -13.56 -3.02
CA ILE A 96 -27.79 -14.88 -2.78
C ILE A 96 -27.55 -15.54 -4.15
N GLN A 97 -28.55 -15.44 -5.08
CA GLN A 97 -28.44 -16.01 -6.42
C GLN A 97 -27.28 -15.46 -7.22
N LYS A 98 -27.02 -14.13 -7.12
CA LYS A 98 -25.90 -13.50 -7.83
C LYS A 98 -24.57 -14.03 -7.34
N TRP A 99 -24.45 -14.27 -6.00
CA TRP A 99 -23.25 -14.83 -5.39
C TRP A 99 -22.99 -16.28 -5.85
N ILE A 100 -24.05 -17.14 -5.84
CA ILE A 100 -24.02 -18.55 -6.28
C ILE A 100 -23.49 -18.62 -7.72
N ARG A 101 -24.03 -17.77 -8.62
CA ARG A 101 -23.58 -17.73 -10.01
C ARG A 101 -22.10 -17.31 -10.13
N THR A 102 -21.71 -16.14 -9.57
CA THR A 102 -20.34 -15.62 -9.64
C THR A 102 -19.30 -16.55 -9.02
N ARG A 103 -19.61 -17.20 -7.87
CA ARG A 103 -18.65 -18.11 -7.23
C ARG A 103 -18.75 -19.57 -7.74
N LYS A 104 -19.71 -19.85 -8.65
CA LYS A 104 -19.97 -21.18 -9.24
C LYS A 104 -20.23 -22.25 -8.15
N LEU A 105 -21.14 -21.93 -7.21
CA LEU A 105 -21.51 -22.82 -6.10
C LEU A 105 -22.73 -23.62 -6.52
N LYS A 106 -22.94 -24.79 -5.91
CA LYS A 106 -24.14 -25.60 -6.21
C LYS A 106 -25.33 -24.95 -5.50
N TYR A 107 -25.11 -24.38 -4.30
CA TYR A 107 -26.14 -23.69 -3.51
C TYR A 107 -25.38 -22.86 -2.46
N LEU A 108 -26.07 -22.08 -1.66
CA LEU A 108 -25.46 -21.35 -0.56
C LEU A 108 -26.33 -21.60 0.64
N GLY A 109 -25.74 -21.95 1.77
CA GLY A 109 -26.54 -22.25 2.96
C GLY A 109 -26.96 -21.11 3.85
N VAL A 110 -27.49 -20.06 3.23
CA VAL A 110 -28.00 -18.91 3.94
C VAL A 110 -29.47 -19.02 3.61
N PRO A 111 -30.32 -19.12 4.64
CA PRO A 111 -31.77 -19.25 4.44
C PRO A 111 -32.38 -18.08 3.67
N LYS A 112 -33.40 -18.35 2.88
CA LYS A 112 -34.03 -17.24 2.15
C LYS A 112 -35.08 -16.54 2.98
N TYR A 113 -35.00 -15.22 2.95
CA TYR A 113 -35.93 -14.26 3.53
C TYR A 113 -37.07 -14.00 2.51
N TRP A 114 -38.34 -14.25 2.90
CA TRP A 114 -39.50 -14.06 2.00
C TRP A 114 -40.34 -12.85 2.28
N GLY A 115 -40.17 -12.27 3.46
CA GLY A 115 -40.96 -11.09 3.82
C GLY A 115 -41.20 -10.95 5.29
N SER A 116 -41.68 -9.79 5.67
CA SER A 116 -41.92 -9.50 7.09
C SER A 116 -43.00 -8.46 7.22
N GLY A 117 -43.50 -8.33 8.44
CA GLY A 117 -44.54 -7.37 8.72
C GLY A 117 -44.80 -7.19 10.20
N LEU A 118 -45.88 -6.48 10.47
CA LEU A 118 -46.31 -6.17 11.82
C LEU A 118 -47.69 -6.72 11.99
N HIS A 119 -47.94 -7.29 13.15
CA HIS A 119 -49.19 -7.93 13.46
C HIS A 119 -49.60 -7.57 14.87
N ASP A 120 -50.81 -7.07 15.01
CA ASP A 120 -51.33 -6.67 16.31
C ASP A 120 -52.31 -7.73 16.76
N LYS A 121 -52.25 -8.04 18.05
CA LYS A 121 -53.07 -9.05 18.67
C LYS A 121 -53.36 -8.71 20.14
N ASN A 122 -54.64 -8.66 20.49
CA ASN A 122 -55.10 -8.34 21.86
C ASN A 122 -54.39 -7.13 22.50
N GLY A 123 -54.32 -6.02 21.75
CA GLY A 123 -53.66 -4.80 22.20
C GLY A 123 -52.14 -4.83 22.24
N LYS A 124 -51.53 -5.97 21.87
CA LYS A 124 -50.09 -6.17 21.85
C LYS A 124 -49.55 -6.13 20.42
N SER A 125 -48.32 -5.59 20.24
CA SER A 125 -47.71 -5.50 18.92
C SER A 125 -46.63 -6.56 18.70
N TYR A 126 -46.71 -7.22 17.54
CA TYR A 126 -45.80 -8.30 17.13
C TYR A 126 -45.20 -8.03 15.77
N ARG A 127 -44.02 -8.60 15.55
CA ARG A 127 -43.29 -8.55 14.31
C ARG A 127 -43.23 -10.00 13.81
N PHE A 128 -43.45 -10.21 12.50
CA PHE A 128 -43.35 -11.56 11.93
C PHE A 128 -42.37 -11.56 10.77
N MET A 129 -41.81 -12.72 10.44
CA MET A 129 -40.86 -12.84 9.35
C MET A 129 -41.09 -14.20 8.71
N ILE A 130 -41.12 -14.23 7.36
CA ILE A 130 -41.35 -15.45 6.59
C ILE A 130 -40.01 -15.93 6.09
N MET A 131 -39.72 -17.20 6.36
CA MET A 131 -38.46 -17.83 5.99
C MET A 131 -38.67 -19.21 5.38
N ASP A 132 -37.59 -19.75 4.85
CA ASP A 132 -37.57 -21.07 4.27
C ASP A 132 -37.84 -22.09 5.37
N ARG A 133 -38.56 -23.13 5.03
CA ARG A 133 -38.84 -24.19 5.96
C ARG A 133 -37.73 -25.20 5.73
N PHE A 134 -37.27 -25.81 6.81
CA PHE A 134 -36.20 -26.77 6.70
C PHE A 134 -36.57 -28.11 7.30
N GLY A 135 -35.63 -29.01 7.17
CA GLY A 135 -35.71 -30.34 7.74
C GLY A 135 -35.02 -30.40 9.08
N SER A 136 -34.61 -31.59 9.47
CA SER A 136 -33.96 -31.76 10.76
C SER A 136 -32.68 -30.96 10.95
N ASP A 137 -32.30 -30.75 12.20
CA ASP A 137 -31.07 -30.07 12.52
C ASP A 137 -29.98 -31.12 12.64
N LEU A 138 -28.74 -30.71 12.50
CA LEU A 138 -27.63 -31.66 12.58
C LEU A 138 -27.44 -32.25 13.98
N GLN A 139 -27.82 -31.53 15.02
CA GLN A 139 -27.66 -32.04 16.40
C GLN A 139 -28.45 -33.35 16.61
N LYS A 140 -29.63 -33.45 16.02
CA LYS A 140 -30.44 -34.65 16.11
C LYS A 140 -29.78 -35.83 15.38
N ILE A 141 -29.31 -35.59 14.16
CA ILE A 141 -28.66 -36.59 13.31
C ILE A 141 -27.36 -37.06 14.00
N TYR A 142 -26.61 -36.08 14.53
CA TYR A 142 -25.37 -36.31 15.28
C TYR A 142 -25.63 -37.25 16.46
N GLU A 143 -26.65 -36.94 17.28
CA GLU A 143 -27.03 -37.77 18.43
C GLU A 143 -27.53 -39.15 18.01
N ALA A 144 -28.25 -39.26 16.87
CA ALA A 144 -28.78 -40.55 16.36
C ALA A 144 -27.68 -41.44 15.79
N ASN A 145 -26.49 -40.85 15.50
CA ASN A 145 -25.32 -41.56 14.99
C ASN A 145 -24.26 -41.72 16.10
N ALA A 146 -24.72 -41.86 17.38
CA ALA A 146 -23.88 -42.04 18.59
C ALA A 146 -22.79 -40.94 18.75
N LYS A 147 -23.22 -39.68 18.58
CA LYS A 147 -22.40 -38.46 18.68
C LYS A 147 -21.09 -38.54 17.85
N ARG A 148 -21.21 -38.93 16.57
CA ARG A 148 -20.09 -38.97 15.63
C ARG A 148 -20.57 -38.63 14.24
N PHE A 149 -19.73 -37.94 13.47
CA PHE A 149 -19.84 -37.73 12.05
C PHE A 149 -18.54 -38.24 11.50
N SER A 150 -18.59 -38.86 10.32
CA SER A 150 -17.42 -39.40 9.64
C SER A 150 -16.55 -38.23 9.17
N ARG A 151 -15.27 -38.52 8.84
CA ARG A 151 -14.33 -37.51 8.31
C ARG A 151 -14.90 -36.91 7.01
N LYS A 152 -15.51 -37.75 6.16
CA LYS A 152 -16.19 -37.32 4.91
C LYS A 152 -17.31 -36.29 5.22
N THR A 153 -18.22 -36.64 6.16
CA THR A 153 -19.31 -35.73 6.58
C THR A 153 -18.78 -34.39 7.12
N VAL A 154 -17.82 -34.45 8.06
CA VAL A 154 -17.22 -33.25 8.67
C VAL A 154 -16.61 -32.35 7.61
N LEU A 155 -15.79 -32.91 6.71
CA LEU A 155 -15.16 -32.12 5.66
C LEU A 155 -16.16 -31.51 4.71
N GLN A 156 -17.20 -32.27 4.30
CA GLN A 156 -18.23 -31.77 3.40
C GLN A 156 -19.07 -30.70 4.06
N LEU A 157 -19.34 -30.83 5.37
CA LEU A 157 -20.09 -29.81 6.12
C LEU A 157 -19.27 -28.54 6.20
N SER A 158 -18.00 -28.67 6.61
CA SER A 158 -17.11 -27.55 6.82
C SER A 158 -16.85 -26.73 5.56
N LEU A 159 -16.74 -27.38 4.39
CA LEU A 159 -16.59 -26.69 3.12
C LEU A 159 -17.82 -25.77 2.86
N ARG A 160 -19.03 -26.29 3.13
CA ARG A 160 -20.28 -25.55 2.97
C ARG A 160 -20.42 -24.44 4.01
N ILE A 161 -19.96 -24.68 5.24
CA ILE A 161 -19.98 -23.64 6.27
C ILE A 161 -18.99 -22.53 5.90
N LEU A 162 -17.82 -22.88 5.33
CA LEU A 162 -16.83 -21.89 4.88
C LEU A 162 -17.42 -21.01 3.76
N ASP A 163 -18.30 -21.58 2.92
CA ASP A 163 -18.99 -20.81 1.88
C ASP A 163 -19.92 -19.77 2.51
N ILE A 164 -20.68 -20.21 3.54
CA ILE A 164 -21.64 -19.36 4.27
C ILE A 164 -20.90 -18.25 4.99
N LEU A 165 -19.86 -18.62 5.74
CA LEU A 165 -19.07 -17.66 6.52
C LEU A 165 -18.46 -16.60 5.62
N GLU A 166 -17.88 -17.02 4.50
CA GLU A 166 -17.30 -16.06 3.58
C GLU A 166 -18.35 -15.07 3.09
N TYR A 167 -19.54 -15.58 2.76
CA TYR A 167 -20.62 -14.75 2.28
C TYR A 167 -21.10 -13.79 3.38
N ILE A 168 -21.39 -14.29 4.59
CA ILE A 168 -21.92 -13.36 5.60
C ILE A 168 -20.83 -12.34 5.99
N HIS A 169 -19.56 -12.76 6.10
CA HIS A 169 -18.44 -11.86 6.42
C HIS A 169 -18.28 -10.80 5.32
N GLU A 170 -18.40 -11.18 4.02
CA GLU A 170 -18.33 -10.22 2.92
C GLU A 170 -19.51 -9.24 2.92
N HIS A 171 -20.59 -9.58 3.65
CA HIS A 171 -21.78 -8.73 3.82
C HIS A 171 -21.82 -8.08 5.23
N GLU A 172 -20.64 -7.94 5.85
CA GLU A 172 -20.37 -7.21 7.11
C GLU A 172 -20.93 -7.86 8.39
N TYR A 173 -21.29 -9.15 8.36
CA TYR A 173 -21.80 -9.83 9.56
C TYR A 173 -20.95 -11.02 9.97
N VAL A 174 -20.92 -11.30 11.28
CA VAL A 174 -20.36 -12.52 11.84
C VAL A 174 -21.51 -13.23 12.54
N HIS A 175 -21.47 -14.56 12.60
CA HIS A 175 -22.55 -15.34 13.23
C HIS A 175 -22.34 -15.50 14.76
N GLY A 176 -21.17 -15.98 15.13
CA GLY A 176 -20.76 -16.13 16.51
C GLY A 176 -21.33 -17.30 17.27
N ASP A 177 -22.19 -18.08 16.63
CA ASP A 177 -22.80 -19.22 17.30
C ASP A 177 -22.95 -20.46 16.43
N ILE A 178 -21.96 -20.75 15.61
CA ILE A 178 -22.06 -21.93 14.77
C ILE A 178 -22.06 -23.19 15.64
N LYS A 179 -23.03 -24.07 15.39
CA LYS A 179 -23.15 -25.34 16.10
C LYS A 179 -24.16 -26.21 15.37
N ALA A 180 -24.12 -27.52 15.62
CA ALA A 180 -25.00 -28.48 14.97
C ALA A 180 -26.51 -28.16 15.12
N SER A 181 -26.95 -27.60 16.27
CA SER A 181 -28.39 -27.29 16.42
C SER A 181 -28.80 -26.09 15.56
N ASN A 182 -27.81 -25.32 15.05
CA ASN A 182 -27.99 -24.15 14.18
C ASN A 182 -27.74 -24.46 12.72
N LEU A 183 -27.59 -25.76 12.42
CA LEU A 183 -27.37 -26.21 11.03
C LEU A 183 -28.53 -27.10 10.66
N LEU A 184 -29.31 -26.67 9.66
CA LEU A 184 -30.53 -27.35 9.22
C LEU A 184 -30.40 -27.88 7.80
N LEU A 185 -31.00 -29.03 7.53
CA LEU A 185 -30.92 -29.59 6.18
C LEU A 185 -32.07 -29.10 5.37
N ASN A 186 -31.87 -29.01 4.06
CA ASN A 186 -32.92 -28.64 3.13
C ASN A 186 -34.03 -29.72 3.29
N TYR A 187 -35.29 -29.26 3.44
CA TYR A 187 -36.45 -30.10 3.64
C TYR A 187 -36.60 -31.18 2.54
N LYS A 188 -36.19 -30.85 1.30
CA LYS A 188 -36.26 -31.75 0.15
C LYS A 188 -34.90 -32.33 -0.31
N ASN A 189 -33.76 -31.77 0.18
CA ASN A 189 -32.42 -32.22 -0.23
C ASN A 189 -31.48 -32.43 0.99
N PRO A 190 -31.22 -33.70 1.37
CA PRO A 190 -30.36 -33.97 2.54
C PRO A 190 -28.86 -33.69 2.36
N ASP A 191 -28.42 -33.21 1.18
CA ASP A 191 -27.02 -32.87 0.96
C ASP A 191 -26.77 -31.36 1.05
N GLN A 192 -27.81 -30.59 1.40
CA GLN A 192 -27.68 -29.14 1.55
C GLN A 192 -27.93 -28.72 2.97
N VAL A 193 -26.93 -28.13 3.58
CA VAL A 193 -26.98 -27.66 4.95
C VAL A 193 -27.07 -26.11 4.98
N TYR A 194 -27.84 -25.56 5.92
CA TYR A 194 -28.02 -24.12 6.06
C TYR A 194 -27.68 -23.71 7.47
N LEU A 195 -27.06 -22.54 7.63
CA LEU A 195 -26.76 -21.96 8.94
C LEU A 195 -27.89 -21.01 9.27
N VAL A 196 -28.54 -21.22 10.40
CA VAL A 196 -29.71 -20.43 10.86
C VAL A 196 -29.38 -19.68 12.15
N ASP A 197 -30.34 -18.85 12.55
CA ASP A 197 -30.34 -18.01 13.75
C ASP A 197 -29.35 -16.85 13.72
N TYR A 198 -29.84 -15.68 13.27
CA TYR A 198 -29.01 -14.51 13.20
C TYR A 198 -29.47 -13.47 14.23
N GLY A 199 -30.24 -13.92 15.22
CA GLY A 199 -30.77 -13.07 16.30
C GLY A 199 -29.71 -12.39 17.15
N LEU A 200 -28.56 -13.04 17.26
CA LEU A 200 -27.38 -12.53 17.97
C LEU A 200 -26.17 -12.41 17.02
N ALA A 201 -26.45 -12.33 15.69
CA ALA A 201 -25.43 -12.07 14.68
C ALA A 201 -24.93 -10.65 14.92
N TYR A 202 -23.74 -10.36 14.43
CA TYR A 202 -23.12 -9.11 14.73
C TYR A 202 -22.55 -8.47 13.51
N ARG A 203 -22.87 -7.20 13.33
CA ARG A 203 -22.37 -6.42 12.21
C ARG A 203 -21.01 -5.87 12.60
N TYR A 204 -19.99 -6.68 12.34
CA TYR A 204 -18.59 -6.40 12.63
C TYR A 204 -17.97 -5.27 11.80
N CYS A 205 -18.45 -5.08 10.58
CA CYS A 205 -17.86 -4.08 9.71
C CYS A 205 -18.89 -3.18 9.04
N PRO A 206 -19.59 -2.36 9.83
CA PRO A 206 -20.59 -1.50 9.19
C PRO A 206 -19.94 -0.48 8.25
N GLU A 207 -20.50 -0.39 7.06
CA GLU A 207 -20.01 0.52 6.03
C GLU A 207 -18.51 0.33 5.72
N GLY A 208 -18.04 -0.90 5.85
CA GLY A 208 -16.64 -1.21 5.61
C GLY A 208 -15.68 -0.77 6.70
N VAL A 209 -16.20 -0.35 7.87
CA VAL A 209 -15.37 0.11 9.00
C VAL A 209 -15.36 -0.95 10.10
N HIS A 210 -14.24 -1.71 10.22
CA HIS A 210 -14.10 -2.79 11.20
C HIS A 210 -14.18 -2.25 12.61
N LYS A 211 -15.00 -2.91 13.45
CA LYS A 211 -15.13 -2.61 14.88
C LYS A 211 -13.78 -2.84 15.59
N ALA A 212 -13.49 -2.01 16.59
CA ALA A 212 -12.25 -2.09 17.33
C ALA A 212 -12.21 -3.30 18.23
N TYR A 213 -11.01 -3.66 18.70
CA TYR A 213 -10.84 -4.82 19.56
C TYR A 213 -11.22 -4.44 20.98
N ALA A 214 -12.52 -4.45 21.23
CA ALA A 214 -13.09 -4.08 22.50
C ALA A 214 -14.52 -4.58 22.55
N ALA A 215 -15.11 -4.49 23.73
CA ALA A 215 -16.49 -4.89 23.99
C ALA A 215 -17.46 -3.99 23.21
N ASP A 216 -18.55 -4.56 22.72
CA ASP A 216 -19.59 -3.75 22.11
C ASP A 216 -20.65 -3.57 23.22
N PRO A 217 -20.86 -2.33 23.75
CA PRO A 217 -21.83 -2.15 24.85
C PRO A 217 -23.25 -2.66 24.59
N LYS A 218 -23.70 -2.65 23.31
CA LYS A 218 -25.01 -3.16 22.93
C LYS A 218 -25.03 -4.70 23.00
N ARG A 219 -23.92 -5.35 22.56
CA ARG A 219 -23.73 -6.80 22.55
C ARG A 219 -23.57 -7.34 23.96
N CYS A 220 -24.44 -8.28 24.33
CA CYS A 220 -24.42 -8.90 25.66
C CYS A 220 -24.07 -10.39 25.59
N HIS A 221 -24.38 -11.03 24.45
CA HIS A 221 -24.15 -12.47 24.26
C HIS A 221 -22.69 -12.85 24.01
N ASP A 222 -22.32 -14.04 24.51
CA ASP A 222 -20.98 -14.61 24.41
C ASP A 222 -20.91 -15.97 23.64
N GLY A 223 -22.00 -16.35 22.95
CA GLY A 223 -22.11 -17.59 22.17
C GLY A 223 -22.48 -18.82 23.00
N THR A 224 -22.12 -20.01 22.52
CA THR A 224 -22.34 -21.26 23.27
C THR A 224 -20.98 -21.55 23.91
N ILE A 225 -20.92 -21.68 25.26
CA ILE A 225 -19.66 -21.82 26.00
C ILE A 225 -18.64 -22.86 25.39
N GLU A 226 -19.09 -24.09 25.09
CA GLU A 226 -18.15 -25.09 24.61
C GLU A 226 -17.51 -24.75 23.25
N PHE A 227 -18.21 -23.99 22.42
CA PHE A 227 -17.72 -23.66 21.07
C PHE A 227 -17.25 -22.25 20.87
N THR A 228 -17.57 -21.32 21.78
CA THR A 228 -17.29 -19.91 21.53
C THR A 228 -15.77 -19.61 21.40
N SER A 229 -15.47 -18.51 20.71
CA SER A 229 -14.10 -18.11 20.44
C SER A 229 -13.44 -17.53 21.68
N ILE A 230 -12.09 -17.52 21.66
CA ILE A 230 -11.28 -16.88 22.70
C ILE A 230 -11.65 -15.38 22.76
N ASP A 231 -11.84 -14.74 21.59
CA ASP A 231 -12.24 -13.32 21.55
C ASP A 231 -13.52 -13.08 22.36
N ALA A 232 -14.58 -13.90 22.11
CA ALA A 232 -15.82 -13.79 22.88
C ALA A 232 -15.57 -14.06 24.39
N HIS A 233 -14.67 -15.01 24.73
CA HIS A 233 -14.30 -15.26 26.12
C HIS A 233 -13.61 -14.05 26.79
N ASN A 234 -12.88 -13.25 25.99
CA ASN A 234 -12.16 -12.07 26.48
C ASN A 234 -13.04 -10.82 26.56
N GLY A 235 -14.33 -10.99 26.31
CA GLY A 235 -15.33 -9.93 26.37
C GLY A 235 -15.25 -8.91 25.25
N VAL A 236 -14.68 -9.28 24.11
CA VAL A 236 -14.58 -8.36 22.98
C VAL A 236 -15.62 -8.77 21.94
N ALA A 237 -16.01 -7.85 21.06
CA ALA A 237 -16.99 -8.13 20.01
C ALA A 237 -16.47 -9.26 19.09
N PRO A 238 -17.36 -10.17 18.63
CA PRO A 238 -16.90 -11.23 17.72
C PRO A 238 -16.41 -10.69 16.36
N SER A 239 -15.40 -11.32 15.77
CA SER A 239 -14.92 -10.95 14.43
C SER A 239 -14.79 -12.22 13.59
N ARG A 240 -14.28 -12.11 12.37
CA ARG A 240 -14.20 -13.21 11.39
C ARG A 240 -13.40 -14.39 11.87
N ARG A 241 -12.22 -14.15 12.49
CA ARG A 241 -11.38 -15.23 13.01
C ARG A 241 -12.14 -16.02 14.06
N GLY A 242 -13.01 -15.35 14.82
CA GLY A 242 -13.79 -16.02 15.85
C GLY A 242 -14.72 -17.05 15.26
N ASP A 243 -15.42 -16.71 14.13
CA ASP A 243 -16.32 -17.64 13.44
C ASP A 243 -15.56 -18.88 12.96
N LEU A 244 -14.32 -18.67 12.45
CA LEU A 244 -13.47 -19.75 11.97
C LEU A 244 -12.98 -20.64 13.08
N GLU A 245 -12.72 -20.06 14.25
CA GLU A 245 -12.25 -20.80 15.41
C GLU A 245 -13.40 -21.68 15.95
N ILE A 246 -14.62 -21.11 16.02
CA ILE A 246 -15.82 -21.83 16.47
C ILE A 246 -16.01 -23.08 15.57
N LEU A 247 -15.90 -22.88 14.23
CA LEU A 247 -15.99 -23.99 13.29
C LEU A 247 -14.93 -25.08 13.59
N GLY A 248 -13.72 -24.64 13.97
CA GLY A 248 -12.64 -25.55 14.35
C GLY A 248 -13.02 -26.44 15.52
N TYR A 249 -13.63 -25.85 16.58
CA TYR A 249 -14.07 -26.63 17.75
C TYR A 249 -15.23 -27.56 17.38
N CYS A 250 -16.17 -27.10 16.49
CA CYS A 250 -17.27 -27.94 16.00
C CYS A 250 -16.72 -29.19 15.30
N MET A 251 -15.73 -29.01 14.39
CA MET A 251 -15.13 -30.14 13.66
C MET A 251 -14.57 -31.21 14.57
N ILE A 252 -13.87 -30.82 15.63
CA ILE A 252 -13.30 -31.76 16.60
C ILE A 252 -14.42 -32.49 17.37
N GLN A 253 -15.41 -31.75 17.82
CA GLN A 253 -16.56 -32.30 18.55
C GLN A 253 -17.29 -33.34 17.67
N TRP A 254 -17.46 -33.02 16.39
CA TRP A 254 -18.18 -33.90 15.44
C TRP A 254 -17.41 -35.18 15.16
N LEU A 255 -16.08 -35.04 14.95
CA LEU A 255 -15.24 -36.19 14.65
C LEU A 255 -15.06 -37.13 15.85
N THR A 256 -14.95 -36.58 17.07
CA THR A 256 -14.57 -37.32 18.25
C THR A 256 -15.64 -37.56 19.29
N GLY A 257 -16.70 -36.78 19.26
CA GLY A 257 -17.76 -36.86 20.25
C GLY A 257 -17.48 -36.03 21.49
N HIS A 258 -16.32 -35.35 21.52
CA HIS A 258 -15.86 -34.62 22.72
C HIS A 258 -15.04 -33.38 22.43
N LEU A 259 -14.89 -32.56 23.48
CA LEU A 259 -13.98 -31.41 23.57
C LEU A 259 -13.26 -31.51 24.92
N PRO A 260 -11.99 -31.09 25.03
CA PRO A 260 -11.26 -31.28 26.32
C PRO A 260 -11.85 -30.62 27.55
N TRP A 261 -12.56 -29.51 27.34
CA TRP A 261 -13.16 -28.73 28.41
C TRP A 261 -14.63 -29.02 28.64
N GLU A 262 -15.13 -30.12 28.10
CA GLU A 262 -16.54 -30.47 28.18
C GLU A 262 -17.13 -30.71 29.58
N ASP A 263 -16.34 -31.20 30.51
CA ASP A 263 -16.84 -31.47 31.85
C ASP A 263 -16.77 -30.27 32.80
N ASN A 264 -16.28 -29.15 32.29
CA ASN A 264 -16.15 -27.93 33.07
C ASN A 264 -16.88 -26.73 32.46
N LEU A 265 -18.01 -26.99 31.82
CA LEU A 265 -18.82 -25.95 31.15
C LEU A 265 -19.38 -24.87 32.06
N LYS A 266 -19.61 -25.21 33.32
CA LYS A 266 -20.12 -24.25 34.29
C LYS A 266 -19.15 -23.09 34.52
N ASP A 267 -17.84 -23.36 34.47
CA ASP A 267 -16.83 -22.33 34.67
C ASP A 267 -16.19 -21.79 33.38
N PRO A 268 -16.61 -20.60 32.93
CA PRO A 268 -16.04 -19.99 31.70
C PRO A 268 -14.53 -19.70 31.79
N LYS A 269 -14.01 -19.37 32.98
CA LYS A 269 -12.57 -19.15 33.18
C LYS A 269 -11.81 -20.38 32.79
N TYR A 270 -12.34 -21.53 33.15
CA TYR A 270 -11.70 -22.79 32.84
C TYR A 270 -11.71 -23.05 31.35
N VAL A 271 -12.85 -22.85 30.72
CA VAL A 271 -13.00 -23.08 29.29
C VAL A 271 -12.05 -22.16 28.51
N ARG A 272 -11.99 -20.87 28.88
CA ARG A 272 -11.11 -19.94 28.20
C ARG A 272 -9.65 -20.35 28.40
N ASP A 273 -9.28 -20.69 29.65
CA ASP A 273 -7.91 -21.11 29.97
C ASP A 273 -7.49 -22.28 29.05
N SER A 274 -8.35 -23.30 28.92
CA SER A 274 -8.04 -24.47 28.08
C SER A 274 -7.89 -24.11 26.60
N LYS A 275 -8.80 -23.30 26.07
CA LYS A 275 -8.74 -22.92 24.65
C LYS A 275 -7.45 -22.12 24.37
N ILE A 276 -7.13 -21.17 25.25
CA ILE A 276 -5.90 -20.37 25.15
C ILE A 276 -4.63 -21.25 25.15
N ARG A 277 -4.53 -22.19 26.10
CA ARG A 277 -3.37 -23.07 26.20
C ARG A 277 -3.27 -23.98 24.97
N TYR A 278 -4.41 -24.49 24.49
CA TYR A 278 -4.47 -25.37 23.32
C TYR A 278 -4.18 -24.64 22.03
N ARG A 279 -4.53 -23.34 21.96
CA ARG A 279 -4.21 -22.53 20.79
C ARG A 279 -2.69 -22.36 20.71
N GLU A 280 -1.99 -22.19 21.86
CA GLU A 280 -0.55 -22.05 21.87
C GLU A 280 0.21 -23.26 21.37
N ASN A 281 -0.39 -24.47 21.55
CA ASN A 281 0.23 -25.75 21.18
C ASN A 281 -0.87 -26.65 20.59
N ILE A 282 -1.09 -26.50 19.29
CA ILE A 282 -2.14 -27.23 18.55
C ILE A 282 -1.82 -28.73 18.52
N ALA A 283 -0.51 -29.11 18.51
CA ALA A 283 -0.09 -30.53 18.54
C ALA A 283 -0.62 -31.18 19.82
N SER A 284 -0.60 -30.45 20.95
CA SER A 284 -1.15 -30.94 22.22
C SER A 284 -2.67 -31.10 22.17
N LEU A 285 -3.40 -30.19 21.47
CA LEU A 285 -4.85 -30.35 21.31
C LEU A 285 -5.14 -31.62 20.50
N MET A 286 -4.33 -31.83 19.43
CA MET A 286 -4.51 -33.01 18.58
C MET A 286 -4.31 -34.27 19.39
N ASP A 287 -3.25 -34.29 20.25
CA ASP A 287 -2.94 -35.45 21.10
C ASP A 287 -4.04 -35.71 22.14
N LYS A 288 -4.64 -34.65 22.67
CA LYS A 288 -5.72 -34.77 23.65
C LYS A 288 -7.06 -35.25 22.98
N CYS A 289 -7.42 -34.63 21.87
CA CYS A 289 -8.62 -34.98 21.11
C CYS A 289 -8.60 -36.33 20.37
N PHE A 290 -7.46 -36.71 19.84
CA PHE A 290 -7.28 -37.95 19.12
C PHE A 290 -6.17 -38.73 19.82
N PRO A 291 -6.54 -39.45 20.87
CA PRO A 291 -5.62 -40.21 21.73
C PRO A 291 -4.82 -41.29 21.01
N ALA A 292 -5.43 -42.00 20.08
CA ALA A 292 -4.71 -43.05 19.40
C ALA A 292 -3.90 -42.49 18.26
N ALA A 293 -2.74 -41.94 18.60
CA ALA A 293 -1.84 -41.42 17.60
C ALA A 293 -2.45 -40.41 16.66
N ASN A 294 -2.40 -40.75 15.37
CA ASN A 294 -2.81 -39.86 14.31
C ASN A 294 -4.19 -39.22 14.34
N ALA A 295 -4.15 -37.92 14.10
CA ALA A 295 -5.30 -37.05 13.99
C ALA A 295 -5.36 -36.62 12.54
N PRO A 296 -6.56 -36.27 12.05
CA PRO A 296 -6.58 -35.90 10.61
C PRO A 296 -5.79 -34.62 10.41
N GLY A 297 -4.80 -34.68 9.51
CA GLY A 297 -3.87 -33.59 9.20
C GLY A 297 -4.49 -32.24 8.89
N GLU A 298 -5.63 -32.22 8.16
CA GLU A 298 -6.31 -30.98 7.79
C GLU A 298 -6.84 -30.18 9.00
N ILE A 299 -7.22 -30.86 10.08
CA ILE A 299 -7.76 -30.19 11.26
C ILE A 299 -6.68 -29.32 11.93
N ALA A 300 -5.49 -29.89 12.15
CA ALA A 300 -4.33 -29.20 12.75
C ALA A 300 -3.91 -28.03 11.86
N LYS A 301 -3.81 -28.25 10.53
CA LYS A 301 -3.47 -27.21 9.55
C LYS A 301 -4.52 -26.06 9.52
N TYR A 302 -5.79 -26.40 9.61
CA TYR A 302 -6.88 -25.42 9.62
C TYR A 302 -6.71 -24.55 10.87
N MET A 303 -6.55 -25.19 12.07
CA MET A 303 -6.40 -24.49 13.35
C MET A 303 -5.15 -23.62 13.36
N GLU A 304 -4.06 -24.10 12.76
CA GLU A 304 -2.82 -23.34 12.65
C GLU A 304 -2.98 -22.09 11.75
N THR A 305 -3.81 -22.19 10.71
CA THR A 305 -4.07 -21.10 9.77
C THR A 305 -4.91 -20.02 10.44
N VAL A 306 -5.98 -20.43 11.17
CA VAL A 306 -6.89 -19.55 11.90
C VAL A 306 -6.11 -18.81 13.00
N LYS A 307 -5.20 -19.51 13.67
CA LYS A 307 -4.32 -18.98 14.70
C LYS A 307 -3.49 -17.77 14.18
N LEU A 308 -3.11 -17.77 12.92
CA LEU A 308 -2.29 -16.70 12.31
C LEU A 308 -3.11 -15.43 12.05
N LEU A 309 -4.45 -15.50 12.11
CA LEU A 309 -5.30 -14.35 11.83
C LEU A 309 -5.28 -13.33 12.94
N ASP A 310 -5.10 -12.07 12.55
CA ASP A 310 -5.21 -10.90 13.42
C ASP A 310 -6.72 -10.63 13.60
N TYR A 311 -7.08 -9.88 14.66
CA TYR A 311 -8.48 -9.57 14.97
C TYR A 311 -9.28 -8.98 13.80
N THR A 312 -8.67 -8.02 13.07
CA THR A 312 -9.36 -7.33 11.96
C THR A 312 -9.02 -7.90 10.58
N GLU A 313 -8.19 -8.93 10.51
CA GLU A 313 -7.71 -9.53 9.28
C GLU A 313 -8.77 -10.27 8.46
N LYS A 314 -8.73 -10.06 7.14
CA LYS A 314 -9.62 -10.76 6.23
C LYS A 314 -9.06 -12.19 6.07
N PRO A 315 -9.84 -13.23 6.37
CA PRO A 315 -9.32 -14.60 6.22
C PRO A 315 -9.11 -14.96 4.74
N LEU A 316 -8.21 -15.90 4.46
CA LEU A 316 -8.04 -16.37 3.09
C LEU A 316 -8.87 -17.66 3.02
N TYR A 317 -10.19 -17.51 2.76
CA TYR A 317 -11.17 -18.61 2.75
C TYR A 317 -10.83 -19.72 1.78
N GLU A 318 -10.26 -19.37 0.62
CA GLU A 318 -9.89 -20.34 -0.41
C GLU A 318 -8.77 -21.26 0.04
N ASN A 319 -7.81 -20.75 0.85
CA ASN A 319 -6.73 -21.56 1.40
C ASN A 319 -7.29 -22.52 2.45
N LEU A 320 -8.30 -22.08 3.23
CA LEU A 320 -8.96 -22.89 4.26
C LEU A 320 -9.74 -24.01 3.61
N ARG A 321 -10.44 -23.71 2.48
CA ARG A 321 -11.15 -24.73 1.69
C ARG A 321 -10.14 -25.72 1.08
N ASP A 322 -8.98 -25.23 0.59
CA ASP A 322 -7.89 -26.05 0.04
C ASP A 322 -7.32 -27.04 1.10
N ILE A 323 -7.18 -26.59 2.36
CA ILE A 323 -6.72 -27.44 3.46
C ILE A 323 -7.72 -28.61 3.66
N LEU A 324 -9.03 -28.30 3.68
CA LEU A 324 -10.09 -29.30 3.81
C LEU A 324 -10.20 -30.25 2.61
N LEU A 325 -9.96 -29.75 1.38
CA LEU A 325 -10.00 -30.54 0.16
C LEU A 325 -8.90 -31.60 0.14
N GLN A 326 -7.75 -31.30 0.77
CA GLN A 326 -6.63 -32.25 0.92
C GLN A 326 -7.07 -33.38 1.85
N GLY A 327 -7.96 -33.08 2.80
CA GLY A 327 -8.56 -34.06 3.71
C GLY A 327 -9.41 -35.04 2.90
N LEU A 328 -10.20 -34.52 1.92
CA LEU A 328 -11.00 -35.36 1.04
C LEU A 328 -10.13 -36.25 0.13
N LYS A 329 -9.02 -35.71 -0.41
CA LYS A 329 -8.08 -36.46 -1.24
C LYS A 329 -7.40 -37.59 -0.45
N ALA A 330 -7.05 -37.33 0.83
CA ALA A 330 -6.41 -38.32 1.71
C ALA A 330 -7.32 -39.53 1.97
N ILE A 331 -8.64 -39.33 2.02
CA ILE A 331 -9.60 -40.41 2.26
C ILE A 331 -10.14 -41.02 0.92
N GLY A 332 -9.43 -40.75 -0.17
CA GLY A 332 -9.81 -41.21 -1.50
C GLY A 332 -11.15 -40.69 -2.00
N SER A 333 -11.44 -39.43 -1.69
CA SER A 333 -12.70 -38.79 -2.07
C SER A 333 -12.48 -37.41 -2.68
N LYS A 334 -13.57 -36.78 -3.09
CA LYS A 334 -13.54 -35.45 -3.69
C LYS A 334 -14.78 -34.66 -3.28
N ASP A 335 -14.76 -33.34 -3.47
CA ASP A 335 -15.94 -32.53 -3.15
C ASP A 335 -17.06 -32.78 -4.17
N ASP A 336 -17.83 -33.86 -3.93
CA ASP A 336 -18.99 -34.26 -4.73
C ASP A 336 -20.28 -33.71 -4.07
N GLY A 337 -20.11 -32.96 -2.97
CA GLY A 337 -21.19 -32.34 -2.22
C GLY A 337 -22.09 -33.29 -1.44
N LYS A 338 -21.65 -34.54 -1.24
CA LYS A 338 -22.42 -35.57 -0.54
C LYS A 338 -22.12 -35.52 0.95
N LEU A 339 -23.12 -35.20 1.76
CA LEU A 339 -22.95 -35.10 3.20
C LEU A 339 -22.83 -36.46 3.89
N ASP A 340 -23.36 -37.54 3.27
CA ASP A 340 -23.34 -38.91 3.80
C ASP A 340 -23.96 -39.02 5.22
N LEU A 341 -25.12 -38.38 5.41
CA LEU A 341 -25.88 -38.40 6.67
C LEU A 341 -26.95 -39.50 6.56
N GLU B 21 7.04 56.74 17.81
CA GLU B 21 5.74 56.99 18.42
C GLU B 21 5.34 55.88 19.38
N GLN B 22 5.47 54.63 18.96
CA GLN B 22 5.17 53.47 19.81
C GLN B 22 6.13 53.23 20.97
N PHE B 23 7.43 53.36 20.70
CA PHE B 23 8.47 53.12 21.69
C PHE B 23 9.52 54.22 21.68
N ALA B 24 10.17 54.44 22.81
CA ALA B 24 11.24 55.42 22.90
C ALA B 24 12.54 54.70 22.54
N VAL B 25 13.46 55.37 21.85
CA VAL B 25 14.70 54.70 21.54
C VAL B 25 15.36 54.47 22.89
N GLY B 26 15.79 53.24 23.15
CA GLY B 26 16.37 52.87 24.43
C GLY B 26 15.41 52.27 25.45
N GLU B 27 14.12 52.31 25.18
CA GLU B 27 13.11 51.67 26.04
C GLU B 27 13.31 50.15 26.15
N ILE B 28 13.10 49.61 27.36
CA ILE B 28 13.21 48.18 27.70
C ILE B 28 11.82 47.57 27.73
N ILE B 29 11.62 46.52 26.92
CA ILE B 29 10.36 45.81 26.78
C ILE B 29 10.53 44.33 27.16
N THR B 30 9.51 43.76 27.77
CA THR B 30 9.53 42.37 28.18
C THR B 30 8.42 41.61 27.46
N ASP B 31 8.77 40.51 26.80
CA ASP B 31 7.76 39.72 26.09
C ASP B 31 6.97 38.79 27.00
N MET B 32 5.98 38.10 26.45
CA MET B 32 5.14 37.20 27.22
C MET B 32 5.86 36.03 27.90
N ALA B 33 7.02 35.67 27.38
CA ALA B 33 7.86 34.59 27.95
C ALA B 33 8.91 35.18 28.92
N ALA B 34 8.77 36.48 29.26
CA ALA B 34 9.59 37.24 30.23
C ALA B 34 11.04 37.48 29.78
N ALA B 35 11.30 37.46 28.46
CA ALA B 35 12.61 37.79 27.88
C ALA B 35 12.63 39.29 27.69
N ALA B 36 13.74 39.93 28.07
CA ALA B 36 13.93 41.36 28.01
C ALA B 36 14.63 41.80 26.74
N TRP B 37 14.14 42.89 26.17
CA TRP B 37 14.63 43.49 24.93
C TRP B 37 14.72 45.01 25.10
N LYS B 38 15.65 45.61 24.35
CA LYS B 38 15.84 47.05 24.34
C LYS B 38 15.55 47.50 22.91
N VAL B 39 14.77 48.59 22.77
CA VAL B 39 14.32 49.13 21.49
C VAL B 39 15.31 50.18 20.95
N GLY B 40 15.57 50.12 19.64
CA GLY B 40 16.43 51.07 18.95
C GLY B 40 15.64 52.02 18.08
N LEU B 41 16.26 52.47 16.97
CA LEU B 41 15.65 53.41 16.04
C LEU B 41 14.51 52.81 15.22
N PRO B 42 13.49 53.64 14.87
CA PRO B 42 12.46 53.18 13.91
C PRO B 42 13.11 53.02 12.52
N ILE B 43 12.66 52.04 11.74
CA ILE B 43 13.22 51.78 10.41
C ILE B 43 12.12 51.69 9.35
N GLY B 49 5.84 49.52 7.81
CA GLY B 49 4.92 50.00 8.84
C GLY B 49 5.63 50.45 10.10
N CYS B 50 5.13 50.02 11.29
CA CYS B 50 5.71 50.37 12.58
C CYS B 50 6.73 49.30 13.03
N ILE B 51 7.99 49.49 12.61
CA ILE B 51 9.11 48.59 12.88
C ILE B 51 10.29 49.37 13.47
N TYR B 52 10.94 48.76 14.46
CA TYR B 52 12.09 49.33 15.15
C TYR B 52 13.22 48.33 15.19
N LEU B 53 14.44 48.82 15.29
CA LEU B 53 15.58 47.95 15.51
C LEU B 53 15.51 47.53 16.99
N ALA B 54 16.05 46.35 17.33
CA ALA B 54 16.00 45.87 18.70
C ALA B 54 17.17 44.94 18.97
N ASP B 55 17.50 44.78 20.25
CA ASP B 55 18.50 43.83 20.71
C ASP B 55 18.08 43.36 22.08
N MET B 56 18.81 42.37 22.61
CA MET B 56 18.63 41.89 23.98
C MET B 56 18.90 43.08 24.92
N ASN B 57 18.26 43.09 26.09
CA ASN B 57 18.48 44.12 27.07
C ASN B 57 19.89 44.00 27.68
N SER B 58 20.63 45.10 27.66
CA SER B 58 21.96 45.26 28.25
C SER B 58 22.08 46.74 28.63
N SER B 59 23.22 47.16 29.17
CA SER B 59 23.45 48.55 29.52
C SER B 59 23.80 49.36 28.27
N GLU B 60 24.25 48.67 27.20
CA GLU B 60 24.64 49.28 25.94
C GLU B 60 23.43 49.75 25.13
N SER B 61 23.64 50.74 24.25
CA SER B 61 22.57 51.27 23.42
C SER B 61 22.36 50.44 22.15
N VAL B 62 21.12 50.39 21.65
CA VAL B 62 20.80 49.65 20.42
C VAL B 62 21.20 50.56 19.25
N GLY B 63 22.22 50.13 18.52
CA GLY B 63 22.74 50.88 17.37
C GLY B 63 22.08 50.46 16.06
N SER B 64 22.62 51.00 14.96
CA SER B 64 22.18 50.74 13.57
C SER B 64 22.56 49.29 13.15
N ASP B 65 23.45 48.64 13.92
CA ASP B 65 23.98 47.28 13.73
C ASP B 65 23.11 46.19 14.44
N ALA B 66 21.94 46.59 15.01
CA ALA B 66 21.02 45.71 15.74
C ALA B 66 20.65 44.39 15.01
N PRO B 67 20.66 43.22 15.70
CA PRO B 67 20.36 41.94 15.01
C PRO B 67 18.88 41.55 14.97
N CYS B 68 18.02 42.39 15.55
CA CYS B 68 16.61 42.11 15.57
C CYS B 68 15.78 43.32 15.20
N VAL B 69 14.50 43.07 14.94
CA VAL B 69 13.55 44.11 14.65
C VAL B 69 12.31 43.78 15.44
N VAL B 70 11.57 44.81 15.82
CA VAL B 70 10.34 44.63 16.55
C VAL B 70 9.22 45.26 15.75
N LYS B 71 8.24 44.45 15.41
CA LYS B 71 7.10 44.87 14.62
C LYS B 71 5.92 45.14 15.54
N VAL B 72 5.26 46.27 15.37
CA VAL B 72 4.11 46.65 16.19
C VAL B 72 2.90 46.93 15.33
N GLU B 73 1.75 46.37 15.74
CA GLU B 73 0.46 46.61 15.07
C GLU B 73 -0.61 46.64 16.14
N PRO B 74 -1.78 47.29 15.91
CA PRO B 74 -2.86 47.23 16.92
C PRO B 74 -3.21 45.76 17.19
N SER B 75 -3.76 45.49 18.36
CA SER B 75 -4.09 44.14 18.79
C SER B 75 -5.09 43.45 17.88
N ASP B 76 -6.02 44.24 17.35
CA ASP B 76 -7.06 43.73 16.45
C ASP B 76 -6.60 43.36 15.02
N ASN B 77 -5.37 43.71 14.67
CA ASN B 77 -4.86 43.41 13.34
C ASN B 77 -4.81 41.91 13.02
N GLY B 78 -5.41 41.60 11.88
CA GLY B 78 -5.52 40.26 11.30
C GLY B 78 -4.20 39.76 10.75
N PRO B 79 -3.53 40.53 9.82
CA PRO B 79 -2.24 40.07 9.28
C PRO B 79 -1.18 39.78 10.36
N LEU B 80 -1.14 40.58 11.45
CA LEU B 80 -0.14 40.34 12.52
C LEU B 80 -0.42 39.05 13.27
N PHE B 81 -1.71 38.69 13.48
CA PHE B 81 -2.05 37.41 14.11
C PHE B 81 -1.60 36.22 13.22
N THR B 82 -1.91 36.28 11.92
CA THR B 82 -1.57 35.23 10.97
C THR B 82 -0.05 35.04 10.96
N GLU B 83 0.70 36.13 10.83
CA GLU B 83 2.16 36.12 10.78
C GLU B 83 2.75 35.61 12.09
N LEU B 84 2.23 36.09 13.22
CA LEU B 84 2.71 35.64 14.51
C LEU B 84 2.44 34.13 14.70
N LYS B 85 1.26 33.63 14.30
CA LYS B 85 0.98 32.21 14.41
C LYS B 85 1.93 31.40 13.53
N PHE B 86 2.21 31.85 12.29
CA PHE B 86 3.17 31.16 11.43
C PHE B 86 4.54 31.07 12.17
N TYR B 87 5.01 32.22 12.65
CA TYR B 87 6.30 32.32 13.34
C TYR B 87 6.36 31.44 14.61
N GLN B 88 5.31 31.45 15.43
CA GLN B 88 5.31 30.60 16.62
C GLN B 88 5.31 29.13 16.29
N ARG B 89 4.63 28.73 15.20
CA ARG B 89 4.50 27.33 14.81
C ARG B 89 5.68 26.76 14.03
N ALA B 90 6.29 27.59 13.19
CA ALA B 90 7.31 27.14 12.25
C ALA B 90 8.66 27.86 12.32
N ALA B 91 8.79 28.95 13.11
CA ALA B 91 10.06 29.69 13.12
C ALA B 91 10.75 29.78 14.48
N LYS B 92 10.56 28.78 15.33
CA LYS B 92 11.23 28.72 16.62
C LYS B 92 12.71 28.49 16.32
N PRO B 93 13.63 29.20 17.02
CA PRO B 93 15.05 29.09 16.67
C PRO B 93 15.58 27.65 16.60
N GLU B 94 15.32 26.81 17.63
CA GLU B 94 15.86 25.44 17.71
C GLU B 94 15.22 24.52 16.69
N GLN B 95 13.98 24.78 16.31
CA GLN B 95 13.22 24.09 15.29
C GLN B 95 13.89 24.30 13.91
N ILE B 96 14.27 25.56 13.60
CA ILE B 96 14.97 25.88 12.35
C ILE B 96 16.39 25.26 12.40
N GLN B 97 17.11 25.43 13.54
CA GLN B 97 18.44 24.88 13.68
C GLN B 97 18.45 23.36 13.53
N LYS B 98 17.46 22.65 14.12
CA LYS B 98 17.38 21.19 14.01
C LYS B 98 17.16 20.79 12.54
N TRP B 99 16.34 21.56 11.81
CA TRP B 99 16.10 21.29 10.38
C TRP B 99 17.38 21.46 9.57
N ILE B 100 18.13 22.56 9.82
CA ILE B 100 19.42 22.85 9.16
C ILE B 100 20.39 21.67 9.34
N ARG B 101 20.49 21.17 10.57
CA ARG B 101 21.32 20.05 10.95
C ARG B 101 20.92 18.74 10.23
N THR B 102 19.63 18.33 10.32
CA THR B 102 19.15 17.07 9.74
C THR B 102 19.20 17.06 8.21
N ARG B 103 18.82 18.17 7.56
CA ARG B 103 18.83 18.25 6.08
C ARG B 103 20.20 18.63 5.53
N LYS B 104 21.21 18.83 6.41
CA LYS B 104 22.59 19.21 6.05
C LYS B 104 22.62 20.42 5.07
N LEU B 105 22.01 21.54 5.51
CA LEU B 105 21.96 22.80 4.76
C LEU B 105 22.99 23.74 5.36
N LYS B 106 23.44 24.75 4.62
CA LYS B 106 24.37 25.75 5.14
C LYS B 106 23.60 26.71 6.08
N TYR B 107 22.37 27.04 5.72
CA TYR B 107 21.49 27.92 6.51
C TYR B 107 20.06 27.65 5.98
N LEU B 108 19.06 28.27 6.59
CA LEU B 108 17.71 28.17 6.10
C LEU B 108 17.16 29.57 6.08
N GLY B 109 16.59 30.01 4.95
CA GLY B 109 16.10 31.36 4.88
C GLY B 109 14.71 31.68 5.40
N VAL B 110 14.44 31.23 6.62
CA VAL B 110 13.20 31.52 7.27
C VAL B 110 13.65 32.35 8.45
N PRO B 111 13.08 33.53 8.63
CA PRO B 111 13.51 34.37 9.76
C PRO B 111 13.16 33.70 11.10
N LYS B 112 14.04 33.79 12.09
CA LYS B 112 13.77 33.22 13.41
C LYS B 112 12.81 34.12 14.22
N TYR B 113 11.92 33.50 14.97
CA TYR B 113 10.97 34.17 15.85
C TYR B 113 11.60 34.26 17.25
N TRP B 114 11.63 35.46 17.84
CA TRP B 114 12.29 35.69 19.14
C TRP B 114 11.35 35.97 20.29
N GLY B 115 10.13 36.37 19.99
CA GLY B 115 9.20 36.68 21.05
C GLY B 115 8.09 37.58 20.61
N SER B 116 7.12 37.74 21.51
CA SER B 116 5.93 38.52 21.28
C SER B 116 5.33 38.93 22.60
N GLY B 117 4.48 39.93 22.54
CA GLY B 117 3.82 40.42 23.74
C GLY B 117 2.83 41.51 23.46
N LEU B 118 2.34 42.11 24.52
CA LEU B 118 1.36 43.19 24.42
C LEU B 118 1.95 44.46 24.98
N HIS B 119 1.50 45.59 24.46
CA HIS B 119 1.99 46.90 24.87
C HIS B 119 0.88 47.93 24.70
N ASP B 120 0.61 48.70 25.77
CA ASP B 120 -0.40 49.76 25.77
C ASP B 120 0.20 51.12 25.45
N LYS B 121 -0.55 51.92 24.66
CA LYS B 121 -0.17 53.28 24.28
C LYS B 121 -1.43 54.06 23.94
N ASN B 122 -1.63 55.22 24.61
CA ASN B 122 -2.79 56.11 24.42
C ASN B 122 -4.15 55.38 24.57
N GLY B 123 -4.26 54.51 25.58
CA GLY B 123 -5.45 53.72 25.87
C GLY B 123 -5.81 52.66 24.83
N LYS B 124 -4.85 52.32 23.94
CA LYS B 124 -5.02 51.33 22.88
C LYS B 124 -4.10 50.14 23.14
N SER B 125 -4.56 48.92 22.75
CA SER B 125 -3.81 47.69 22.90
C SER B 125 -3.05 47.38 21.61
N TYR B 126 -1.73 47.20 21.73
CA TYR B 126 -0.88 46.85 20.59
C TYR B 126 -0.22 45.52 20.85
N ARG B 127 0.16 44.85 19.78
CA ARG B 127 0.85 43.59 19.82
C ARG B 127 2.23 43.78 19.17
N PHE B 128 3.26 43.27 19.79
CA PHE B 128 4.57 43.40 19.22
C PHE B 128 5.20 42.04 19.01
N MET B 129 6.05 41.92 18.01
CA MET B 129 6.76 40.68 17.78
C MET B 129 8.19 40.96 17.35
N ILE B 130 9.11 40.15 17.85
CA ILE B 130 10.52 40.32 17.56
C ILE B 130 11.05 39.25 16.61
N MET B 131 11.73 39.69 15.57
CA MET B 131 12.27 38.81 14.55
C MET B 131 13.67 39.21 14.16
N ASP B 132 14.29 38.39 13.33
CA ASP B 132 15.62 38.62 12.81
C ASP B 132 15.64 39.91 12.00
N ARG B 133 16.74 40.63 12.08
CA ARG B 133 16.91 41.86 11.32
C ARG B 133 17.73 41.54 10.09
N PHE B 134 17.32 42.07 8.94
CA PHE B 134 18.02 41.84 7.69
C PHE B 134 18.47 43.13 7.03
N GLY B 135 19.24 42.98 5.96
CA GLY B 135 19.74 44.10 5.19
C GLY B 135 18.85 44.36 4.01
N SER B 136 19.46 44.58 2.85
CA SER B 136 18.76 44.90 1.60
C SER B 136 17.79 43.82 1.12
N ASP B 137 16.72 44.27 0.44
CA ASP B 137 15.77 43.39 -0.22
C ASP B 137 16.37 43.17 -1.62
N LEU B 138 16.00 42.07 -2.29
CA LEU B 138 16.51 41.77 -3.62
C LEU B 138 16.08 42.76 -4.69
N GLN B 139 14.89 43.37 -4.54
CA GLN B 139 14.33 44.32 -5.52
C GLN B 139 15.25 45.52 -5.76
N LYS B 140 15.78 46.12 -4.68
CA LYS B 140 16.71 47.25 -4.76
C LYS B 140 18.01 46.87 -5.46
N ILE B 141 18.53 45.64 -5.22
CA ILE B 141 19.77 45.15 -5.89
C ILE B 141 19.45 44.86 -7.38
N TYR B 142 18.26 44.28 -7.65
CA TYR B 142 17.76 43.97 -8.99
C TYR B 142 17.71 45.26 -9.82
N GLU B 143 17.08 46.32 -9.28
CA GLU B 143 16.98 47.63 -9.96
C GLU B 143 18.36 48.29 -10.15
N ALA B 144 19.27 48.12 -9.16
CA ALA B 144 20.65 48.65 -9.23
C ALA B 144 21.48 47.91 -10.32
N ASN B 145 21.08 46.71 -10.69
CA ASN B 145 21.77 45.97 -11.73
C ASN B 145 21.01 46.03 -13.05
N ALA B 146 20.30 47.14 -13.27
CA ALA B 146 19.51 47.39 -14.48
C ALA B 146 18.46 46.33 -14.76
N LYS B 147 17.78 45.90 -13.70
CA LYS B 147 16.74 44.90 -13.77
C LYS B 147 17.16 43.58 -14.39
N ARG B 148 18.34 43.09 -14.03
CA ARG B 148 18.81 41.79 -14.52
C ARG B 148 19.56 41.05 -13.40
N PHE B 149 19.53 39.72 -13.45
CA PHE B 149 20.26 38.87 -12.52
C PHE B 149 20.85 37.79 -13.42
N SER B 150 22.09 37.40 -13.16
CA SER B 150 22.74 36.39 -13.97
C SER B 150 22.19 34.98 -13.76
N ARG B 151 22.37 34.11 -14.76
CA ARG B 151 21.92 32.72 -14.65
C ARG B 151 22.43 32.13 -13.32
N LYS B 152 23.71 32.40 -12.97
CA LYS B 152 24.33 31.95 -11.72
C LYS B 152 23.55 32.42 -10.46
N THR B 153 23.25 33.74 -10.36
CA THR B 153 22.53 34.38 -9.26
C THR B 153 21.13 33.77 -9.09
N VAL B 154 20.38 33.69 -10.19
CA VAL B 154 19.02 33.15 -10.21
C VAL B 154 19.00 31.68 -9.74
N LEU B 155 19.91 30.83 -10.25
CA LEU B 155 19.95 29.42 -9.84
C LEU B 155 20.30 29.27 -8.38
N GLN B 156 21.28 30.07 -7.89
CA GLN B 156 21.65 30.06 -6.48
C GLN B 156 20.54 30.56 -5.59
N LEU B 157 19.86 31.65 -6.00
CA LEU B 157 18.71 32.21 -5.26
C LEU B 157 17.58 31.16 -5.19
N SER B 158 17.23 30.56 -6.34
CA SER B 158 16.16 29.57 -6.46
C SER B 158 16.37 28.29 -5.71
N LEU B 159 17.62 27.81 -5.60
CA LEU B 159 17.94 26.61 -4.80
C LEU B 159 17.57 26.86 -3.35
N ARG B 160 17.89 28.06 -2.85
CA ARG B 160 17.65 28.43 -1.45
C ARG B 160 16.19 28.70 -1.18
N ILE B 161 15.48 29.27 -2.16
CA ILE B 161 14.03 29.47 -2.07
C ILE B 161 13.33 28.11 -2.02
N LEU B 162 13.84 27.11 -2.79
CA LEU B 162 13.27 25.76 -2.76
C LEU B 162 13.43 25.14 -1.36
N ASP B 163 14.59 25.37 -0.68
CA ASP B 163 14.83 24.92 0.70
C ASP B 163 13.78 25.56 1.64
N ILE B 164 13.53 26.89 1.47
CA ILE B 164 12.55 27.64 2.29
C ILE B 164 11.12 27.08 2.06
N LEU B 165 10.75 26.93 0.79
CA LEU B 165 9.41 26.44 0.43
C LEU B 165 9.19 25.03 0.95
N GLU B 166 10.18 24.15 0.78
CA GLU B 166 10.06 22.79 1.28
C GLU B 166 9.83 22.83 2.79
N TYR B 167 10.57 23.69 3.51
CA TYR B 167 10.44 23.85 4.95
C TYR B 167 9.03 24.33 5.36
N ILE B 168 8.57 25.46 4.81
CA ILE B 168 7.28 26.04 5.20
C ILE B 168 6.13 25.09 4.78
N HIS B 169 6.22 24.46 3.58
CA HIS B 169 5.22 23.49 3.11
C HIS B 169 5.16 22.31 4.05
N GLU B 170 6.33 21.83 4.53
CA GLU B 170 6.37 20.71 5.47
C GLU B 170 5.78 21.10 6.82
N HIS B 171 5.70 22.42 7.13
CA HIS B 171 5.13 22.95 8.37
C HIS B 171 3.72 23.49 8.14
N GLU B 172 3.04 23.00 7.08
CA GLU B 172 1.62 23.24 6.77
C GLU B 172 1.27 24.63 6.22
N TYR B 173 2.26 25.38 5.76
CA TYR B 173 2.04 26.73 5.21
C TYR B 173 2.53 26.93 3.80
N VAL B 174 1.86 27.80 3.08
CA VAL B 174 2.31 28.24 1.73
C VAL B 174 2.42 29.77 1.87
N HIS B 175 3.34 30.39 1.13
CA HIS B 175 3.58 31.82 1.26
C HIS B 175 2.62 32.63 0.36
N GLY B 176 2.58 32.27 -0.92
CA GLY B 176 1.70 32.87 -1.89
C GLY B 176 2.11 34.22 -2.44
N ASP B 177 3.23 34.75 -1.95
CA ASP B 177 3.69 36.06 -2.40
C ASP B 177 5.20 36.18 -2.57
N ILE B 178 5.83 35.17 -3.13
CA ILE B 178 7.26 35.22 -3.35
C ILE B 178 7.57 36.27 -4.42
N LYS B 179 8.56 37.12 -4.14
CA LYS B 179 8.99 38.19 -5.06
C LYS B 179 10.23 38.79 -4.46
N ALA B 180 11.02 39.48 -5.30
CA ALA B 180 12.27 40.12 -4.87
C ALA B 180 12.12 41.04 -3.65
N SER B 181 11.02 41.77 -3.56
CA SER B 181 10.79 42.68 -2.44
C SER B 181 10.56 42.00 -1.08
N ASN B 182 10.20 40.72 -1.10
CA ASN B 182 10.01 39.88 0.10
C ASN B 182 11.21 38.94 0.33
N LEU B 183 12.32 39.17 -0.39
CA LEU B 183 13.56 38.40 -0.24
C LEU B 183 14.62 39.34 0.25
N LEU B 184 15.10 39.11 1.48
CA LEU B 184 16.03 39.99 2.19
C LEU B 184 17.35 39.31 2.46
N LEU B 185 18.44 40.04 2.34
CA LEU B 185 19.75 39.45 2.57
C LEU B 185 20.08 39.53 4.05
N ASN B 186 20.81 38.50 4.56
CA ASN B 186 21.33 38.47 5.93
C ASN B 186 22.19 39.75 6.05
N TYR B 187 21.98 40.53 7.14
CA TYR B 187 22.67 41.79 7.39
C TYR B 187 24.20 41.67 7.40
N LYS B 188 24.73 40.50 7.82
CA LYS B 188 26.19 40.22 7.88
C LYS B 188 26.68 39.28 6.77
N ASN B 189 25.78 38.57 6.06
CA ASN B 189 26.21 37.66 5.01
C ASN B 189 25.40 37.86 3.71
N PRO B 190 25.99 38.56 2.71
CA PRO B 190 25.25 38.81 1.47
C PRO B 190 24.95 37.57 0.61
N ASP B 191 25.44 36.39 1.02
CA ASP B 191 25.16 35.12 0.31
C ASP B 191 23.94 34.39 0.89
N GLN B 192 23.33 34.95 1.94
CA GLN B 192 22.15 34.32 2.54
C GLN B 192 20.89 35.13 2.32
N VAL B 193 19.93 34.53 1.63
CA VAL B 193 18.66 35.17 1.32
C VAL B 193 17.55 34.56 2.19
N TYR B 194 16.69 35.44 2.74
CA TYR B 194 15.55 35.10 3.61
C TYR B 194 14.21 35.54 2.99
N LEU B 195 13.21 34.66 3.04
CA LEU B 195 11.85 34.98 2.56
C LEU B 195 11.06 35.57 3.75
N VAL B 196 10.53 36.78 3.59
CA VAL B 196 9.79 37.44 4.68
C VAL B 196 8.31 37.64 4.31
N ASP B 197 7.54 38.19 5.29
CA ASP B 197 6.12 38.54 5.15
C ASP B 197 5.20 37.33 5.09
N TYR B 198 4.64 36.98 6.25
CA TYR B 198 3.75 35.84 6.39
C TYR B 198 2.36 36.31 6.85
N GLY B 199 2.12 37.62 6.76
CA GLY B 199 0.86 38.25 7.15
C GLY B 199 -0.32 37.71 6.39
N LEU B 200 -0.08 37.29 5.15
CA LEU B 200 -1.10 36.67 4.29
C LEU B 200 -0.69 35.26 3.90
N ALA B 201 0.16 34.59 4.72
CA ALA B 201 0.53 33.20 4.47
C ALA B 201 -0.70 32.33 4.71
N TYR B 202 -0.71 31.14 4.15
CA TYR B 202 -1.89 30.33 4.29
C TYR B 202 -1.57 28.94 4.80
N ARG B 203 -2.31 28.48 5.81
CA ARG B 203 -2.15 27.15 6.36
C ARG B 203 -3.00 26.23 5.50
N TYR B 204 -2.39 25.72 4.45
CA TYR B 204 -3.02 24.82 3.47
C TYR B 204 -3.36 23.44 4.00
N CYS B 205 -2.59 22.95 4.97
CA CYS B 205 -2.76 21.62 5.50
C CYS B 205 -2.78 21.57 7.02
N PRO B 206 -3.81 22.15 7.64
CA PRO B 206 -3.84 22.12 9.10
C PRO B 206 -4.01 20.70 9.63
N GLU B 207 -3.14 20.33 10.56
CA GLU B 207 -3.12 19.00 11.18
C GLU B 207 -3.02 17.85 10.11
N GLY B 208 -2.34 18.12 9.00
CA GLY B 208 -2.15 17.15 7.94
C GLY B 208 -3.33 16.91 7.03
N VAL B 209 -4.41 17.74 7.14
CA VAL B 209 -5.62 17.66 6.29
C VAL B 209 -5.56 18.78 5.25
N HIS B 210 -5.32 18.44 3.98
CA HIS B 210 -5.18 19.40 2.89
C HIS B 210 -6.53 20.03 2.55
N LYS B 211 -6.54 21.36 2.39
CA LYS B 211 -7.72 22.13 1.99
C LYS B 211 -8.19 21.70 0.62
N ALA B 212 -9.50 21.71 0.41
CA ALA B 212 -10.10 21.32 -0.84
C ALA B 212 -9.86 22.38 -1.91
N TYR B 213 -10.02 22.01 -3.17
CA TYR B 213 -9.80 22.92 -4.28
C TYR B 213 -11.02 23.80 -4.40
N ALA B 214 -11.02 24.87 -3.62
CA ALA B 214 -12.09 25.85 -3.52
C ALA B 214 -11.58 27.10 -2.84
N ALA B 215 -12.38 28.16 -2.90
CA ALA B 215 -12.09 29.44 -2.26
C ALA B 215 -12.13 29.29 -0.75
N ASP B 216 -11.27 30.02 -0.03
CA ASP B 216 -11.33 30.03 1.42
C ASP B 216 -11.99 31.37 1.82
N PRO B 217 -13.19 31.36 2.44
CA PRO B 217 -13.87 32.63 2.77
C PRO B 217 -13.15 33.54 3.77
N LYS B 218 -12.27 32.97 4.63
CA LYS B 218 -11.53 33.68 5.68
C LYS B 218 -10.56 34.76 5.15
N ARG B 219 -9.98 34.56 3.96
CA ARG B 219 -9.04 35.54 3.37
C ARG B 219 -9.26 35.82 1.88
N CYS B 220 -9.14 37.10 1.49
CA CYS B 220 -9.33 37.58 0.11
C CYS B 220 -8.01 37.93 -0.61
N HIS B 221 -6.86 37.44 -0.07
CA HIS B 221 -5.53 37.66 -0.66
C HIS B 221 -5.36 36.89 -1.97
N ASP B 222 -4.91 37.59 -3.02
CA ASP B 222 -4.69 37.04 -4.35
C ASP B 222 -3.22 37.04 -4.79
N GLY B 223 -2.34 37.55 -3.91
CA GLY B 223 -0.90 37.67 -4.15
C GLY B 223 -0.56 38.92 -4.94
N THR B 224 0.60 38.94 -5.63
CA THR B 224 1.01 40.06 -6.50
C THR B 224 0.67 39.63 -7.92
N ILE B 225 -0.28 40.34 -8.57
CA ILE B 225 -0.83 40.00 -9.89
C ILE B 225 0.20 39.45 -10.92
N GLU B 226 1.36 40.12 -11.14
CA GLU B 226 2.31 39.62 -12.16
C GLU B 226 2.97 38.27 -11.83
N PHE B 227 3.08 37.91 -10.54
CA PHE B 227 3.73 36.67 -10.14
C PHE B 227 2.78 35.64 -9.59
N THR B 228 1.50 35.99 -9.33
CA THR B 228 0.58 35.05 -8.67
C THR B 228 0.25 33.82 -9.53
N SER B 229 -0.17 32.76 -8.84
CA SER B 229 -0.48 31.49 -9.48
C SER B 229 -1.85 31.54 -10.19
N ILE B 230 -2.02 30.62 -11.14
CA ILE B 230 -3.27 30.43 -11.88
C ILE B 230 -4.35 30.01 -10.85
N ASP B 231 -4.00 29.14 -9.89
CA ASP B 231 -4.93 28.75 -8.79
C ASP B 231 -5.47 30.02 -8.08
N ALA B 232 -4.59 30.97 -7.70
CA ALA B 232 -5.03 32.23 -7.06
C ALA B 232 -5.89 33.06 -8.02
N HIS B 233 -5.50 33.14 -9.32
CA HIS B 233 -6.30 33.86 -10.32
C HIS B 233 -7.68 33.24 -10.44
N ASN B 234 -7.78 31.92 -10.20
CA ASN B 234 -9.04 31.18 -10.27
C ASN B 234 -9.88 31.32 -8.98
N GLY B 235 -9.39 32.07 -7.99
CA GLY B 235 -10.10 32.29 -6.72
C GLY B 235 -10.06 31.12 -5.75
N VAL B 236 -9.08 30.25 -5.92
CA VAL B 236 -8.91 29.04 -5.10
C VAL B 236 -7.81 29.35 -4.07
N ALA B 237 -7.92 28.77 -2.86
CA ALA B 237 -6.92 28.93 -1.78
C ALA B 237 -5.56 28.49 -2.34
N PRO B 238 -4.48 29.17 -1.96
CA PRO B 238 -3.16 28.81 -2.48
C PRO B 238 -2.69 27.45 -1.98
N SER B 239 -1.92 26.75 -2.80
CA SER B 239 -1.39 25.43 -2.47
C SER B 239 0.10 25.35 -2.82
N ARG B 240 0.74 24.23 -2.55
CA ARG B 240 2.17 24.13 -2.80
C ARG B 240 2.58 24.34 -4.26
N ARG B 241 1.85 23.75 -5.21
CA ARG B 241 2.17 23.96 -6.64
C ARG B 241 2.17 25.44 -7.00
N GLY B 242 1.26 26.21 -6.41
CA GLY B 242 1.18 27.64 -6.63
C GLY B 242 2.46 28.38 -6.25
N ASP B 243 3.05 28.04 -5.08
CA ASP B 243 4.31 28.67 -4.63
C ASP B 243 5.43 28.39 -5.63
N LEU B 244 5.49 27.17 -6.13
CA LEU B 244 6.51 26.79 -7.11
C LEU B 244 6.29 27.50 -8.44
N GLU B 245 5.03 27.66 -8.84
CA GLU B 245 4.71 28.34 -10.10
C GLU B 245 5.13 29.84 -9.95
N ILE B 246 4.85 30.45 -8.78
CA ILE B 246 5.25 31.85 -8.50
C ILE B 246 6.79 31.99 -8.61
N LEU B 247 7.56 31.03 -8.04
CA LEU B 247 9.02 31.09 -8.16
C LEU B 247 9.44 31.03 -9.65
N GLY B 248 8.73 30.23 -10.45
CA GLY B 248 8.96 30.11 -11.89
C GLY B 248 8.87 31.45 -12.59
N TYR B 249 7.80 32.22 -12.29
CA TYR B 249 7.60 33.56 -12.89
C TYR B 249 8.69 34.50 -12.40
N CYS B 250 9.08 34.38 -11.10
CA CYS B 250 10.17 35.19 -10.56
C CYS B 250 11.46 34.97 -11.31
N MET B 251 11.83 33.71 -11.56
CA MET B 251 13.08 33.36 -12.25
C MET B 251 13.16 33.96 -13.64
N ILE B 252 12.05 33.94 -14.38
CA ILE B 252 12.02 34.55 -15.72
C ILE B 252 12.19 36.07 -15.66
N GLN B 253 11.43 36.75 -14.78
CA GLN B 253 11.50 38.20 -14.56
C GLN B 253 12.96 38.60 -14.20
N TRP B 254 13.59 37.86 -13.30
CA TRP B 254 14.96 38.18 -12.89
C TRP B 254 15.95 38.01 -14.02
N LEU B 255 15.84 36.92 -14.75
CA LEU B 255 16.74 36.65 -15.86
C LEU B 255 16.59 37.63 -17.00
N THR B 256 15.37 38.04 -17.33
CA THR B 256 15.13 38.87 -18.50
C THR B 256 14.62 40.30 -18.33
N GLY B 257 14.24 40.66 -17.12
CA GLY B 257 13.69 41.97 -16.81
C GLY B 257 12.22 42.11 -17.12
N HIS B 258 11.59 41.05 -17.71
CA HIS B 258 10.19 41.12 -18.14
C HIS B 258 9.39 39.84 -17.95
N LEU B 259 8.08 39.97 -18.07
CA LEU B 259 7.07 38.90 -18.11
C LEU B 259 6.13 39.29 -19.22
N PRO B 260 5.62 38.32 -20.01
CA PRO B 260 4.83 38.69 -21.21
C PRO B 260 3.54 39.48 -20.95
N TRP B 261 2.96 39.34 -19.76
CA TRP B 261 1.71 39.96 -19.35
C TRP B 261 1.85 41.28 -18.58
N GLU B 262 3.09 41.78 -18.40
CA GLU B 262 3.35 43.03 -17.65
C GLU B 262 2.72 44.31 -18.28
N ASP B 263 2.32 44.19 -19.55
CA ASP B 263 1.67 45.24 -20.31
C ASP B 263 0.28 45.60 -19.78
N ASN B 264 -0.48 44.61 -19.33
CA ASN B 264 -1.82 44.90 -18.82
C ASN B 264 -2.13 44.24 -17.47
N LEU B 265 -1.46 44.73 -16.44
CA LEU B 265 -1.66 44.26 -15.08
C LEU B 265 -3.02 44.69 -14.53
N LYS B 266 -3.56 45.77 -15.08
CA LYS B 266 -4.85 46.28 -14.62
C LYS B 266 -6.04 45.40 -15.10
N ASP B 267 -5.75 44.32 -15.89
CA ASP B 267 -6.76 43.39 -16.40
C ASP B 267 -6.40 41.95 -15.97
N PRO B 268 -6.88 41.49 -14.78
CA PRO B 268 -6.50 40.15 -14.30
C PRO B 268 -6.92 38.96 -15.18
N LYS B 269 -8.03 39.10 -15.91
CA LYS B 269 -8.53 38.09 -16.84
C LYS B 269 -7.48 37.83 -17.91
N TYR B 270 -6.82 38.90 -18.40
CA TYR B 270 -5.79 38.85 -19.44
C TYR B 270 -4.54 38.19 -18.85
N VAL B 271 -4.22 38.54 -17.59
CA VAL B 271 -3.05 37.99 -16.90
C VAL B 271 -3.24 36.49 -16.72
N ARG B 272 -4.43 36.08 -16.24
CA ARG B 272 -4.76 34.66 -16.06
C ARG B 272 -4.77 33.93 -17.39
N ASP B 273 -5.34 34.54 -18.44
CA ASP B 273 -5.37 33.94 -19.78
C ASP B 273 -3.96 33.68 -20.33
N SER B 274 -3.02 34.67 -20.23
CA SER B 274 -1.63 34.49 -20.72
C SER B 274 -0.97 33.36 -19.95
N LYS B 275 -1.10 33.35 -18.63
CA LYS B 275 -0.48 32.33 -17.78
C LYS B 275 -0.97 30.95 -18.15
N ILE B 276 -2.29 30.81 -18.36
CA ILE B 276 -2.87 29.53 -18.77
C ILE B 276 -2.32 29.09 -20.14
N ARG B 277 -2.30 30.01 -21.12
CA ARG B 277 -1.81 29.67 -22.43
C ARG B 277 -0.32 29.29 -22.40
N TYR B 278 0.47 30.04 -21.63
CA TYR B 278 1.91 29.75 -21.53
C TYR B 278 2.22 28.50 -20.68
N ARG B 279 1.31 28.05 -19.80
CA ARG B 279 1.50 26.81 -19.07
C ARG B 279 1.21 25.63 -20.05
N GLU B 280 0.20 25.80 -20.89
CA GLU B 280 -0.14 24.77 -21.85
C GLU B 280 0.94 24.62 -22.93
N ASN B 281 1.67 25.70 -23.19
CA ASN B 281 2.72 25.69 -24.20
C ASN B 281 3.96 26.35 -23.62
N ILE B 282 4.76 25.59 -22.88
CA ILE B 282 5.95 26.15 -22.26
C ILE B 282 7.02 26.58 -23.27
N ALA B 283 7.20 25.80 -24.33
CA ALA B 283 8.17 26.16 -25.39
C ALA B 283 7.84 27.57 -25.93
N SER B 284 6.55 27.93 -26.07
CA SER B 284 6.23 29.28 -26.52
C SER B 284 6.54 30.33 -25.45
N LEU B 285 6.47 29.95 -24.15
CA LEU B 285 6.82 30.89 -23.08
C LEU B 285 8.33 31.22 -23.16
N MET B 286 9.18 30.20 -23.36
CA MET B 286 10.65 30.33 -23.50
C MET B 286 11.04 31.18 -24.71
N ASP B 287 10.31 31.04 -25.83
CA ASP B 287 10.51 31.79 -27.06
C ASP B 287 10.11 33.25 -26.89
N LYS B 288 9.02 33.51 -26.15
CA LYS B 288 8.53 34.86 -25.88
C LYS B 288 9.48 35.65 -24.96
N CYS B 289 9.94 35.03 -23.88
CA CYS B 289 10.74 35.67 -22.82
C CYS B 289 12.21 35.82 -23.11
N PHE B 290 12.77 34.87 -23.86
CA PHE B 290 14.20 34.82 -24.14
C PHE B 290 14.55 35.05 -25.59
N PRO B 291 15.60 35.87 -25.86
CA PRO B 291 16.10 35.99 -27.23
C PRO B 291 16.60 34.62 -27.66
N ALA B 292 16.52 34.31 -28.94
CA ALA B 292 16.97 33.04 -29.47
C ALA B 292 18.35 32.62 -28.95
N ALA B 293 18.41 31.36 -28.48
CA ALA B 293 19.58 30.67 -27.92
C ALA B 293 19.91 31.07 -26.47
N ASN B 294 19.08 31.94 -25.87
CA ASN B 294 19.29 32.37 -24.47
C ASN B 294 18.40 31.64 -23.47
N ALA B 295 17.40 30.85 -23.92
CA ALA B 295 16.49 30.15 -22.99
C ALA B 295 17.22 29.05 -22.20
N PRO B 296 17.36 29.16 -20.86
CA PRO B 296 18.03 28.07 -20.11
C PRO B 296 17.11 26.87 -20.04
N GLY B 297 17.65 25.69 -20.38
CA GLY B 297 16.88 24.44 -20.37
C GLY B 297 16.28 24.08 -19.02
N GLU B 298 16.98 24.43 -17.91
CA GLU B 298 16.49 24.13 -16.56
C GLU B 298 15.19 24.87 -16.21
N ILE B 299 14.98 26.09 -16.72
CA ILE B 299 13.75 26.86 -16.44
C ILE B 299 12.56 26.16 -17.09
N ALA B 300 12.70 25.71 -18.35
CA ALA B 300 11.64 24.98 -19.06
C ALA B 300 11.33 23.67 -18.35
N LYS B 301 12.36 22.89 -17.95
CA LYS B 301 12.20 21.61 -17.22
C LYS B 301 11.54 21.83 -15.86
N TYR B 302 11.93 22.92 -15.16
CA TYR B 302 11.34 23.30 -13.88
C TYR B 302 9.80 23.54 -14.09
N MET B 303 9.43 24.35 -15.10
CA MET B 303 8.02 24.66 -15.38
C MET B 303 7.21 23.45 -15.80
N GLU B 304 7.81 22.55 -16.62
CA GLU B 304 7.16 21.30 -17.03
C GLU B 304 6.88 20.41 -15.81
N THR B 305 7.84 20.34 -14.86
CA THR B 305 7.70 19.53 -13.64
C THR B 305 6.57 20.07 -12.77
N VAL B 306 6.55 21.39 -12.53
CA VAL B 306 5.51 22.05 -11.71
C VAL B 306 4.13 21.83 -12.38
N LYS B 307 4.07 21.96 -13.71
CA LYS B 307 2.84 21.74 -14.48
C LYS B 307 2.17 20.34 -14.23
N LEU B 308 2.98 19.35 -13.90
CA LEU B 308 2.53 17.99 -13.61
C LEU B 308 1.97 17.82 -12.21
N LEU B 309 2.07 18.85 -11.37
CA LEU B 309 1.57 18.75 -9.99
C LEU B 309 0.06 18.91 -9.89
N ASP B 310 -0.60 18.00 -9.17
CA ASP B 310 -2.01 18.15 -8.88
C ASP B 310 -2.12 19.19 -7.76
N TYR B 311 -3.32 19.71 -7.54
CA TYR B 311 -3.55 20.72 -6.51
C TYR B 311 -3.09 20.31 -5.07
N THR B 312 -3.35 19.06 -4.69
CA THR B 312 -3.01 18.59 -3.33
C THR B 312 -1.69 17.81 -3.28
N GLU B 313 -1.03 17.67 -4.41
CA GLU B 313 0.18 16.87 -4.54
C GLU B 313 1.43 17.46 -3.85
N LYS B 314 2.18 16.59 -3.16
CA LYS B 314 3.43 16.94 -2.51
C LYS B 314 4.51 17.01 -3.60
N PRO B 315 5.12 18.20 -3.80
CA PRO B 315 6.19 18.29 -4.81
C PRO B 315 7.40 17.46 -4.42
N LEU B 316 8.20 17.08 -5.41
CA LEU B 316 9.44 16.36 -5.17
C LEU B 316 10.55 17.44 -5.23
N TYR B 317 10.72 18.18 -4.12
CA TYR B 317 11.67 19.30 -3.98
C TYR B 317 13.12 18.99 -4.40
N GLU B 318 13.64 17.81 -4.01
CA GLU B 318 14.99 17.38 -4.36
C GLU B 318 15.18 17.29 -5.89
N ASN B 319 14.17 16.78 -6.61
CA ASN B 319 14.18 16.67 -8.06
C ASN B 319 14.18 18.06 -8.70
N LEU B 320 13.39 19.01 -8.13
CA LEU B 320 13.35 20.40 -8.62
C LEU B 320 14.73 21.05 -8.44
N ARG B 321 15.40 20.79 -7.29
CA ARG B 321 16.74 21.30 -7.00
C ARG B 321 17.76 20.66 -7.95
N ASP B 322 17.60 19.37 -8.28
CA ASP B 322 18.46 18.65 -9.24
C ASP B 322 18.33 19.26 -10.63
N ILE B 323 17.10 19.66 -11.02
CA ILE B 323 16.85 20.32 -12.32
C ILE B 323 17.69 21.61 -12.39
N LEU B 324 17.68 22.42 -11.30
CA LEU B 324 18.47 23.66 -11.23
C LEU B 324 19.96 23.43 -11.15
N LEU B 325 20.41 22.30 -10.55
CA LEU B 325 21.83 21.96 -10.49
C LEU B 325 22.40 21.70 -11.89
N GLN B 326 21.56 21.22 -12.82
CA GLN B 326 21.96 21.00 -14.22
C GLN B 326 22.27 22.33 -14.93
N GLY B 327 21.60 23.40 -14.50
CA GLY B 327 21.82 24.74 -14.99
C GLY B 327 23.18 25.27 -14.58
N LEU B 328 23.57 25.00 -13.32
CA LEU B 328 24.87 25.38 -12.77
C LEU B 328 25.98 24.58 -13.47
N LYS B 329 25.72 23.29 -13.79
CA LYS B 329 26.69 22.45 -14.51
C LYS B 329 26.86 22.95 -15.95
N ALA B 330 25.78 23.45 -16.58
CA ALA B 330 25.82 23.99 -17.95
C ALA B 330 26.68 25.26 -18.04
N ILE B 331 26.74 26.05 -16.95
CA ILE B 331 27.53 27.29 -16.93
C ILE B 331 28.94 27.08 -16.31
N GLY B 332 29.33 25.81 -16.20
CA GLY B 332 30.60 25.41 -15.62
C GLY B 332 30.76 25.79 -14.16
N SER B 333 29.68 25.65 -13.41
CA SER B 333 29.64 25.99 -11.98
C SER B 333 29.01 24.90 -11.13
N LYS B 334 29.07 25.08 -9.82
CA LYS B 334 28.49 24.14 -8.87
C LYS B 334 27.77 24.89 -7.76
N ASP B 335 26.93 24.21 -6.99
CA ASP B 335 26.24 24.88 -5.90
C ASP B 335 27.25 25.06 -4.77
N ASP B 336 27.89 26.25 -4.76
CA ASP B 336 28.88 26.70 -3.79
C ASP B 336 28.30 27.76 -2.84
N GLY B 337 26.99 28.01 -2.96
CA GLY B 337 26.28 28.98 -2.15
C GLY B 337 26.58 30.45 -2.45
N LYS B 338 27.32 30.74 -3.55
CA LYS B 338 27.66 32.11 -3.92
C LYS B 338 26.56 32.77 -4.76
N LEU B 339 25.90 33.81 -4.20
CA LEU B 339 24.82 34.49 -4.91
C LEU B 339 25.31 35.36 -6.03
N ASP B 340 26.54 35.88 -5.93
CA ASP B 340 27.20 36.79 -6.89
C ASP B 340 26.40 38.10 -7.07
N LEU B 341 25.94 38.66 -5.95
CA LEU B 341 25.17 39.91 -5.93
C LEU B 341 26.08 41.15 -5.86
N PHE C 23 41.05 -26.73 -0.72
CA PHE C 23 42.01 -25.76 -0.22
C PHE C 23 42.28 -24.67 -1.25
N ALA C 24 41.22 -23.93 -1.58
CA ALA C 24 41.26 -22.83 -2.54
C ALA C 24 41.75 -23.20 -3.93
N VAL C 25 42.69 -22.42 -4.45
CA VAL C 25 43.27 -22.60 -5.77
C VAL C 25 42.26 -22.68 -6.91
N GLY C 26 41.16 -21.96 -6.78
CA GLY C 26 40.12 -21.95 -7.82
C GLY C 26 39.64 -23.33 -8.26
N GLU C 27 39.59 -24.27 -7.31
CA GLU C 27 39.12 -25.63 -7.62
C GLU C 27 37.63 -25.66 -7.94
N ILE C 28 37.22 -26.59 -8.83
CA ILE C 28 35.81 -26.74 -9.23
C ILE C 28 35.16 -27.95 -8.57
N ILE C 29 34.40 -27.71 -7.48
CA ILE C 29 33.69 -28.74 -6.72
C ILE C 29 32.30 -28.98 -7.29
N THR C 30 31.77 -30.19 -7.09
CA THR C 30 30.45 -30.53 -7.59
C THR C 30 29.49 -30.95 -6.48
N ASP C 31 28.32 -30.31 -6.44
CA ASP C 31 27.32 -30.64 -5.44
C ASP C 31 26.56 -31.91 -5.83
N MET C 32 25.86 -32.50 -4.87
CA MET C 32 25.13 -33.73 -5.16
C MET C 32 24.05 -33.56 -6.22
N ALA C 33 23.45 -32.38 -6.29
CA ALA C 33 22.37 -32.08 -7.26
C ALA C 33 22.97 -31.91 -8.67
N ALA C 34 24.25 -32.30 -8.85
CA ALA C 34 25.05 -32.25 -10.07
C ALA C 34 25.20 -30.84 -10.65
N ALA C 35 25.53 -29.88 -9.77
CA ALA C 35 25.77 -28.48 -10.11
C ALA C 35 27.23 -28.14 -9.80
N ALA C 36 27.94 -27.58 -10.77
CA ALA C 36 29.34 -27.22 -10.60
C ALA C 36 29.48 -25.86 -9.90
N TRP C 37 30.45 -25.76 -8.99
CA TRP C 37 30.77 -24.53 -8.25
C TRP C 37 32.27 -24.27 -8.30
N LYS C 38 32.65 -22.99 -8.46
CA LYS C 38 34.05 -22.59 -8.52
C LYS C 38 34.42 -21.89 -7.21
N VAL C 39 35.56 -22.27 -6.60
CA VAL C 39 36.04 -21.70 -5.35
C VAL C 39 36.80 -20.39 -5.58
N GLY C 40 36.59 -19.44 -4.67
CA GLY C 40 37.22 -18.14 -4.69
C GLY C 40 38.20 -17.94 -3.54
N LEU C 41 38.51 -16.68 -3.23
CA LEU C 41 39.43 -16.31 -2.15
C LEU C 41 38.90 -16.74 -0.76
N PRO C 42 39.77 -17.31 0.13
CA PRO C 42 39.28 -17.70 1.46
C PRO C 42 38.87 -16.50 2.32
N ILE C 43 37.62 -16.50 2.77
CA ILE C 43 37.02 -15.44 3.59
C ILE C 43 37.56 -15.49 5.03
N GLY C 44 37.45 -16.66 5.66
CA GLY C 44 37.90 -16.90 7.03
C GLY C 44 37.99 -18.38 7.38
N GLN C 45 38.35 -18.68 8.64
CA GLN C 45 38.49 -20.06 9.13
C GLN C 45 37.89 -20.27 10.52
N CYS C 50 37.33 -24.14 7.07
CA CYS C 50 37.54 -22.92 6.29
C CYS C 50 36.33 -22.51 5.43
N ILE C 51 36.18 -21.19 5.23
CA ILE C 51 35.14 -20.58 4.38
C ILE C 51 35.82 -19.82 3.24
N TYR C 52 35.32 -20.05 2.02
CA TYR C 52 35.82 -19.42 0.82
C TYR C 52 34.65 -18.79 0.09
N LEU C 53 34.93 -17.90 -0.85
CA LEU C 53 33.88 -17.28 -1.67
C LEU C 53 33.50 -18.29 -2.75
N ALA C 54 32.25 -18.22 -3.27
CA ALA C 54 31.78 -19.17 -4.28
C ALA C 54 30.74 -18.61 -5.25
N ASP C 55 30.72 -19.18 -6.46
CA ASP C 55 29.76 -18.88 -7.54
C ASP C 55 29.66 -20.11 -8.45
N MET C 56 28.54 -20.22 -9.19
CA MET C 56 28.29 -21.31 -10.15
C MET C 56 29.26 -21.21 -11.32
N ASN C 57 29.52 -22.34 -12.00
CA ASN C 57 30.42 -22.40 -13.15
C ASN C 57 29.73 -21.96 -14.43
N ASP C 65 32.63 -9.75 -4.73
CA ASP C 65 31.30 -9.65 -5.36
C ASP C 65 30.53 -11.00 -5.39
N ALA C 66 31.21 -12.15 -5.16
CA ALA C 66 30.63 -13.50 -5.15
C ALA C 66 29.30 -13.55 -4.38
N PRO C 67 28.21 -14.10 -4.96
CA PRO C 67 26.92 -14.10 -4.25
C PRO C 67 26.77 -15.25 -3.24
N CYS C 68 27.71 -16.20 -3.25
CA CYS C 68 27.72 -17.37 -2.34
C CYS C 68 29.06 -17.55 -1.64
N VAL C 69 29.08 -18.48 -0.69
CA VAL C 69 30.27 -18.87 0.05
C VAL C 69 30.24 -20.39 0.21
N VAL C 70 31.40 -21.00 0.39
CA VAL C 70 31.48 -22.45 0.57
C VAL C 70 32.20 -22.78 1.90
N LYS C 71 31.55 -23.56 2.74
CA LYS C 71 32.13 -24.01 4.00
C LYS C 71 32.71 -25.40 3.74
N VAL C 72 33.94 -25.60 4.15
CA VAL C 72 34.66 -26.87 3.93
C VAL C 72 35.21 -27.41 5.27
N GLU C 73 35.06 -28.73 5.49
CA GLU C 73 35.56 -29.47 6.64
C GLU C 73 35.91 -30.90 6.19
N PRO C 74 36.85 -31.66 6.83
CA PRO C 74 37.04 -33.06 6.42
C PRO C 74 35.81 -33.90 6.82
N SER C 75 35.52 -34.94 6.03
CA SER C 75 34.38 -35.85 6.25
C SER C 75 34.51 -36.63 7.55
N GLY C 78 31.09 -34.36 12.84
CA GLY C 78 31.60 -33.00 12.90
C GLY C 78 30.52 -31.92 12.89
N PRO C 79 30.89 -30.65 13.18
CA PRO C 79 29.88 -29.57 13.18
C PRO C 79 29.17 -29.36 11.85
N LEU C 80 29.91 -29.43 10.72
CA LEU C 80 29.30 -29.23 9.40
C LEU C 80 28.22 -30.27 9.13
N PHE C 81 28.38 -31.51 9.67
CA PHE C 81 27.38 -32.58 9.52
C PHE C 81 26.08 -32.20 10.24
N THR C 82 26.16 -31.72 11.51
CA THR C 82 24.97 -31.29 12.27
C THR C 82 24.33 -30.05 11.57
N GLU C 83 25.16 -29.17 11.04
CA GLU C 83 24.70 -27.99 10.31
C GLU C 83 23.91 -28.40 9.07
N LEU C 84 24.45 -29.35 8.31
CA LEU C 84 23.82 -29.87 7.10
C LEU C 84 22.47 -30.53 7.41
N LYS C 85 22.40 -31.31 8.51
CA LYS C 85 21.18 -31.96 8.95
C LYS C 85 20.12 -30.89 9.34
N PHE C 86 20.54 -29.79 9.97
CA PHE C 86 19.67 -28.67 10.31
C PHE C 86 19.07 -28.07 9.06
N TYR C 87 19.89 -27.71 8.08
CA TYR C 87 19.37 -27.10 6.86
C TYR C 87 18.45 -28.03 6.07
N GLN C 88 18.80 -29.29 5.98
CA GLN C 88 17.98 -30.26 5.27
C GLN C 88 16.64 -30.54 5.93
N ARG C 89 16.59 -30.55 7.27
CA ARG C 89 15.35 -30.83 7.99
C ARG C 89 14.47 -29.60 8.19
N ALA C 90 15.08 -28.52 8.67
CA ALA C 90 14.33 -27.31 9.00
C ALA C 90 14.61 -26.01 8.25
N ALA C 91 15.59 -25.95 7.38
CA ALA C 91 15.89 -24.71 6.69
C ALA C 91 15.78 -24.70 5.17
N LYS C 92 14.97 -25.59 4.61
CA LYS C 92 14.79 -25.61 3.16
C LYS C 92 14.11 -24.30 2.73
N PRO C 93 14.52 -23.75 1.57
CA PRO C 93 13.92 -22.47 1.13
C PRO C 93 12.39 -22.41 1.09
N GLU C 94 11.70 -23.55 0.84
CA GLU C 94 10.22 -23.65 0.82
C GLU C 94 9.63 -23.43 2.25
N GLN C 95 10.31 -23.98 3.28
CA GLN C 95 9.90 -23.85 4.67
C GLN C 95 10.07 -22.37 5.10
N ILE C 96 11.22 -21.75 4.71
CA ILE C 96 11.52 -20.34 5.05
C ILE C 96 10.48 -19.42 4.40
N GLN C 97 10.24 -19.61 3.08
CA GLN C 97 9.27 -18.82 2.34
C GLN C 97 7.84 -18.97 2.87
N LYS C 98 7.46 -20.19 3.30
CA LYS C 98 6.12 -20.41 3.83
C LYS C 98 5.96 -19.65 5.16
N TRP C 99 7.01 -19.62 6.00
CA TRP C 99 7.00 -18.89 7.28
C TRP C 99 6.90 -17.39 7.03
N ILE C 100 7.73 -16.85 6.08
CA ILE C 100 7.73 -15.41 5.73
C ILE C 100 6.31 -14.98 5.30
N ARG C 101 5.70 -15.78 4.41
CA ARG C 101 4.35 -15.54 3.93
C ARG C 101 3.28 -15.66 5.02
N THR C 102 3.24 -16.79 5.75
CA THR C 102 2.22 -17.02 6.78
C THR C 102 2.35 -16.05 7.99
N ARG C 103 3.58 -15.68 8.37
CA ARG C 103 3.82 -14.80 9.52
C ARG C 103 3.82 -13.34 9.16
N LYS C 104 3.66 -13.02 7.85
CA LYS C 104 3.58 -11.69 7.29
C LYS C 104 4.84 -10.85 7.57
N LEU C 105 6.00 -11.50 7.45
CA LEU C 105 7.29 -10.84 7.69
C LEU C 105 7.83 -10.21 6.43
N LYS C 106 8.70 -9.21 6.59
CA LYS C 106 9.37 -8.58 5.45
C LYS C 106 10.47 -9.53 4.94
N TYR C 107 11.10 -10.27 5.88
CA TYR C 107 12.16 -11.24 5.60
C TYR C 107 12.35 -12.11 6.86
N LEU C 108 13.12 -13.19 6.72
CA LEU C 108 13.46 -14.05 7.86
C LEU C 108 14.96 -14.20 7.86
N GLY C 109 15.63 -13.98 8.97
CA GLY C 109 17.07 -14.08 8.99
C GLY C 109 17.70 -15.44 9.16
N VAL C 110 17.33 -16.38 8.29
CA VAL C 110 17.89 -17.72 8.29
C VAL C 110 18.54 -17.78 6.93
N PRO C 111 19.83 -18.10 6.87
CA PRO C 111 20.50 -18.10 5.56
C PRO C 111 19.97 -19.13 4.56
N LYS C 112 20.14 -18.81 3.29
CA LYS C 112 19.75 -19.72 2.23
C LYS C 112 20.86 -20.75 2.02
N TYR C 113 20.49 -22.02 2.00
CA TYR C 113 21.35 -23.17 1.72
C TYR C 113 21.18 -23.44 0.20
N TRP C 114 22.29 -23.45 -0.56
CA TRP C 114 22.28 -23.63 -2.02
C TRP C 114 22.59 -25.05 -2.47
N GLY C 115 23.33 -25.78 -1.66
CA GLY C 115 23.73 -27.13 -2.00
C GLY C 115 24.89 -27.61 -1.15
N SER C 116 25.26 -28.89 -1.31
CA SER C 116 26.33 -29.51 -0.53
C SER C 116 26.81 -30.78 -1.21
N GLY C 117 27.92 -31.32 -0.73
CA GLY C 117 28.47 -32.55 -1.28
C GLY C 117 29.80 -32.93 -0.67
N LEU C 118 30.50 -33.82 -1.36
CA LEU C 118 31.83 -34.29 -1.00
C LEU C 118 32.78 -33.91 -2.12
N HIS C 119 34.07 -33.76 -1.78
CA HIS C 119 35.11 -33.44 -2.78
C HIS C 119 36.45 -34.08 -2.43
N SER C 125 39.36 -36.31 1.05
CA SER C 125 37.91 -36.42 1.30
C SER C 125 37.37 -35.29 2.19
N TYR C 126 36.73 -34.28 1.55
CA TYR C 126 36.16 -33.12 2.26
C TYR C 126 34.66 -32.92 2.04
N ARG C 127 33.93 -32.54 3.11
CA ARG C 127 32.51 -32.24 3.10
C ARG C 127 32.39 -30.72 2.91
N PHE C 128 31.49 -30.30 2.02
CA PHE C 128 31.30 -28.87 1.81
C PHE C 128 29.83 -28.46 1.80
N MET C 129 29.60 -27.17 1.96
CA MET C 129 28.26 -26.62 2.00
C MET C 129 28.25 -25.24 1.34
N ILE C 130 27.31 -25.02 0.43
CA ILE C 130 27.17 -23.75 -0.27
C ILE C 130 26.08 -22.91 0.37
N MET C 131 26.46 -21.73 0.83
CA MET C 131 25.55 -20.81 1.49
C MET C 131 25.59 -19.39 0.95
N ASP C 132 24.66 -18.58 1.42
CA ASP C 132 24.54 -17.18 1.06
C ASP C 132 25.81 -16.41 1.44
N ARG C 133 26.17 -15.44 0.63
CA ARG C 133 27.30 -14.59 0.96
C ARG C 133 26.69 -13.34 1.60
N PHE C 134 27.15 -12.97 2.78
CA PHE C 134 26.57 -11.81 3.40
C PHE C 134 27.52 -10.63 3.41
N GLY C 135 27.10 -9.58 4.09
CA GLY C 135 27.86 -8.37 4.32
C GLY C 135 28.58 -8.50 5.64
N SER C 136 28.79 -7.39 6.31
CA SER C 136 29.52 -7.37 7.58
C SER C 136 28.83 -8.13 8.71
N ASP C 137 29.64 -8.58 9.67
CA ASP C 137 29.11 -9.17 10.88
C ASP C 137 28.87 -7.98 11.82
N LEU C 138 27.95 -8.12 12.76
CA LEU C 138 27.62 -7.06 13.70
C LEU C 138 28.76 -6.75 14.69
N GLN C 139 29.66 -7.74 14.99
CA GLN C 139 30.80 -7.53 15.90
C GLN C 139 31.75 -6.41 15.41
N LYS C 140 32.04 -6.37 14.10
CA LYS C 140 32.89 -5.32 13.51
C LYS C 140 32.21 -3.95 13.60
N ILE C 141 30.89 -3.86 13.33
CA ILE C 141 30.10 -2.61 13.42
C ILE C 141 30.07 -2.13 14.88
N TYR C 142 29.80 -3.07 15.82
CA TYR C 142 29.78 -2.81 17.27
C TYR C 142 31.11 -2.19 17.75
N GLU C 143 32.25 -2.79 17.35
CA GLU C 143 33.60 -2.30 17.70
C GLU C 143 33.89 -0.93 17.10
N ALA C 144 33.47 -0.71 15.83
CA ALA C 144 33.63 0.57 15.12
C ALA C 144 32.81 1.67 15.82
N ASN C 145 31.69 1.28 16.44
CA ASN C 145 30.82 2.18 17.19
C ASN C 145 31.22 2.27 18.69
N ALA C 146 32.49 1.94 19.02
CA ALA C 146 33.09 1.95 20.37
C ALA C 146 32.34 1.06 21.37
N LYS C 147 32.02 -0.17 20.92
CA LYS C 147 31.35 -1.19 21.71
C LYS C 147 30.00 -0.70 22.31
N ARG C 148 29.20 -0.03 21.48
CA ARG C 148 27.84 0.44 21.80
C ARG C 148 26.95 0.34 20.58
N PHE C 149 25.71 -0.09 20.79
CA PHE C 149 24.61 -0.01 19.85
C PHE C 149 23.56 0.82 20.61
N SER C 150 22.81 1.66 19.88
CA SER C 150 21.75 2.46 20.51
C SER C 150 20.60 1.53 20.98
N ARG C 151 19.73 2.05 21.85
CA ARG C 151 18.54 1.35 22.34
C ARG C 151 17.67 0.96 21.14
N LYS C 152 17.52 1.87 20.17
CA LYS C 152 16.75 1.66 18.94
C LYS C 152 17.32 0.47 18.15
N THR C 153 18.65 0.43 17.95
CA THR C 153 19.31 -0.68 17.24
C THR C 153 19.11 -1.98 17.97
N VAL C 154 19.31 -1.98 19.32
CA VAL C 154 19.18 -3.20 20.13
C VAL C 154 17.77 -3.75 20.05
N LEU C 155 16.73 -2.91 20.19
CA LEU C 155 15.34 -3.34 20.07
C LEU C 155 15.00 -3.89 18.68
N GLN C 156 15.51 -3.22 17.61
CA GLN C 156 15.28 -3.66 16.23
C GLN C 156 16.00 -4.96 15.92
N LEU C 157 17.24 -5.13 16.38
CA LEU C 157 17.98 -6.38 16.21
C LEU C 157 17.27 -7.49 16.91
N SER C 158 16.86 -7.23 18.17
CA SER C 158 16.21 -8.26 19.00
C SER C 158 14.86 -8.75 18.44
N LEU C 159 14.07 -7.85 17.84
CA LEU C 159 12.77 -8.22 17.26
C LEU C 159 12.98 -9.21 16.10
N ARG C 160 14.01 -8.99 15.28
CA ARG C 160 14.34 -9.85 14.16
C ARG C 160 14.94 -11.18 14.64
N ILE C 161 15.73 -11.15 15.72
CA ILE C 161 16.32 -12.36 16.28
C ILE C 161 15.20 -13.23 16.89
N LEU C 162 14.19 -12.60 17.50
CA LEU C 162 13.03 -13.32 18.03
C LEU C 162 12.29 -14.05 16.90
N ASP C 163 12.22 -13.47 15.69
CA ASP C 163 11.56 -14.12 14.53
C ASP C 163 12.35 -15.37 14.15
N ILE C 164 13.69 -15.25 14.10
CA ILE C 164 14.60 -16.35 13.76
C ILE C 164 14.44 -17.45 14.80
N LEU C 165 14.50 -17.08 16.07
CA LEU C 165 14.40 -18.06 17.16
C LEU C 165 13.06 -18.77 17.15
N GLU C 166 11.98 -18.03 16.99
CA GLU C 166 10.68 -18.68 16.95
C GLU C 166 10.61 -19.70 15.79
N TYR C 167 11.17 -19.33 14.62
CA TYR C 167 11.17 -20.19 13.44
C TYR C 167 11.96 -21.47 13.75
N ILE C 168 13.22 -21.35 14.21
CA ILE C 168 14.04 -22.55 14.46
C ILE C 168 13.44 -23.39 15.59
N HIS C 169 12.92 -22.74 16.66
CA HIS C 169 12.29 -23.46 17.77
C HIS C 169 11.05 -24.26 17.31
N GLU C 170 10.24 -23.68 16.44
CA GLU C 170 9.06 -24.36 15.91
C GLU C 170 9.44 -25.48 14.95
N HIS C 171 10.69 -25.45 14.47
CA HIS C 171 11.25 -26.47 13.59
C HIS C 171 12.17 -27.43 14.37
N GLU C 172 11.96 -27.51 15.72
CA GLU C 172 12.59 -28.47 16.64
C GLU C 172 14.06 -28.21 16.96
N TYR C 173 14.58 -27.00 16.71
CA TYR C 173 16.01 -26.70 16.95
C TYR C 173 16.22 -25.45 17.80
N VAL C 174 17.36 -25.44 18.49
CA VAL C 174 17.84 -24.27 19.23
C VAL C 174 19.23 -23.96 18.69
N HIS C 175 19.63 -22.69 18.70
CA HIS C 175 20.95 -22.30 18.19
C HIS C 175 22.08 -22.44 19.24
N GLY C 176 21.86 -21.83 20.40
CA GLY C 176 22.77 -21.90 21.53
C GLY C 176 24.01 -21.03 21.44
N ASP C 177 24.17 -20.30 20.36
CA ASP C 177 25.34 -19.46 20.20
C ASP C 177 25.08 -18.08 19.63
N ILE C 178 23.98 -17.46 20.03
CA ILE C 178 23.71 -16.12 19.52
C ILE C 178 24.76 -15.14 20.05
N LYS C 179 25.31 -14.35 19.15
CA LYS C 179 26.30 -13.30 19.45
C LYS C 179 26.53 -12.47 18.19
N ALA C 180 27.02 -11.22 18.37
CA ALA C 180 27.29 -10.27 17.27
C ALA C 180 28.13 -10.86 16.12
N SER C 181 29.09 -11.72 16.42
CA SER C 181 29.91 -12.32 15.38
C SER C 181 29.17 -13.39 14.56
N ASN C 182 28.05 -13.87 15.07
CA ASN C 182 27.23 -14.84 14.35
C ASN C 182 26.04 -14.15 13.69
N LEU C 183 26.04 -12.82 13.72
CA LEU C 183 24.98 -12.03 13.13
C LEU C 183 25.52 -11.24 11.95
N LEU C 184 25.11 -11.62 10.73
CA LEU C 184 25.62 -10.96 9.53
C LEU C 184 24.54 -10.17 8.79
N LEU C 185 24.93 -9.05 8.20
CA LEU C 185 24.00 -8.23 7.44
C LEU C 185 23.85 -8.73 6.01
N ASN C 186 22.68 -8.47 5.43
CA ASN C 186 22.43 -8.84 4.05
C ASN C 186 23.41 -8.04 3.18
N TYR C 187 23.98 -8.70 2.18
CA TYR C 187 24.95 -8.07 1.31
C TYR C 187 24.36 -6.88 0.58
N LYS C 188 23.12 -7.02 0.19
CA LYS C 188 22.37 -6.01 -0.55
C LYS C 188 21.41 -5.17 0.32
N ASN C 189 21.21 -5.53 1.62
CA ASN C 189 20.32 -4.76 2.49
C ASN C 189 20.87 -4.66 3.93
N PRO C 190 21.38 -3.46 4.30
CA PRO C 190 21.94 -3.27 5.66
C PRO C 190 20.92 -3.28 6.81
N ASP C 191 19.61 -3.33 6.51
CA ASP C 191 18.56 -3.40 7.54
C ASP C 191 18.11 -4.83 7.81
N GLN C 192 18.69 -5.82 7.09
CA GLN C 192 18.35 -7.23 7.26
C GLN C 192 19.49 -7.99 7.91
N VAL C 193 19.23 -8.53 9.10
CA VAL C 193 20.21 -9.27 9.89
C VAL C 193 19.89 -10.79 9.86
N TYR C 194 20.94 -11.60 9.69
CA TYR C 194 20.85 -13.06 9.61
C TYR C 194 21.65 -13.71 10.72
N LEU C 195 21.08 -14.75 11.31
CA LEU C 195 21.78 -15.52 12.33
C LEU C 195 22.47 -16.69 11.61
N VAL C 196 23.80 -16.81 11.73
CA VAL C 196 24.55 -17.88 11.07
C VAL C 196 25.13 -18.86 12.08
N ASP C 197 25.84 -19.85 11.55
CA ASP C 197 26.52 -20.92 12.29
C ASP C 197 25.63 -21.83 13.15
N TYR C 198 25.12 -22.90 12.53
CA TYR C 198 24.25 -23.88 13.16
C TYR C 198 25.01 -25.20 13.47
N GLY C 199 26.35 -25.10 13.49
CA GLY C 199 27.24 -26.24 13.74
C GLY C 199 26.99 -26.95 15.06
N LEU C 200 26.68 -26.16 16.10
CA LEU C 200 26.34 -26.63 17.45
C LEU C 200 24.83 -26.48 17.75
N ALA C 201 24.00 -26.33 16.70
CA ALA C 201 22.54 -26.26 16.91
C ALA C 201 22.10 -27.61 17.50
N TYR C 202 21.01 -27.62 18.23
CA TYR C 202 20.58 -28.85 18.88
C TYR C 202 19.12 -29.12 18.61
N ARG C 203 18.81 -30.36 18.18
CA ARG C 203 17.44 -30.75 17.93
C ARG C 203 16.85 -31.13 19.30
N TYR C 204 16.35 -30.12 19.99
CA TYR C 204 15.77 -30.25 21.32
C TYR C 204 14.44 -31.01 21.40
N CYS C 205 13.71 -31.04 20.30
CA CYS C 205 12.38 -31.63 20.29
C CYS C 205 12.14 -32.58 19.12
N PRO C 206 12.88 -33.68 19.04
CA PRO C 206 12.64 -34.55 17.90
C PRO C 206 11.23 -35.13 17.92
N GLU C 207 10.59 -35.08 16.77
CA GLU C 207 9.20 -35.55 16.60
C GLU C 207 8.23 -35.01 17.68
N GLY C 208 8.46 -33.78 18.15
CA GLY C 208 7.63 -33.15 19.16
C GLY C 208 7.81 -33.65 20.59
N VAL C 209 8.82 -34.51 20.86
CA VAL C 209 9.11 -35.02 22.21
C VAL C 209 10.30 -34.23 22.75
N HIS C 210 10.08 -33.39 23.77
CA HIS C 210 11.15 -32.55 24.31
C HIS C 210 12.21 -33.38 25.07
N LYS C 211 13.47 -33.09 24.79
CA LYS C 211 14.59 -33.72 25.52
C LYS C 211 14.36 -33.49 27.04
N ALA C 212 14.52 -34.52 27.88
CA ALA C 212 14.34 -34.39 29.33
C ALA C 212 15.53 -33.67 29.96
N TYR C 213 15.27 -32.91 31.02
CA TYR C 213 16.31 -32.18 31.73
C TYR C 213 17.31 -33.18 32.34
N ALA C 214 18.61 -33.01 32.07
CA ALA C 214 19.66 -33.85 32.66
C ALA C 214 20.99 -33.14 32.60
N ALA C 215 21.75 -33.13 33.70
CA ALA C 215 23.07 -32.50 33.77
C ALA C 215 24.10 -33.53 33.29
N ASP C 216 24.80 -33.21 32.20
CA ASP C 216 25.81 -34.08 31.60
C ASP C 216 27.18 -33.40 31.75
N PRO C 217 28.13 -33.98 32.51
CA PRO C 217 29.44 -33.31 32.68
C PRO C 217 30.15 -32.99 31.34
N LYS C 218 29.90 -33.80 30.31
CA LYS C 218 30.40 -33.63 28.93
C LYS C 218 29.88 -32.36 28.22
N ARG C 219 28.72 -31.85 28.63
CA ARG C 219 28.13 -30.67 28.02
C ARG C 219 28.42 -29.36 28.78
N CYS C 220 29.05 -29.44 29.97
CA CYS C 220 29.30 -28.26 30.80
C CYS C 220 30.02 -27.16 30.08
N HIS C 221 29.43 -25.95 30.13
CA HIS C 221 29.96 -24.70 29.58
C HIS C 221 30.05 -24.71 28.05
N ASP C 222 29.18 -25.49 27.35
CA ASP C 222 29.10 -25.45 25.88
C ASP C 222 28.59 -24.04 25.48
N GLY C 223 28.93 -23.59 24.27
CA GLY C 223 28.58 -22.27 23.75
C GLY C 223 29.69 -21.26 23.96
N THR C 224 29.41 -19.95 23.83
CA THR C 224 30.40 -18.90 24.05
C THR C 224 30.27 -18.52 25.52
N ILE C 225 31.33 -18.76 26.33
CA ILE C 225 31.31 -18.59 27.79
C ILE C 225 30.63 -17.29 28.28
N GLU C 226 30.97 -16.12 27.70
CA GLU C 226 30.39 -14.88 28.20
C GLU C 226 28.87 -14.78 27.97
N PHE C 227 28.35 -15.41 26.89
CA PHE C 227 26.94 -15.31 26.54
C PHE C 227 26.11 -16.53 26.80
N THR C 228 26.73 -17.70 27.03
CA THR C 228 26.00 -18.96 27.14
C THR C 228 24.98 -18.99 28.33
N SER C 229 24.00 -19.88 28.24
CA SER C 229 22.96 -20.02 29.24
C SER C 229 23.46 -20.74 30.51
N ILE C 230 22.76 -20.50 31.64
CA ILE C 230 23.01 -21.22 32.90
C ILE C 230 22.84 -22.74 32.65
N ASP C 231 21.81 -23.13 31.84
CA ASP C 231 21.58 -24.55 31.48
C ASP C 231 22.84 -25.13 30.86
N ALA C 232 23.44 -24.45 29.85
CA ALA C 232 24.67 -24.93 29.21
C ALA C 232 25.84 -24.99 30.24
N HIS C 233 25.93 -23.99 31.14
CA HIS C 233 26.97 -24.02 32.17
C HIS C 233 26.78 -25.26 33.06
N ASN C 234 25.52 -25.69 33.29
CA ASN C 234 25.19 -26.84 34.13
C ASN C 234 25.33 -28.20 33.41
N GLY C 235 25.67 -28.18 32.13
CA GLY C 235 25.83 -29.41 31.35
C GLY C 235 24.50 -29.92 30.85
N VAL C 236 23.52 -29.07 30.85
CA VAL C 236 22.17 -29.45 30.41
C VAL C 236 22.08 -29.13 28.91
N ALA C 237 21.50 -30.05 28.11
CA ALA C 237 21.30 -29.83 26.67
C ALA C 237 20.54 -28.49 26.46
N PRO C 238 20.89 -27.68 25.45
CA PRO C 238 20.20 -26.39 25.30
C PRO C 238 18.70 -26.52 24.96
N SER C 239 17.87 -25.61 25.50
CA SER C 239 16.45 -25.58 25.17
C SER C 239 16.07 -24.14 24.79
N ARG C 240 14.77 -23.88 24.55
CA ARG C 240 14.32 -22.58 24.06
C ARG C 240 14.64 -21.45 25.03
N ARG C 241 14.44 -21.67 26.35
CA ARG C 241 14.72 -20.60 27.34
C ARG C 241 16.17 -20.12 27.28
N GLY C 242 17.12 -21.05 27.06
CA GLY C 242 18.55 -20.73 26.95
C GLY C 242 18.86 -19.80 25.79
N ASP C 243 18.22 -20.02 24.61
CA ASP C 243 18.40 -19.12 23.47
C ASP C 243 17.93 -17.72 23.83
N LEU C 244 16.83 -17.62 24.59
CA LEU C 244 16.29 -16.29 24.95
C LEU C 244 17.15 -15.64 26.02
N GLU C 245 17.72 -16.45 26.91
CA GLU C 245 18.63 -15.97 27.97
C GLU C 245 19.89 -15.42 27.32
N ILE C 246 20.44 -16.13 26.35
CA ILE C 246 21.64 -15.71 25.59
C ILE C 246 21.37 -14.37 24.90
N LEU C 247 20.19 -14.24 24.30
CA LEU C 247 19.80 -12.99 23.64
C LEU C 247 19.77 -11.83 24.67
N GLY C 248 19.27 -12.13 25.86
CA GLY C 248 19.23 -11.16 26.96
C GLY C 248 20.61 -10.66 27.30
N TYR C 249 21.59 -11.58 27.48
CA TYR C 249 22.99 -11.19 27.75
C TYR C 249 23.55 -10.35 26.60
N CYS C 250 23.24 -10.72 25.33
CA CYS C 250 23.69 -9.92 24.18
C CYS C 250 23.17 -8.50 24.23
N MET C 251 21.87 -8.31 24.55
CA MET C 251 21.25 -6.97 24.60
C MET C 251 21.98 -6.07 25.58
N ILE C 252 22.27 -6.59 26.78
CA ILE C 252 22.98 -5.87 27.83
C ILE C 252 24.40 -5.54 27.35
N GLN C 253 25.10 -6.53 26.75
CA GLN C 253 26.45 -6.33 26.20
C GLN C 253 26.39 -5.18 25.17
N TRP C 254 25.43 -5.25 24.24
CA TRP C 254 25.27 -4.25 23.17
C TRP C 254 24.95 -2.85 23.67
N LEU C 255 24.09 -2.76 24.69
CA LEU C 255 23.66 -1.51 25.31
C LEU C 255 24.75 -0.82 26.14
N THR C 256 25.50 -1.57 26.97
CA THR C 256 26.47 -1.01 27.93
C THR C 256 27.94 -1.20 27.58
N GLY C 257 28.24 -2.13 26.68
CA GLY C 257 29.62 -2.43 26.30
C GLY C 257 30.28 -3.44 27.23
N HIS C 258 29.53 -3.94 28.24
CA HIS C 258 30.07 -4.86 29.23
C HIS C 258 29.05 -5.88 29.73
N LEU C 259 29.54 -6.89 30.43
CA LEU C 259 28.79 -7.89 31.19
C LEU C 259 29.55 -8.04 32.51
N PRO C 260 28.87 -8.30 33.66
CA PRO C 260 29.59 -8.32 34.95
C PRO C 260 30.69 -9.37 35.11
N TRP C 261 30.58 -10.49 34.40
CA TRP C 261 31.54 -11.59 34.50
C TRP C 261 32.63 -11.55 33.45
N GLU C 262 32.72 -10.44 32.74
CA GLU C 262 33.68 -10.30 31.65
C GLU C 262 35.17 -10.38 31.99
N ASP C 263 35.54 -10.11 33.23
CA ASP C 263 36.95 -10.17 33.61
C ASP C 263 37.39 -11.52 34.14
N ASN C 264 36.45 -12.45 34.29
CA ASN C 264 36.75 -13.78 34.81
C ASN C 264 36.31 -14.90 33.86
N LEU C 265 36.44 -14.65 32.57
CA LEU C 265 36.05 -15.60 31.53
C LEU C 265 36.81 -16.91 31.59
N LYS C 266 38.07 -16.87 32.02
CA LYS C 266 38.88 -18.07 32.18
C LYS C 266 38.43 -19.02 33.32
N ASP C 267 37.56 -18.54 34.22
CA ASP C 267 37.02 -19.34 35.30
C ASP C 267 35.54 -19.61 35.02
N PRO C 268 35.22 -20.73 34.37
CA PRO C 268 33.83 -21.03 33.98
C PRO C 268 32.84 -21.17 35.15
N LYS C 269 33.31 -21.69 36.30
CA LYS C 269 32.49 -21.82 37.52
C LYS C 269 32.07 -20.43 38.04
N TYR C 270 32.96 -19.45 37.94
CA TYR C 270 32.65 -18.10 38.36
C TYR C 270 31.58 -17.53 37.45
N VAL C 271 31.78 -17.66 36.13
CA VAL C 271 30.81 -17.16 35.15
C VAL C 271 29.44 -17.78 35.43
N ARG C 272 29.39 -19.12 35.65
CA ARG C 272 28.14 -19.83 35.95
C ARG C 272 27.48 -19.24 37.23
N ASP C 273 28.24 -19.17 38.35
CA ASP C 273 27.76 -18.68 39.64
C ASP C 273 27.30 -17.23 39.60
N SER C 274 28.03 -16.38 38.84
CA SER C 274 27.66 -14.98 38.67
C SER C 274 26.30 -14.91 37.91
N LYS C 275 26.14 -15.67 36.79
CA LYS C 275 24.87 -15.67 36.07
C LYS C 275 23.72 -16.17 36.96
N ILE C 276 23.98 -17.20 37.80
CA ILE C 276 22.95 -17.75 38.70
C ILE C 276 22.54 -16.69 39.71
N ARG C 277 23.51 -16.04 40.32
CA ARG C 277 23.30 -14.98 41.32
C ARG C 277 22.55 -13.78 40.70
N TYR C 278 22.86 -13.42 39.43
CA TYR C 278 22.16 -12.31 38.75
C TYR C 278 20.75 -12.66 38.24
N ARG C 279 20.46 -13.97 38.04
CA ARG C 279 19.13 -14.44 37.65
C ARG C 279 18.23 -14.45 38.91
N GLU C 280 18.79 -14.80 40.07
CA GLU C 280 18.08 -14.78 41.35
C GLU C 280 17.72 -13.34 41.71
N ASN C 281 18.59 -12.40 41.37
CA ASN C 281 18.41 -10.99 41.69
C ASN C 281 18.59 -10.14 40.43
N ILE C 282 17.54 -10.04 39.59
CA ILE C 282 17.59 -9.28 38.33
C ILE C 282 17.73 -7.76 38.60
N ALA C 283 17.18 -7.25 39.73
CA ALA C 283 17.37 -5.85 40.12
C ALA C 283 18.86 -5.55 40.31
N SER C 284 19.62 -6.50 40.89
CA SER C 284 21.07 -6.32 41.08
C SER C 284 21.84 -6.41 39.76
N LEU C 285 21.31 -7.15 38.76
CA LEU C 285 21.90 -7.22 37.42
C LEU C 285 21.77 -5.84 36.75
N MET C 286 20.54 -5.30 36.76
CA MET C 286 20.22 -3.95 36.23
C MET C 286 21.05 -2.84 36.92
N ASP C 287 21.39 -3.02 38.22
CA ASP C 287 22.23 -2.07 38.97
C ASP C 287 23.70 -2.22 38.61
N LYS C 288 24.18 -3.46 38.41
CA LYS C 288 25.57 -3.71 38.05
C LYS C 288 25.88 -3.22 36.62
N CYS C 289 25.07 -3.65 35.67
CA CYS C 289 25.19 -3.27 34.25
C CYS C 289 24.90 -1.81 33.92
N PHE C 290 23.90 -1.26 34.60
CA PHE C 290 23.50 0.12 34.43
C PHE C 290 23.67 0.73 35.81
N PRO C 291 24.91 1.13 36.12
CA PRO C 291 25.37 1.69 37.40
C PRO C 291 24.69 3.02 37.71
N ALA C 292 24.31 3.72 36.65
CA ALA C 292 23.70 5.01 36.82
C ALA C 292 22.21 4.87 37.12
N ALA C 293 21.76 3.62 37.31
CA ALA C 293 20.36 3.28 37.56
C ALA C 293 19.45 3.79 36.44
N ASN C 294 19.92 3.62 35.21
CA ASN C 294 19.23 4.09 34.03
C ASN C 294 18.93 2.97 33.02
N ALA C 295 18.60 1.79 33.55
CA ALA C 295 18.29 0.63 32.71
C ALA C 295 16.94 0.75 31.99
N PRO C 296 16.94 0.47 30.68
CA PRO C 296 15.69 0.50 29.89
C PRO C 296 14.73 -0.51 30.50
N GLY C 297 13.51 -0.07 30.79
CA GLY C 297 12.46 -0.88 31.41
C GLY C 297 12.21 -2.21 30.74
N GLU C 298 12.29 -2.26 29.40
CA GLU C 298 12.04 -3.49 28.63
C GLU C 298 13.09 -4.59 28.89
N ILE C 299 14.35 -4.23 29.22
CA ILE C 299 15.40 -5.22 29.48
C ILE C 299 15.06 -5.99 30.75
N ALA C 300 14.67 -5.29 31.84
CA ALA C 300 14.30 -5.93 33.11
C ALA C 300 13.10 -6.85 32.93
N LYS C 301 12.05 -6.36 32.21
CA LYS C 301 10.81 -7.11 31.91
C LYS C 301 11.12 -8.35 31.11
N TYR C 302 11.99 -8.21 30.09
CA TYR C 302 12.45 -9.32 29.27
C TYR C 302 13.16 -10.37 30.12
N MET C 303 14.16 -9.95 30.94
CA MET C 303 14.91 -10.92 31.78
C MET C 303 14.03 -11.61 32.82
N GLU C 304 13.09 -10.86 33.44
CA GLU C 304 12.14 -11.44 34.42
C GLU C 304 11.21 -12.45 33.73
N THR C 305 10.81 -12.17 32.48
CA THR C 305 9.91 -13.04 31.71
C THR C 305 10.64 -14.34 31.33
N VAL C 306 11.86 -14.25 30.81
CA VAL C 306 12.71 -15.41 30.49
C VAL C 306 12.99 -16.24 31.79
N LYS C 307 13.18 -15.56 32.94
CA LYS C 307 13.38 -16.24 34.23
C LYS C 307 12.20 -17.19 34.60
N LEU C 308 10.95 -16.82 34.22
CA LEU C 308 9.76 -17.62 34.49
C LEU C 308 9.66 -18.89 33.66
N LEU C 309 10.44 -19.00 32.58
CA LEU C 309 10.37 -20.18 31.72
C LEU C 309 10.97 -21.45 32.35
N ASP C 310 10.23 -22.53 32.31
CA ASP C 310 10.68 -23.86 32.73
C ASP C 310 11.56 -24.39 31.61
N TYR C 311 12.38 -25.40 31.92
CA TYR C 311 13.27 -25.97 30.90
C TYR C 311 12.57 -26.41 29.57
N THR C 312 11.38 -27.07 29.65
CA THR C 312 10.67 -27.57 28.47
C THR C 312 9.58 -26.62 27.99
N GLU C 313 9.43 -25.48 28.67
CA GLU C 313 8.36 -24.55 28.39
C GLU C 313 8.46 -23.84 27.04
N LYS C 314 7.31 -23.74 26.34
CA LYS C 314 7.25 -22.99 25.10
C LYS C 314 7.11 -21.52 25.48
N PRO C 315 7.99 -20.66 24.97
CA PRO C 315 7.88 -19.23 25.30
C PRO C 315 6.65 -18.60 24.65
N LEU C 316 6.11 -17.54 25.27
CA LEU C 316 5.02 -16.77 24.68
C LEU C 316 5.76 -15.67 23.93
N TYR C 317 6.13 -15.98 22.68
CA TYR C 317 6.92 -15.07 21.82
C TYR C 317 6.27 -13.71 21.59
N GLU C 318 4.93 -13.68 21.47
CA GLU C 318 4.19 -12.44 21.24
C GLU C 318 4.32 -11.49 22.43
N ASN C 319 4.26 -12.04 23.65
CA ASN C 319 4.45 -11.26 24.88
C ASN C 319 5.89 -10.70 24.93
N LEU C 320 6.90 -11.47 24.49
CA LEU C 320 8.29 -10.98 24.46
C LEU C 320 8.44 -9.86 23.42
N ARG C 321 7.78 -10.01 22.28
CA ARG C 321 7.76 -8.99 21.23
C ARG C 321 7.08 -7.73 21.76
N ASP C 322 6.01 -7.93 22.53
CA ASP C 322 5.25 -6.82 23.10
C ASP C 322 6.13 -6.00 24.04
N ILE C 323 6.96 -6.67 24.82
CA ILE C 323 7.84 -6.01 25.77
C ILE C 323 8.83 -5.12 25.02
N LEU C 324 9.38 -5.63 23.94
CA LEU C 324 10.33 -4.88 23.09
C LEU C 324 9.68 -3.76 22.35
N LEU C 325 8.46 -3.99 21.81
CA LEU C 325 7.69 -2.96 21.08
C LEU C 325 7.36 -1.79 21.98
N GLN C 326 7.09 -2.07 23.26
CA GLN C 326 6.81 -1.10 24.33
C GLN C 326 8.09 -0.26 24.58
N GLY C 327 9.25 -0.89 24.39
CA GLY C 327 10.56 -0.26 24.48
C GLY C 327 10.73 0.79 23.39
N LEU C 328 10.32 0.47 22.15
CA LEU C 328 10.36 1.39 21.01
C LEU C 328 9.37 2.53 21.16
N LYS C 329 8.19 2.24 21.75
CA LYS C 329 7.15 3.26 21.98
C LYS C 329 7.64 4.26 23.03
N ALA C 330 8.40 3.79 24.05
CA ALA C 330 8.97 4.61 25.12
C ALA C 330 9.98 5.65 24.61
N ILE C 331 10.73 5.33 23.53
CA ILE C 331 11.73 6.24 22.95
C ILE C 331 11.20 7.04 21.74
N GLY C 332 9.88 7.06 21.59
CA GLY C 332 9.22 7.72 20.48
C GLY C 332 9.52 7.15 19.11
N SER C 333 9.61 5.83 19.05
CA SER C 333 9.89 5.08 17.83
C SER C 333 8.93 3.91 17.64
N LYS C 334 9.00 3.28 16.47
CA LYS C 334 8.17 2.12 16.15
C LYS C 334 8.94 1.08 15.32
N ASP C 335 8.45 -0.16 15.27
CA ASP C 335 9.12 -1.20 14.52
C ASP C 335 8.96 -0.89 13.05
N ASP C 336 9.96 -0.20 12.47
CA ASP C 336 10.01 0.22 11.07
C ASP C 336 11.12 -0.51 10.28
N GLY C 337 11.70 -1.54 10.91
CA GLY C 337 12.76 -2.32 10.28
C GLY C 337 14.11 -1.63 10.12
N LYS C 338 14.23 -0.34 10.51
CA LYS C 338 15.50 0.38 10.39
C LYS C 338 16.45 -0.02 11.53
N LEU C 339 17.58 -0.63 11.17
CA LEU C 339 18.55 -1.09 12.17
C LEU C 339 19.38 0.04 12.78
N ASP C 340 19.52 1.17 12.04
CA ASP C 340 20.25 2.37 12.45
C ASP C 340 21.73 2.10 12.73
N LEU C 341 22.35 1.25 11.89
CA LEU C 341 23.76 0.85 12.02
C LEU C 341 24.66 1.80 11.25
N VAL D 25 9.58 -22.75 -38.16
CA VAL D 25 9.26 -23.50 -36.95
C VAL D 25 10.53 -24.11 -36.34
N GLY D 26 10.98 -23.53 -35.24
CA GLY D 26 12.20 -23.95 -34.55
C GLY D 26 13.47 -23.29 -35.08
N GLU D 27 13.33 -22.50 -36.17
CA GLU D 27 14.43 -21.81 -36.85
C GLU D 27 15.05 -20.67 -36.04
N ILE D 28 16.32 -20.35 -36.34
CA ILE D 28 17.08 -19.29 -35.68
C ILE D 28 17.15 -18.03 -36.53
N ILE D 29 16.89 -16.87 -35.89
CA ILE D 29 16.93 -15.54 -36.52
C ILE D 29 17.93 -14.65 -35.76
N THR D 30 18.48 -13.66 -36.44
CA THR D 30 19.45 -12.75 -35.84
C THR D 30 19.07 -11.28 -36.03
N ASP D 31 19.10 -10.52 -34.94
CA ASP D 31 18.77 -9.10 -34.98
C ASP D 31 19.93 -8.14 -35.25
N MET D 32 19.61 -6.85 -35.30
CA MET D 32 20.56 -5.79 -35.59
C MET D 32 21.67 -5.63 -34.54
N ALA D 33 21.45 -6.17 -33.35
CA ALA D 33 22.42 -6.06 -32.26
C ALA D 33 23.21 -7.35 -32.11
N ALA D 34 23.12 -8.19 -33.15
CA ALA D 34 23.75 -9.51 -33.27
C ALA D 34 23.26 -10.52 -32.22
N ALA D 35 22.03 -10.35 -31.77
CA ALA D 35 21.44 -11.22 -30.78
C ALA D 35 20.68 -12.28 -31.53
N ALA D 36 20.79 -13.52 -31.07
CA ALA D 36 20.13 -14.64 -31.73
C ALA D 36 18.85 -15.08 -31.01
N TRP D 37 17.76 -15.25 -31.80
CA TRP D 37 16.43 -15.65 -31.32
C TRP D 37 15.97 -16.94 -32.01
N LYS D 38 15.06 -17.70 -31.35
CA LYS D 38 14.50 -18.94 -31.89
C LYS D 38 12.97 -18.93 -31.91
N VAL D 39 12.38 -19.10 -33.11
CA VAL D 39 10.92 -19.12 -33.34
C VAL D 39 10.29 -20.37 -32.73
N GLY D 40 9.10 -20.21 -32.15
CA GLY D 40 8.36 -21.29 -31.51
C GLY D 40 6.99 -21.57 -32.08
N LEU D 41 6.05 -21.98 -31.20
CA LEU D 41 4.66 -22.33 -31.53
C LEU D 41 3.91 -21.19 -32.23
N PRO D 42 3.12 -21.47 -33.29
CA PRO D 42 2.41 -20.38 -33.98
C PRO D 42 1.32 -19.71 -33.14
N ILE D 43 1.18 -18.40 -33.32
CA ILE D 43 0.17 -17.64 -32.62
C ILE D 43 -0.94 -17.28 -33.61
N GLY D 44 -0.54 -16.76 -34.76
CA GLY D 44 -1.48 -16.37 -35.81
C GLY D 44 -0.87 -15.46 -36.85
N CYS D 50 2.80 -13.13 -40.64
CA CYS D 50 2.46 -14.11 -39.61
C CYS D 50 3.12 -13.80 -38.26
N ILE D 51 2.59 -14.39 -37.17
CA ILE D 51 3.07 -14.20 -35.79
C ILE D 51 3.24 -15.54 -35.09
N TYR D 52 4.41 -15.74 -34.47
CA TYR D 52 4.78 -16.96 -33.73
C TYR D 52 5.27 -16.59 -32.34
N LEU D 53 5.32 -17.56 -31.41
CA LEU D 53 5.86 -17.35 -30.06
C LEU D 53 7.40 -17.36 -30.13
N ALA D 54 8.08 -16.76 -29.14
CA ALA D 54 9.55 -16.67 -29.08
C ALA D 54 10.06 -16.61 -27.64
N ASP D 55 11.22 -17.23 -27.36
CA ASP D 55 11.80 -17.26 -26.00
C ASP D 55 13.28 -16.90 -25.92
N MET D 56 13.95 -16.68 -27.09
CA MET D 56 15.36 -16.33 -27.28
C MET D 56 16.29 -17.50 -26.93
N ASP D 65 3.97 -20.57 -23.06
CA ASP D 65 3.97 -19.38 -22.23
C ASP D 65 5.23 -18.55 -22.39
N ALA D 66 5.70 -18.41 -23.62
CA ALA D 66 6.89 -17.63 -23.91
C ALA D 66 6.62 -16.16 -23.64
N PRO D 67 7.66 -15.41 -23.24
CA PRO D 67 7.50 -13.99 -22.92
C PRO D 67 7.50 -13.09 -24.14
N CYS D 68 7.85 -13.62 -25.30
CA CYS D 68 7.90 -12.84 -26.54
C CYS D 68 7.12 -13.46 -27.71
N VAL D 69 7.10 -12.72 -28.83
CA VAL D 69 6.49 -13.12 -30.08
C VAL D 69 7.35 -12.59 -31.24
N VAL D 70 7.19 -13.14 -32.43
CA VAL D 70 7.93 -12.69 -33.62
C VAL D 70 6.92 -12.40 -34.73
N LYS D 71 7.05 -11.23 -35.36
CA LYS D 71 6.17 -10.83 -36.44
C LYS D 71 6.96 -10.87 -37.73
N VAL D 72 6.49 -11.65 -38.70
CA VAL D 72 7.19 -11.82 -39.98
C VAL D 72 6.44 -11.22 -41.18
N GLU D 73 7.15 -10.45 -42.03
CA GLU D 73 6.64 -9.77 -43.24
C GLU D 73 7.70 -9.65 -44.37
N PRO D 74 7.33 -9.75 -45.68
CA PRO D 74 8.34 -9.59 -46.75
C PRO D 74 9.00 -8.20 -46.77
N SER D 75 10.33 -8.16 -47.03
CA SER D 75 11.13 -6.95 -47.09
C SER D 75 10.76 -6.08 -48.30
N GLY D 78 6.48 -3.35 -45.92
CA GLY D 78 5.71 -2.12 -45.78
C GLY D 78 5.35 -1.77 -44.33
N PRO D 79 4.18 -2.23 -43.83
CA PRO D 79 3.78 -1.91 -42.44
C PRO D 79 4.83 -2.20 -41.37
N LEU D 80 5.48 -3.38 -41.41
CA LEU D 80 6.49 -3.76 -40.43
C LEU D 80 7.69 -2.79 -40.37
N PHE D 81 8.07 -2.16 -41.51
CA PHE D 81 9.14 -1.13 -41.52
C PHE D 81 8.65 0.16 -40.83
N THR D 82 7.38 0.58 -41.06
CA THR D 82 6.74 1.76 -40.45
C THR D 82 6.71 1.59 -38.93
N GLU D 83 6.33 0.39 -38.48
CA GLU D 83 6.25 0.00 -37.06
C GLU D 83 7.65 0.05 -36.43
N LEU D 84 8.66 -0.44 -37.15
CA LEU D 84 10.04 -0.45 -36.67
C LEU D 84 10.52 0.96 -36.40
N LYS D 85 10.31 1.87 -37.37
CA LYS D 85 10.66 3.27 -37.27
C LYS D 85 9.91 3.89 -36.07
N PHE D 86 8.65 3.46 -35.81
CA PHE D 86 7.86 3.95 -34.67
C PHE D 86 8.52 3.55 -33.34
N TYR D 87 8.79 2.27 -33.13
CA TYR D 87 9.38 1.82 -31.88
C TYR D 87 10.78 2.38 -31.63
N GLN D 88 11.56 2.54 -32.67
CA GLN D 88 12.91 3.10 -32.56
C GLN D 88 12.91 4.61 -32.25
N ARG D 89 11.93 5.37 -32.77
CA ARG D 89 11.88 6.81 -32.52
C ARG D 89 11.18 7.19 -31.25
N ALA D 90 10.02 6.60 -31.02
CA ALA D 90 9.21 7.00 -29.88
C ALA D 90 8.88 5.95 -28.85
N ALA D 91 9.26 4.71 -29.07
CA ALA D 91 8.93 3.68 -28.11
C ALA D 91 10.06 2.92 -27.41
N LYS D 92 11.25 3.52 -27.32
CA LYS D 92 12.36 2.88 -26.63
C LYS D 92 12.07 2.73 -25.13
N PRO D 93 12.64 1.70 -24.48
CA PRO D 93 12.33 1.50 -23.04
C PRO D 93 12.52 2.74 -22.14
N GLU D 94 13.60 3.50 -22.34
CA GLU D 94 13.90 4.70 -21.55
C GLU D 94 12.84 5.79 -21.69
N GLN D 95 12.29 5.94 -22.89
CA GLN D 95 11.25 6.93 -23.14
C GLN D 95 9.97 6.57 -22.40
N ILE D 96 9.61 5.30 -22.46
CA ILE D 96 8.42 4.80 -21.79
C ILE D 96 8.55 4.92 -20.28
N GLN D 97 9.66 4.43 -19.75
CA GLN D 97 9.94 4.51 -18.31
C GLN D 97 9.95 5.94 -17.77
N LYS D 98 10.53 6.88 -18.55
CA LYS D 98 10.59 8.30 -18.16
C LYS D 98 9.15 8.87 -18.10
N TRP D 99 8.29 8.49 -19.05
CA TRP D 99 6.91 8.95 -19.05
C TRP D 99 6.12 8.37 -17.87
N ILE D 100 6.23 7.05 -17.64
CA ILE D 100 5.57 6.38 -16.51
C ILE D 100 5.92 7.08 -15.19
N ARG D 101 7.21 7.39 -15.02
CA ARG D 101 7.74 8.04 -13.82
C ARG D 101 7.23 9.48 -13.69
N THR D 102 7.38 10.32 -14.73
CA THR D 102 6.95 11.73 -14.62
C THR D 102 5.44 11.91 -14.60
N ARG D 103 4.67 11.02 -15.24
CA ARG D 103 3.20 11.17 -15.23
C ARG D 103 2.58 10.41 -14.08
N LYS D 104 3.45 9.73 -13.27
CA LYS D 104 3.10 8.97 -12.08
C LYS D 104 2.05 7.90 -12.39
N LEU D 105 2.27 7.15 -13.50
CA LEU D 105 1.34 6.12 -13.95
C LEU D 105 1.65 4.78 -13.32
N LYS D 106 0.64 3.90 -13.19
CA LYS D 106 0.84 2.53 -12.68
C LYS D 106 1.55 1.72 -13.77
N TYR D 107 1.28 2.04 -15.05
CA TYR D 107 1.86 1.40 -16.23
C TYR D 107 1.50 2.24 -17.44
N LEU D 108 2.09 1.93 -18.59
CA LEU D 108 1.73 2.59 -19.84
C LEU D 108 1.51 1.48 -20.85
N GLY D 109 0.38 1.49 -21.55
CA GLY D 109 0.13 0.41 -22.48
C GLY D 109 0.72 0.47 -23.87
N VAL D 110 2.04 0.62 -23.92
CA VAL D 110 2.76 0.64 -25.18
C VAL D 110 3.65 -0.59 -25.08
N PRO D 111 3.65 -1.43 -26.11
CA PRO D 111 4.43 -2.67 -25.99
C PRO D 111 5.92 -2.45 -25.97
N LYS D 112 6.63 -3.43 -25.47
CA LYS D 112 8.09 -3.43 -25.46
C LYS D 112 8.59 -4.10 -26.72
N TYR D 113 9.46 -3.41 -27.44
CA TYR D 113 10.14 -3.87 -28.65
C TYR D 113 11.52 -4.45 -28.21
N TRP D 114 11.80 -5.71 -28.60
CA TRP D 114 13.00 -6.45 -28.21
C TRP D 114 14.11 -6.46 -29.25
N GLY D 115 13.74 -6.54 -30.52
CA GLY D 115 14.69 -6.57 -31.63
C GLY D 115 14.03 -6.70 -32.98
N SER D 116 14.83 -6.51 -34.05
CA SER D 116 14.42 -6.59 -35.45
C SER D 116 15.62 -6.93 -36.35
N GLY D 117 15.34 -7.65 -37.43
CA GLY D 117 16.35 -8.06 -38.40
C GLY D 117 15.75 -8.47 -39.73
N LEU D 118 16.60 -8.89 -40.65
CA LEU D 118 16.14 -9.30 -41.97
C LEU D 118 16.45 -10.75 -42.26
N HIS D 119 15.44 -11.59 -42.20
CA HIS D 119 15.60 -13.01 -42.49
C HIS D 119 15.17 -13.31 -43.92
N ASP D 120 14.02 -12.78 -44.30
CA ASP D 120 13.45 -12.97 -45.64
C ASP D 120 14.38 -12.40 -46.71
N ARG D 127 11.60 -9.44 -43.26
CA ARG D 127 11.79 -8.65 -42.05
C ARG D 127 11.00 -9.20 -40.87
N PHE D 128 11.57 -9.11 -39.65
CA PHE D 128 10.91 -9.55 -38.43
C PHE D 128 11.05 -8.53 -37.28
N MET D 129 10.17 -8.64 -36.28
CA MET D 129 10.18 -7.82 -35.08
C MET D 129 9.78 -8.66 -33.87
N ILE D 130 10.58 -8.57 -32.78
CA ILE D 130 10.33 -9.33 -31.56
C ILE D 130 9.65 -8.42 -30.54
N MET D 131 8.48 -8.81 -30.07
CA MET D 131 7.71 -8.00 -29.13
C MET D 131 7.21 -8.79 -27.93
N ASP D 132 6.67 -8.07 -26.96
CA ASP D 132 6.12 -8.68 -25.77
C ASP D 132 4.99 -9.62 -26.13
N ARG D 133 4.89 -10.71 -25.39
CA ARG D 133 3.83 -11.67 -25.61
C ARG D 133 2.72 -11.24 -24.68
N PHE D 134 1.52 -11.12 -25.21
CA PHE D 134 0.40 -10.70 -24.39
C PHE D 134 -0.63 -11.78 -24.17
N GLY D 135 -1.68 -11.39 -23.48
CA GLY D 135 -2.82 -12.24 -23.21
C GLY D 135 -3.90 -12.00 -24.25
N SER D 136 -5.13 -12.33 -23.91
CA SER D 136 -6.24 -12.14 -24.82
C SER D 136 -6.45 -10.73 -25.33
N ASP D 137 -7.01 -10.62 -26.52
CA ASP D 137 -7.35 -9.33 -27.10
C ASP D 137 -8.74 -8.96 -26.59
N LEU D 138 -9.09 -7.70 -26.64
CA LEU D 138 -10.39 -7.27 -26.15
C LEU D 138 -11.58 -7.73 -26.99
N GLN D 139 -11.35 -7.96 -28.28
CA GLN D 139 -12.43 -8.38 -29.20
C GLN D 139 -13.03 -9.74 -28.82
N LYS D 140 -12.18 -10.70 -28.42
CA LYS D 140 -12.58 -12.02 -27.97
C LYS D 140 -13.42 -11.91 -26.68
N ILE D 141 -12.98 -11.06 -25.73
CA ILE D 141 -13.70 -10.88 -24.46
C ILE D 141 -15.07 -10.24 -24.73
N TYR D 142 -15.09 -9.19 -25.55
CA TYR D 142 -16.27 -8.44 -25.99
C TYR D 142 -17.35 -9.38 -26.56
N GLU D 143 -16.95 -10.26 -27.51
CA GLU D 143 -17.82 -11.28 -28.13
C GLU D 143 -18.29 -12.33 -27.11
N ALA D 144 -17.44 -12.72 -26.14
CA ALA D 144 -17.83 -13.67 -25.09
C ALA D 144 -18.83 -13.03 -24.11
N ASN D 145 -18.79 -11.69 -24.02
CA ASN D 145 -19.65 -10.88 -23.15
C ASN D 145 -20.93 -10.38 -23.85
N ALA D 146 -21.34 -11.06 -24.95
CA ALA D 146 -22.52 -10.76 -25.77
C ALA D 146 -22.45 -9.35 -26.42
N LYS D 147 -21.23 -8.96 -26.84
CA LYS D 147 -20.91 -7.72 -27.51
C LYS D 147 -21.29 -6.47 -26.68
N ARG D 148 -20.92 -6.50 -25.41
CA ARG D 148 -21.14 -5.38 -24.51
C ARG D 148 -20.02 -5.30 -23.50
N PHE D 149 -19.72 -4.08 -23.09
CA PHE D 149 -18.75 -3.79 -22.05
C PHE D 149 -19.52 -2.84 -21.15
N SER D 150 -19.41 -3.01 -19.84
CA SER D 150 -20.13 -2.14 -18.92
C SER D 150 -19.60 -0.71 -18.92
N ARG D 151 -20.44 0.22 -18.49
CA ARG D 151 -20.02 1.63 -18.44
C ARG D 151 -18.68 1.76 -17.68
N LYS D 152 -18.57 1.08 -16.52
CA LYS D 152 -17.34 1.00 -15.73
C LYS D 152 -16.15 0.53 -16.60
N THR D 153 -16.28 -0.61 -17.31
CA THR D 153 -15.22 -1.17 -18.16
C THR D 153 -14.82 -0.19 -19.28
N VAL D 154 -15.79 0.35 -19.98
CA VAL D 154 -15.52 1.30 -21.08
C VAL D 154 -14.75 2.54 -20.59
N LEU D 155 -15.16 3.11 -19.45
CA LEU D 155 -14.51 4.31 -18.91
C LEU D 155 -13.09 4.03 -18.45
N GLN D 156 -12.89 2.89 -17.77
CA GLN D 156 -11.57 2.46 -17.29
C GLN D 156 -10.65 2.14 -18.48
N LEU D 157 -11.19 1.50 -19.54
CA LEU D 157 -10.38 1.21 -20.76
C LEU D 157 -9.96 2.51 -21.44
N SER D 158 -10.92 3.43 -21.62
CA SER D 158 -10.73 4.71 -22.28
C SER D 158 -9.73 5.60 -21.58
N LEU D 159 -9.71 5.59 -20.24
CA LEU D 159 -8.73 6.33 -19.45
C LEU D 159 -7.32 5.81 -19.73
N ARG D 160 -7.16 4.49 -19.87
CA ARG D 160 -5.86 3.89 -20.17
C ARG D 160 -5.44 4.14 -21.64
N ILE D 161 -6.39 4.16 -22.55
CA ILE D 161 -6.10 4.44 -23.96
C ILE D 161 -5.74 5.91 -24.12
N LEU D 162 -6.40 6.80 -23.36
CA LEU D 162 -6.04 8.22 -23.34
C LEU D 162 -4.58 8.41 -22.89
N ASP D 163 -4.09 7.62 -21.91
CA ASP D 163 -2.67 7.71 -21.48
C ASP D 163 -1.75 7.36 -22.67
N ILE D 164 -2.07 6.24 -23.39
CA ILE D 164 -1.33 5.73 -24.55
C ILE D 164 -1.32 6.77 -25.68
N LEU D 165 -2.49 7.32 -26.02
CA LEU D 165 -2.59 8.33 -27.11
C LEU D 165 -1.81 9.58 -26.76
N GLU D 166 -1.93 10.08 -25.53
CA GLU D 166 -1.15 11.25 -25.17
C GLU D 166 0.34 10.98 -25.30
N TYR D 167 0.78 9.79 -24.87
CA TYR D 167 2.18 9.41 -24.99
C TYR D 167 2.63 9.41 -26.47
N ILE D 168 1.93 8.69 -27.33
CA ILE D 168 2.38 8.61 -28.74
C ILE D 168 2.24 9.98 -29.42
N HIS D 169 1.18 10.76 -29.10
CA HIS D 169 0.96 12.10 -29.68
C HIS D 169 2.11 13.06 -29.32
N GLU D 170 2.56 13.01 -28.06
CA GLU D 170 3.71 13.81 -27.58
C GLU D 170 5.03 13.35 -28.18
N HIS D 171 5.06 12.13 -28.73
CA HIS D 171 6.23 11.58 -29.40
C HIS D 171 6.05 11.62 -30.91
N GLU D 172 5.13 12.50 -31.40
CA GLU D 172 4.91 12.85 -32.81
C GLU D 172 4.20 11.82 -33.67
N TYR D 173 3.54 10.83 -33.05
CA TYR D 173 2.79 9.81 -33.82
C TYR D 173 1.31 9.76 -33.45
N VAL D 174 0.49 9.32 -34.40
CA VAL D 174 -0.91 8.97 -34.18
C VAL D 174 -1.01 7.49 -34.57
N HIS D 175 -1.96 6.76 -33.99
CA HIS D 175 -2.15 5.33 -34.24
C HIS D 175 -3.09 5.09 -35.46
N GLY D 176 -4.25 5.71 -35.43
CA GLY D 176 -5.20 5.65 -36.53
C GLY D 176 -6.05 4.41 -36.69
N ASP D 177 -5.83 3.41 -35.84
CA ASP D 177 -6.60 2.18 -35.92
C ASP D 177 -6.95 1.57 -34.58
N ILE D 178 -7.38 2.40 -33.63
CA ILE D 178 -7.75 1.87 -32.34
C ILE D 178 -9.03 1.05 -32.49
N LYS D 179 -9.02 -0.16 -31.94
CA LYS D 179 -10.20 -1.05 -31.96
C LYS D 179 -9.90 -2.18 -30.99
N ALA D 180 -10.94 -2.88 -30.54
CA ALA D 180 -10.82 -3.99 -29.57
C ALA D 180 -9.84 -5.08 -30.00
N SER D 181 -9.76 -5.43 -31.32
CA SER D 181 -8.79 -6.47 -31.75
C SER D 181 -7.32 -5.98 -31.69
N ASN D 182 -7.08 -4.65 -31.53
CA ASN D 182 -5.72 -4.08 -31.40
C ASN D 182 -5.41 -3.77 -29.92
N LEU D 183 -6.28 -4.22 -29.01
CA LEU D 183 -6.08 -3.99 -27.58
C LEU D 183 -5.90 -5.31 -26.92
N LEU D 184 -4.75 -5.53 -26.31
CA LEU D 184 -4.43 -6.81 -25.69
C LEU D 184 -4.16 -6.62 -24.20
N LEU D 185 -4.42 -7.66 -23.42
CA LEU D 185 -4.19 -7.60 -22.00
C LEU D 185 -2.80 -8.09 -21.68
N ASN D 186 -2.24 -7.65 -20.55
CA ASN D 186 -0.93 -8.10 -20.12
C ASN D 186 -1.07 -9.57 -19.76
N TYR D 187 -0.14 -10.39 -20.23
CA TYR D 187 -0.20 -11.83 -19.96
C TYR D 187 -0.33 -12.16 -18.47
N LYS D 188 0.35 -11.40 -17.62
CA LYS D 188 0.32 -11.63 -16.17
C LYS D 188 -0.56 -10.64 -15.35
N ASN D 189 -1.25 -9.67 -16.01
CA ASN D 189 -2.14 -8.72 -15.31
C ASN D 189 -3.39 -8.36 -16.16
N PRO D 190 -4.58 -8.90 -15.79
CA PRO D 190 -5.79 -8.63 -16.60
C PRO D 190 -6.37 -7.21 -16.53
N ASP D 191 -5.81 -6.35 -15.65
CA ASP D 191 -6.22 -4.94 -15.51
C ASP D 191 -5.34 -3.99 -16.32
N GLN D 192 -4.39 -4.55 -17.10
CA GLN D 192 -3.47 -3.72 -17.90
C GLN D 192 -3.66 -3.97 -19.38
N VAL D 193 -4.14 -2.95 -20.07
CA VAL D 193 -4.44 -3.03 -21.49
C VAL D 193 -3.39 -2.29 -22.29
N TYR D 194 -2.94 -2.91 -23.38
CA TYR D 194 -1.93 -2.41 -24.30
C TYR D 194 -2.53 -2.18 -25.69
N LEU D 195 -2.07 -1.10 -26.38
CA LEU D 195 -2.49 -0.84 -27.76
C LEU D 195 -1.36 -1.35 -28.67
N VAL D 196 -1.67 -2.26 -29.60
CA VAL D 196 -0.68 -2.84 -30.51
C VAL D 196 -0.94 -2.43 -31.95
N ASP D 197 -0.06 -2.90 -32.83
CA ASP D 197 -0.08 -2.69 -34.28
C ASP D 197 0.08 -1.24 -34.72
N TYR D 198 1.32 -0.82 -34.89
CA TYR D 198 1.66 0.53 -35.32
C TYR D 198 2.07 0.54 -36.79
N GLY D 199 1.56 -0.45 -37.54
CA GLY D 199 1.82 -0.66 -38.96
C GLY D 199 1.36 0.49 -39.83
N LEU D 200 0.21 1.06 -39.49
CA LEU D 200 -0.35 2.23 -40.17
C LEU D 200 -0.22 3.51 -39.29
N ALA D 201 0.71 3.53 -38.29
CA ALA D 201 0.90 4.72 -37.45
C ALA D 201 1.50 5.83 -38.32
N TYR D 202 1.19 7.07 -38.03
CA TYR D 202 1.66 8.14 -38.88
C TYR D 202 2.42 9.18 -38.07
N ARG D 203 3.62 9.59 -38.53
CA ARG D 203 4.38 10.64 -37.85
C ARG D 203 3.81 11.96 -38.31
N TYR D 204 2.77 12.40 -37.62
CA TYR D 204 2.04 13.62 -37.91
C TYR D 204 2.79 14.93 -37.65
N CYS D 205 3.75 14.89 -36.74
CA CYS D 205 4.47 16.09 -36.35
C CYS D 205 5.98 15.91 -36.34
N PRO D 206 6.58 15.72 -37.53
CA PRO D 206 8.04 15.53 -37.47
C PRO D 206 8.75 16.79 -36.98
N GLU D 207 9.61 16.61 -35.99
CA GLU D 207 10.38 17.69 -35.38
C GLU D 207 9.50 18.86 -34.91
N GLY D 208 8.29 18.55 -34.51
CA GLY D 208 7.39 19.57 -34.00
C GLY D 208 6.66 20.39 -35.03
N VAL D 209 6.77 20.04 -36.33
CA VAL D 209 6.06 20.72 -37.41
C VAL D 209 4.88 19.85 -37.85
N HIS D 210 3.65 20.33 -37.57
CA HIS D 210 2.45 19.58 -37.91
C HIS D 210 2.23 19.46 -39.43
N LYS D 211 1.84 18.25 -39.87
CA LYS D 211 1.44 17.98 -41.27
C LYS D 211 0.29 18.93 -41.64
N ALA D 212 0.40 19.60 -42.78
CA ALA D 212 -0.63 20.53 -43.26
C ALA D 212 -1.82 19.73 -43.76
N TYR D 213 -3.04 20.27 -43.54
CA TYR D 213 -4.27 19.64 -43.98
C TYR D 213 -4.30 19.56 -45.49
N ALA D 214 -4.58 18.38 -46.04
CA ALA D 214 -4.71 18.18 -47.51
C ALA D 214 -5.41 16.85 -47.74
N ALA D 215 -6.39 16.86 -48.60
CA ALA D 215 -7.14 15.65 -48.95
C ALA D 215 -6.38 14.99 -50.12
N ASP D 216 -5.94 13.74 -49.93
CA ASP D 216 -5.19 12.99 -50.93
C ASP D 216 -6.05 11.80 -51.34
N PRO D 217 -6.46 11.68 -52.63
CA PRO D 217 -7.31 10.53 -53.04
C PRO D 217 -6.79 9.13 -52.67
N LYS D 218 -5.46 8.90 -52.63
CA LYS D 218 -4.95 7.57 -52.28
C LYS D 218 -5.06 7.23 -50.79
N ARG D 219 -5.32 8.24 -49.92
CA ARG D 219 -5.50 8.01 -48.48
C ARG D 219 -6.98 7.75 -48.11
N CYS D 220 -7.94 8.05 -49.01
CA CYS D 220 -9.38 7.94 -48.70
C CYS D 220 -9.79 6.62 -48.09
N HIS D 221 -10.46 6.71 -46.93
CA HIS D 221 -11.00 5.58 -46.17
C HIS D 221 -9.93 4.67 -45.54
N ASP D 222 -8.72 5.20 -45.23
CA ASP D 222 -7.71 4.41 -44.52
C ASP D 222 -8.24 4.13 -43.08
N GLY D 223 -7.70 3.11 -42.42
CA GLY D 223 -8.10 2.65 -41.11
C GLY D 223 -9.16 1.58 -41.24
N THR D 224 -9.86 1.24 -40.16
CA THR D 224 -10.94 0.26 -40.12
C THR D 224 -12.21 1.04 -40.37
N ILE D 225 -12.90 0.77 -41.50
CA ILE D 225 -14.05 1.55 -41.96
C ILE D 225 -15.08 1.92 -40.88
N GLU D 226 -15.55 0.97 -40.03
CA GLU D 226 -16.57 1.35 -39.04
C GLU D 226 -16.06 2.30 -37.97
N PHE D 227 -14.74 2.34 -37.69
CA PHE D 227 -14.24 3.21 -36.64
C PHE D 227 -13.39 4.38 -37.09
N THR D 228 -12.96 4.41 -38.37
CA THR D 228 -12.03 5.44 -38.82
C THR D 228 -12.61 6.85 -38.72
N SER D 229 -11.73 7.84 -38.67
CA SER D 229 -12.09 9.25 -38.56
C SER D 229 -12.63 9.81 -39.85
N ILE D 230 -13.40 10.90 -39.75
CA ILE D 230 -13.91 11.64 -40.92
C ILE D 230 -12.71 12.12 -41.76
N ASP D 231 -11.62 12.59 -41.08
CA ASP D 231 -10.39 13.02 -41.80
C ASP D 231 -9.89 11.91 -42.69
N ALA D 232 -9.77 10.67 -42.15
CA ALA D 232 -9.32 9.50 -42.94
C ALA D 232 -10.28 9.18 -44.10
N HIS D 233 -11.61 9.27 -43.87
CA HIS D 233 -12.58 9.08 -44.95
C HIS D 233 -12.36 10.09 -46.07
N ASN D 234 -11.94 11.33 -45.70
CA ASN D 234 -11.70 12.44 -46.62
C ASN D 234 -10.35 12.35 -47.30
N GLY D 235 -9.53 11.38 -46.89
CA GLY D 235 -8.20 11.16 -47.48
C GLY D 235 -7.16 12.11 -46.92
N VAL D 236 -7.40 12.59 -45.72
CA VAL D 236 -6.52 13.51 -45.01
C VAL D 236 -5.65 12.65 -44.11
N ALA D 237 -4.35 12.98 -44.02
CA ALA D 237 -3.42 12.22 -43.18
C ALA D 237 -3.94 12.27 -41.72
N PRO D 238 -3.83 11.16 -40.99
CA PRO D 238 -4.38 11.16 -39.63
C PRO D 238 -3.69 12.12 -38.66
N SER D 239 -4.49 12.70 -37.77
CA SER D 239 -4.02 13.65 -36.76
C SER D 239 -4.56 13.28 -35.38
N ARG D 240 -4.20 14.06 -34.37
CA ARG D 240 -4.62 13.74 -33.02
C ARG D 240 -6.14 13.68 -32.84
N ARG D 241 -6.87 14.62 -33.41
CA ARG D 241 -8.34 14.58 -33.27
C ARG D 241 -8.97 13.28 -33.83
N GLY D 242 -8.37 12.75 -34.90
CA GLY D 242 -8.79 11.50 -35.53
C GLY D 242 -8.70 10.34 -34.57
N ASP D 243 -7.56 10.23 -33.82
CA ASP D 243 -7.40 9.16 -32.81
C ASP D 243 -8.47 9.23 -31.72
N LEU D 244 -8.78 10.46 -31.29
CA LEU D 244 -9.81 10.64 -30.23
C LEU D 244 -11.20 10.38 -30.76
N GLU D 245 -11.45 10.70 -32.03
CA GLU D 245 -12.76 10.42 -32.65
C GLU D 245 -12.95 8.91 -32.79
N ILE D 246 -11.88 8.19 -33.23
CA ILE D 246 -11.93 6.71 -33.35
C ILE D 246 -12.26 6.06 -31.96
N LEU D 247 -11.58 6.54 -30.91
CA LEU D 247 -11.83 6.06 -29.53
C LEU D 247 -13.32 6.34 -29.13
N GLY D 248 -13.86 7.50 -29.54
CA GLY D 248 -15.26 7.83 -29.32
C GLY D 248 -16.19 6.79 -29.97
N TYR D 249 -15.90 6.39 -31.23
CA TYR D 249 -16.69 5.36 -31.92
C TYR D 249 -16.58 4.00 -31.23
N CYS D 250 -15.37 3.62 -30.79
CA CYS D 250 -15.11 2.40 -30.03
C CYS D 250 -15.96 2.38 -28.76
N MET D 251 -15.98 3.50 -27.98
CA MET D 251 -16.75 3.57 -26.73
C MET D 251 -18.23 3.32 -26.96
N ILE D 252 -18.80 3.89 -28.03
CA ILE D 252 -20.20 3.67 -28.36
C ILE D 252 -20.45 2.22 -28.74
N GLN D 253 -19.58 1.65 -29.59
CA GLN D 253 -19.68 0.26 -30.02
C GLN D 253 -19.61 -0.69 -28.81
N TRP D 254 -18.72 -0.41 -27.86
CA TRP D 254 -18.54 -1.24 -26.66
C TRP D 254 -19.73 -1.14 -25.73
N LEU D 255 -20.28 0.08 -25.55
CA LEU D 255 -21.42 0.27 -24.65
C LEU D 255 -22.76 -0.29 -25.18
N THR D 256 -22.95 -0.25 -26.51
CA THR D 256 -24.24 -0.58 -27.15
C THR D 256 -24.26 -1.81 -28.05
N GLY D 257 -23.09 -2.28 -28.46
CA GLY D 257 -22.97 -3.40 -29.39
C GLY D 257 -23.09 -3.01 -30.84
N HIS D 258 -23.32 -1.71 -31.14
CA HIS D 258 -23.57 -1.25 -32.51
C HIS D 258 -23.07 0.14 -32.77
N LEU D 259 -23.03 0.51 -34.06
CA LEU D 259 -22.77 1.84 -34.55
C LEU D 259 -23.83 2.11 -35.61
N PRO D 260 -24.28 3.37 -35.81
CA PRO D 260 -25.39 3.62 -36.75
C PRO D 260 -25.19 3.20 -38.21
N TRP D 261 -23.92 3.22 -38.70
CA TRP D 261 -23.53 2.96 -40.10
C TRP D 261 -23.09 1.52 -40.39
N GLU D 262 -23.21 0.64 -39.40
CA GLU D 262 -22.74 -0.74 -39.48
C GLU D 262 -23.48 -1.62 -40.50
N ASP D 263 -24.64 -1.20 -40.98
CA ASP D 263 -25.38 -1.99 -41.95
C ASP D 263 -24.96 -1.71 -43.40
N ASN D 264 -24.14 -0.69 -43.60
CA ASN D 264 -23.71 -0.31 -44.94
C ASN D 264 -22.20 -0.06 -45.05
N LEU D 265 -21.42 -0.94 -44.44
CA LEU D 265 -19.96 -0.82 -44.44
C LEU D 265 -19.30 -0.96 -45.80
N LYS D 266 -19.94 -1.64 -46.73
CA LYS D 266 -19.42 -1.84 -48.08
C LYS D 266 -19.64 -0.58 -48.96
N ASP D 267 -20.20 0.49 -48.37
CA ASP D 267 -20.45 1.78 -49.03
C ASP D 267 -19.68 2.86 -48.23
N PRO D 268 -18.38 3.09 -48.54
CA PRO D 268 -17.59 4.03 -47.73
C PRO D 268 -18.09 5.49 -47.73
N LYS D 269 -18.73 5.95 -48.83
CA LYS D 269 -19.32 7.30 -48.88
C LYS D 269 -20.48 7.40 -47.88
N TYR D 270 -21.33 6.36 -47.76
CA TYR D 270 -22.43 6.33 -46.78
C TYR D 270 -21.87 6.44 -45.34
N VAL D 271 -20.84 5.63 -45.01
CA VAL D 271 -20.20 5.62 -43.70
C VAL D 271 -19.67 7.04 -43.35
N ARG D 272 -18.96 7.65 -44.31
CA ARG D 272 -18.40 9.00 -44.17
C ARG D 272 -19.54 10.01 -43.92
N ASP D 273 -20.57 10.04 -44.81
CA ASP D 273 -21.71 10.95 -44.73
C ASP D 273 -22.50 10.77 -43.43
N SER D 274 -22.68 9.53 -43.00
CA SER D 274 -23.32 9.22 -41.73
C SER D 274 -22.49 9.76 -40.54
N LYS D 275 -21.15 9.58 -40.53
CA LYS D 275 -20.34 10.14 -39.44
C LYS D 275 -20.39 11.66 -39.45
N ILE D 276 -20.39 12.26 -40.64
CA ILE D 276 -20.45 13.72 -40.81
C ILE D 276 -21.78 14.27 -40.22
N ARG D 277 -22.91 13.61 -40.57
CA ARG D 277 -24.24 13.99 -40.11
C ARG D 277 -24.30 13.88 -38.57
N TYR D 278 -23.67 12.83 -38.01
CA TYR D 278 -23.68 12.59 -36.57
C TYR D 278 -22.70 13.46 -35.79
N ARG D 279 -21.74 14.07 -36.49
CA ARG D 279 -20.81 14.98 -35.86
C ARG D 279 -21.52 16.32 -35.79
N GLU D 280 -22.27 16.63 -36.84
CA GLU D 280 -23.03 17.87 -36.91
C GLU D 280 -24.11 17.94 -35.83
N ASN D 281 -24.71 16.79 -35.52
CA ASN D 281 -25.73 16.70 -34.50
C ASN D 281 -25.43 15.56 -33.54
N ILE D 282 -24.66 15.85 -32.49
CA ILE D 282 -24.26 14.86 -31.49
C ILE D 282 -25.49 14.38 -30.67
N ALA D 283 -26.45 15.27 -30.43
CA ALA D 283 -27.69 14.91 -29.72
C ALA D 283 -28.44 13.83 -30.52
N SER D 284 -28.37 13.89 -31.89
CA SER D 284 -29.04 12.88 -32.72
C SER D 284 -28.28 11.55 -32.66
N LEU D 285 -26.94 11.60 -32.50
CA LEU D 285 -26.11 10.40 -32.34
C LEU D 285 -26.48 9.70 -31.04
N MET D 286 -26.61 10.48 -29.96
CA MET D 286 -26.97 9.98 -28.62
C MET D 286 -28.37 9.38 -28.65
N ASP D 287 -29.31 10.02 -29.41
CA ASP D 287 -30.66 9.51 -29.54
C ASP D 287 -30.68 8.20 -30.34
N LYS D 288 -29.88 8.11 -31.40
CA LYS D 288 -29.80 6.92 -32.25
C LYS D 288 -29.19 5.70 -31.50
N CYS D 289 -28.09 5.92 -30.77
CA CYS D 289 -27.33 4.88 -30.08
C CYS D 289 -27.83 4.49 -28.70
N PHE D 290 -28.43 5.42 -27.98
CA PHE D 290 -28.85 5.13 -26.63
C PHE D 290 -30.34 5.40 -26.41
N PRO D 291 -31.00 4.64 -25.51
CA PRO D 291 -32.39 4.98 -25.15
C PRO D 291 -32.38 6.35 -24.46
N ALA D 292 -33.50 7.10 -24.56
CA ALA D 292 -33.66 8.42 -23.95
C ALA D 292 -33.40 8.41 -22.42
N ALA D 293 -33.81 7.32 -21.78
CA ALA D 293 -33.64 7.07 -20.34
C ALA D 293 -32.20 6.88 -19.87
N ASN D 294 -31.38 6.21 -20.67
CA ASN D 294 -30.01 5.95 -20.26
C ASN D 294 -28.94 6.31 -21.28
N ALA D 295 -28.72 7.60 -21.48
CA ALA D 295 -27.69 8.03 -22.39
C ALA D 295 -26.61 8.62 -21.49
N PRO D 296 -25.41 8.02 -21.52
CA PRO D 296 -24.34 8.52 -20.63
C PRO D 296 -23.82 9.89 -21.08
N GLY D 297 -24.02 10.88 -20.21
CA GLY D 297 -23.64 12.28 -20.43
C GLY D 297 -22.17 12.49 -20.82
N GLU D 298 -21.26 11.69 -20.26
CA GLU D 298 -19.82 11.77 -20.55
C GLU D 298 -19.47 11.43 -22.00
N ILE D 299 -20.23 10.51 -22.64
CA ILE D 299 -19.98 10.16 -24.04
C ILE D 299 -20.33 11.38 -24.91
N ALA D 300 -21.49 12.03 -24.61
CA ALA D 300 -21.92 13.22 -25.36
C ALA D 300 -20.87 14.33 -25.22
N LYS D 301 -20.44 14.63 -23.98
CA LYS D 301 -19.40 15.62 -23.67
C LYS D 301 -18.10 15.29 -24.37
N TYR D 302 -17.69 14.01 -24.35
CA TYR D 302 -16.46 13.55 -24.98
C TYR D 302 -16.55 13.85 -26.49
N MET D 303 -17.68 13.48 -27.13
CA MET D 303 -17.87 13.68 -28.57
C MET D 303 -17.94 15.16 -28.94
N GLU D 304 -18.54 16.01 -28.08
CA GLU D 304 -18.63 17.47 -28.29
C GLU D 304 -17.25 18.13 -28.20
N THR D 305 -16.44 17.70 -27.24
CA THR D 305 -15.06 18.19 -27.07
C THR D 305 -14.16 17.83 -28.27
N VAL D 306 -14.21 16.57 -28.74
CA VAL D 306 -13.45 16.14 -29.93
C VAL D 306 -13.90 16.90 -31.17
N LYS D 307 -15.23 17.19 -31.27
CA LYS D 307 -15.84 17.95 -32.37
C LYS D 307 -15.19 19.35 -32.52
N LEU D 308 -14.89 19.99 -31.39
CA LEU D 308 -14.29 21.32 -31.31
C LEU D 308 -12.81 21.33 -31.77
N LEU D 309 -12.15 20.18 -31.81
CA LEU D 309 -10.74 20.15 -32.19
C LEU D 309 -10.48 20.49 -33.66
N ASP D 310 -9.54 21.41 -33.92
CA ASP D 310 -9.08 21.72 -35.27
C ASP D 310 -8.10 20.60 -35.66
N TYR D 311 -7.85 20.45 -36.96
CA TYR D 311 -6.98 19.41 -37.49
C TYR D 311 -5.60 19.38 -36.83
N THR D 312 -4.99 20.54 -36.61
CA THR D 312 -3.62 20.62 -36.01
C THR D 312 -3.62 20.85 -34.51
N GLU D 313 -4.82 21.01 -33.92
CA GLU D 313 -4.99 21.33 -32.53
C GLU D 313 -4.52 20.27 -31.56
N LYS D 314 -3.78 20.72 -30.54
CA LYS D 314 -3.34 19.85 -29.45
C LYS D 314 -4.56 19.64 -28.54
N PRO D 315 -4.97 18.38 -28.31
CA PRO D 315 -6.07 18.15 -27.36
C PRO D 315 -5.76 18.53 -25.92
N LEU D 316 -6.80 18.94 -25.18
CA LEU D 316 -6.64 19.20 -23.74
C LEU D 316 -7.00 17.86 -23.08
N TYR D 317 -5.99 16.96 -23.02
CA TYR D 317 -6.11 15.59 -22.50
C TYR D 317 -6.67 15.50 -21.10
N GLU D 318 -6.32 16.44 -20.24
CA GLU D 318 -6.81 16.49 -18.87
C GLU D 318 -8.32 16.72 -18.84
N ASN D 319 -8.80 17.58 -19.72
CA ASN D 319 -10.22 17.89 -19.83
C ASN D 319 -10.98 16.64 -20.25
N LEU D 320 -10.41 15.86 -21.17
CA LEU D 320 -11.02 14.63 -21.64
C LEU D 320 -11.06 13.62 -20.51
N ARG D 321 -9.96 13.50 -19.79
CA ARG D 321 -9.86 12.61 -18.63
C ARG D 321 -10.91 12.95 -17.62
N ASP D 322 -11.04 14.25 -17.29
CA ASP D 322 -12.02 14.78 -16.33
C ASP D 322 -13.46 14.46 -16.78
N ILE D 323 -13.74 14.50 -18.08
CA ILE D 323 -15.06 14.12 -18.61
C ILE D 323 -15.36 12.63 -18.29
N LEU D 324 -14.39 11.72 -18.56
CA LEU D 324 -14.53 10.29 -18.27
C LEU D 324 -14.57 10.03 -16.78
N LEU D 325 -13.81 10.82 -16.00
CA LEU D 325 -13.81 10.68 -14.54
C LEU D 325 -15.16 11.05 -13.96
N GLN D 326 -15.85 12.06 -14.54
CA GLN D 326 -17.19 12.47 -14.10
C GLN D 326 -18.21 11.34 -14.41
N GLY D 327 -17.96 10.58 -15.48
CA GLY D 327 -18.75 9.42 -15.87
C GLY D 327 -18.68 8.33 -14.81
N LEU D 328 -17.46 8.07 -14.27
CA LEU D 328 -17.27 7.08 -13.17
C LEU D 328 -17.93 7.59 -11.90
N LYS D 329 -17.84 8.91 -11.64
CA LYS D 329 -18.48 9.51 -10.45
C LYS D 329 -20.02 9.36 -10.50
N ALA D 330 -20.57 9.53 -11.72
CA ALA D 330 -22.00 9.39 -12.02
C ALA D 330 -22.53 8.00 -11.79
N ILE D 331 -21.68 6.96 -11.91
CA ILE D 331 -22.11 5.57 -11.68
C ILE D 331 -21.74 5.07 -10.27
N GLY D 332 -21.31 6.00 -9.42
CA GLY D 332 -20.86 5.64 -8.08
C GLY D 332 -19.55 4.89 -8.00
N SER D 333 -18.64 5.19 -8.93
CA SER D 333 -17.32 4.55 -8.99
C SER D 333 -16.18 5.55 -9.09
N LYS D 334 -14.94 5.04 -9.03
CA LYS D 334 -13.75 5.88 -9.12
C LYS D 334 -12.66 5.22 -9.97
N ASP D 335 -11.68 6.00 -10.43
CA ASP D 335 -10.59 5.40 -11.22
C ASP D 335 -9.66 4.57 -10.30
N ASP D 336 -10.04 3.31 -10.08
CA ASP D 336 -9.29 2.37 -9.25
C ASP D 336 -8.43 1.41 -10.10
N GLY D 337 -8.46 1.61 -11.41
CA GLY D 337 -7.73 0.79 -12.37
C GLY D 337 -8.31 -0.59 -12.61
N LYS D 338 -9.54 -0.85 -12.10
CA LYS D 338 -10.23 -2.13 -12.27
C LYS D 338 -10.99 -2.16 -13.59
N LEU D 339 -10.50 -2.95 -14.57
CA LEU D 339 -11.16 -3.05 -15.89
C LEU D 339 -12.48 -3.84 -15.83
N ASP D 340 -12.66 -4.72 -14.83
CA ASP D 340 -13.85 -5.57 -14.59
C ASP D 340 -14.30 -6.35 -15.83
N LEU D 341 -13.33 -6.97 -16.54
CA LEU D 341 -13.60 -7.73 -17.77
C LEU D 341 -14.15 -9.13 -17.51
C18 7DZ E . -38.62 -28.70 11.47
C16 7DZ E . -34.91 -19.88 9.65
C17 7DZ E . -35.50 -21.02 9.17
C15 7DZ E . -35.02 -19.49 10.97
C14 7DZ E . -35.75 -20.30 11.82
N1 7DZ E . -37.68 -25.07 9.53
C13 7DZ E . -36.35 -21.45 11.39
C12 7DZ E . -36.22 -21.81 10.06
C11 7DZ E . -34.87 -23.05 16.09
C9 7DZ E . -34.14 -23.34 14.80
C10 7DZ E . -33.92 -22.05 14.03
C8 7DZ E . -34.89 -24.36 13.95
C7 7DZ E . -36.35 -24.46 14.37
C6 7DZ E . -37.38 -25.23 12.25
C5 7DZ E . -37.18 -24.09 10.29
C4 7DZ E . -38.06 -26.17 10.16
O1 7DZ E . -34.45 -18.36 11.43
C3 7DZ E . -37.92 -26.32 11.55
C2 7DZ E . -38.38 -27.56 13.60
C1 7DZ E . -38.10 -26.27 14.35
N2 7DZ E . -37.01 -24.10 11.64
F1 7DZ E . -35.88 -19.93 13.11
F 7DZ E . -34.21 -19.11 8.80
N4 7DZ E . -36.82 -22.99 9.59
N 7DZ E . -38.31 -27.49 12.24
O 7DZ E . -38.68 -28.59 14.15
N3 7DZ E . -37.26 -25.31 13.62
C 7DZ E . -39.39 -25.64 14.84
P PO4 F . -18.66 -41.47 23.58
O1 PO4 F . -19.28 -40.65 22.50
O2 PO4 F . -17.16 -41.43 23.48
O3 PO4 F . -19.12 -42.89 23.45
O4 PO4 F . -19.12 -40.95 24.91
P PO4 G . -57.20 -8.27 17.49
O1 PO4 G . -57.39 -9.16 16.29
O2 PO4 G . -58.48 -7.54 17.79
O3 PO4 G . -56.14 -7.25 17.20
O4 PO4 G . -56.81 -9.10 18.67
P PO4 H . 20.80 24.16 -21.56
O1 PO4 H . 19.51 23.41 -21.60
O2 PO4 H . 21.53 23.88 -22.82
O3 PO4 H . 20.57 25.63 -21.42
O4 PO4 H . 21.60 23.66 -20.42
C18 7DZ I . 11.56 40.21 9.47
C16 7DZ I . 15.92 48.17 5.80
C17 7DZ I . 16.07 46.94 6.39
C15 7DZ I . 14.74 48.86 5.87
C14 7DZ I . 13.68 48.29 6.54
N1 7DZ I . 14.54 43.10 8.62
C13 7DZ I . 13.78 47.06 7.13
C12 7DZ I . 14.99 46.38 7.05
C11 7DZ I . 8.35 43.79 4.84
C9 7DZ I . 9.79 43.58 4.41
C10 7DZ I . 9.91 43.69 2.90
C8 7DZ I . 10.73 44.55 5.11
C7 7DZ I . 10.29 44.85 6.53
C6 7DZ I . 11.94 43.63 7.93
C5 7DZ I . 14.15 44.22 7.99
C4 7DZ I . 13.60 42.22 8.94
O1 7DZ I . 14.61 50.07 5.29
C3 7DZ I . 12.25 42.44 8.60
C2 7DZ I . 9.91 41.78 8.65
C1 7DZ I . 9.56 43.21 8.33
N2 7DZ I . 12.88 44.53 7.62
F1 7DZ I . 12.51 48.96 6.61
F 7DZ I . 16.97 48.72 5.14
N4 7DZ I . 15.11 45.12 7.67
N 7DZ I . 11.22 41.51 8.90
O 7DZ I . 9.07 40.90 8.68
N3 7DZ I . 10.64 43.90 7.58
C 7DZ I . 8.21 43.33 7.66
P PO4 J . 7.05 -26.83 7.52
O1 PO4 J . 6.61 -26.94 6.10
O2 PO4 J . 5.84 -26.86 8.41
O3 PO4 J . 7.76 -25.53 7.70
O4 PO4 J . 7.94 -27.97 7.87
C18 7DZ K . 32.51 -11.62 4.03
C16 7DZ K . 26.39 -18.93 6.43
C17 7DZ K . 26.77 -17.94 5.57
C15 7DZ K . 27.21 -19.37 7.45
C14 7DZ K . 28.46 -18.77 7.57
N1 7DZ K . 29.38 -14.46 3.97
C13 7DZ K . 28.87 -17.77 6.73
C12 7DZ K . 28.02 -17.36 5.71
C11 7DZ K . 30.41 -16.54 11.34
C9 7DZ K . 31.18 -16.82 10.05
C10 7DZ K . 32.55 -17.39 10.36
C8 7DZ K . 31.29 -15.56 9.20
C7 7DZ K . 32.12 -15.79 7.95
C6 7DZ K . 31.25 -14.61 5.97
C5 7DZ K . 29.38 -15.41 4.91
C4 7DZ K . 30.33 -13.54 4.03
O1 7DZ K . 26.83 -20.34 8.29
C3 7DZ K . 31.32 -13.57 5.03
C2 7DZ K . 33.21 -12.54 6.17
C1 7DZ K . 33.29 -13.75 7.08
N2 7DZ K . 30.28 -15.53 5.92
F1 7DZ K . 29.28 -19.18 8.57
F 7DZ K . 25.18 -19.50 6.29
N4 7DZ K . 28.40 -16.34 4.82
N 7DZ K . 32.35 -12.60 5.12
O 7DZ K . 33.90 -11.55 6.34
N3 7DZ K . 32.18 -14.70 6.97
C 7DZ K . 34.65 -14.43 6.99
P PO4 L . 14.87 -23.41 37.05
O1 PO4 L . 13.92 -22.73 36.12
O2 PO4 L . 15.38 -24.68 36.41
O3 PO4 L . 14.13 -23.72 38.33
O4 PO4 L . 16.03 -22.52 37.34
P PO4 M . 20.00 -36.03 14.86
O1 PO4 M . 18.50 -36.14 14.84
O2 PO4 M . 20.57 -36.71 13.66
O3 PO4 M . 20.40 -34.58 14.84
O4 PO4 M . 20.54 -36.66 16.11
P PO4 N . 21.49 -36.23 23.37
O1 PO4 N . 21.50 -36.20 21.86
O2 PO4 N . 20.11 -36.62 23.84
O3 PO4 N . 21.87 -34.87 23.89
O4 PO4 N . 22.50 -37.21 23.89
C1 PEG O . 18.77 -21.63 32.77
O1 PEG O . 19.31 -21.42 31.44
C2 PEG O . 18.18 -20.41 33.36
O2 PEG O . 16.88 -20.13 32.83
C3 PEG O . 16.81 -19.17 31.76
C4 PEG O . 17.25 -17.80 32.23
O4 PEG O . 16.34 -17.22 33.11
CL CL P . 34.00 1.33 27.47
P PO4 Q . -27.58 -7.17 -29.90
O1 PO4 Q . -28.04 -7.32 -31.31
O2 PO4 Q . -26.08 -7.18 -29.83
O3 PO4 Q . -28.12 -5.89 -29.35
O4 PO4 Q . -28.12 -8.31 -29.07
P PO4 R . 11.73 11.55 -24.51
O1 PO4 R . 12.00 11.55 -25.99
O2 PO4 R . 10.57 10.68 -24.17
O3 PO4 R . 11.44 12.95 -24.06
O4 PO4 R . 12.94 11.04 -23.80
C18 7DZ S . -2.16 -14.44 -27.30
C16 7DZ S . 2.80 -6.63 -30.44
C17 7DZ S . 2.70 -7.70 -29.58
C15 7DZ S . 2.10 -6.60 -31.63
C14 7DZ S . 1.31 -7.68 -31.95
N1 7DZ S . 0.96 -11.62 -27.87
C13 7DZ S . 1.20 -8.77 -31.13
C12 7DZ S . 1.91 -8.78 -29.94
C11 7DZ S . -3.11 -8.45 -32.66
C9 7DZ S . -2.18 -9.28 -33.51
C10 7DZ S . -2.88 -9.74 -34.78
C8 7DZ S . -1.62 -10.47 -32.74
C7 7DZ S . -2.43 -10.80 -31.51
C6 7DZ S . -1.02 -11.83 -29.77
C5 7DZ S . 0.86 -10.82 -28.95
C4 7DZ S . 0.03 -12.55 -27.74
O1 7DZ S . 2.20 -5.55 -32.46
C3 7DZ S . -1.01 -12.70 -28.67
C2 7DZ S . -2.87 -13.99 -29.57
C1 7DZ S . -2.68 -13.23 -30.87
N2 7DZ S . -0.09 -10.89 -29.92
F1 7DZ S . 0.62 -7.66 -33.12
F 7DZ S . 3.57 -5.59 -30.11
N4 7DZ S . 1.83 -9.88 -29.07
N 7DZ S . -2.02 -13.70 -28.55
O 7DZ S . -3.73 -14.83 -29.44
N3 7DZ S . -2.01 -11.94 -30.70
C 7DZ S . -2.01 -14.11 -31.92
P PO4 T . 9.39 8.40 -41.95
O1 PO4 T . 8.74 8.44 -43.31
O2 PO4 T . 9.40 7.00 -41.44
O3 PO4 T . 8.61 9.28 -41.01
O4 PO4 T . 10.80 8.89 -42.07
#